data_5W2M
#
_entry.id   5W2M
#
_cell.length_a   68.194
_cell.length_b   108.489
_cell.length_c   108.549
_cell.angle_alpha   79.600
_cell.angle_beta   71.800
_cell.angle_gamma   71.750
#
_symmetry.space_group_name_H-M   'P 1'
#
loop_
_entity.id
_entity.type
_entity.pdbx_description
1 polymer 'DNA dC->dU-editing enzyme APOBEC-3F'
2 polymer "DNA (5'-D(P*TP*TP*TP*TP*TP*TP*TP*TP*TP*T)-3')"
3 non-polymer 'ZINC ION'
#
loop_
_entity_poly.entity_id
_entity_poly.type
_entity_poly.pdbx_seq_one_letter_code
_entity_poly.pdbx_strand_id
1 'polypeptide(L)'
;NPMEAMYPHIFYFHFKNLRKAYGRNESWLCFTMEVVKHHSPVSWKRGVFRNQVDPETHCHAERCFLSWFCDDILSPNTNY
EVTWYTSWSPCPECAGEVAEFLARHSNVNLTIFTARLYYFWDTDYQEGLRSLSQEGASVEIMGYKDFKYCWENFVYNDDE
PFKPWKGLKYNFLFLDSKLQEILE
;
A,B,C,D,J,K,L,M
2 'polydeoxyribonucleotide' (DT)(DT)(DT)(DT)(DT)(DT)(DT)(DT)(DT)(DT) E,N
#
loop_
_chem_comp.id
_chem_comp.type
_chem_comp.name
_chem_comp.formula
DT DNA linking THYMIDINE-5'-MONOPHOSPHATE 'C10 H15 N2 O8 P'
ZN non-polymer 'ZINC ION' 'Zn 2'
#
# COMPACT_ATOMS: atom_id res chain seq x y z
N ASN A 1 -6.95 -30.78 -31.77
CA ASN A 1 -8.21 -31.54 -31.97
C ASN A 1 -7.95 -32.89 -32.62
N PRO A 2 -7.43 -33.87 -31.84
CA PRO A 2 -7.12 -33.73 -30.41
C PRO A 2 -5.64 -33.41 -30.12
N MET A 3 -5.34 -32.15 -29.77
CA MET A 3 -3.96 -31.79 -29.46
C MET A 3 -3.55 -32.45 -28.14
N GLU A 4 -2.25 -32.57 -27.89
CA GLU A 4 -1.78 -33.23 -26.68
C GLU A 4 -1.57 -32.40 -25.42
N ALA A 5 -1.44 -31.08 -25.55
CA ALA A 5 -1.25 -30.29 -24.35
C ALA A 5 -1.41 -28.78 -24.54
N MET A 6 -1.58 -28.09 -23.43
CA MET A 6 -1.76 -26.65 -23.42
C MET A 6 -0.50 -25.95 -22.95
N TYR A 7 -0.20 -24.80 -23.54
CA TYR A 7 0.97 -24.04 -23.13
C TYR A 7 0.68 -23.56 -21.71
N PRO A 8 1.74 -23.30 -20.92
CA PRO A 8 1.54 -22.84 -19.55
C PRO A 8 0.54 -21.68 -19.42
N HIS A 9 0.88 -20.55 -20.01
CA HIS A 9 0.04 -19.35 -19.96
C HIS A 9 -1.42 -19.55 -20.37
N ILE A 10 -1.67 -20.49 -21.26
CA ILE A 10 -3.02 -20.78 -21.76
C ILE A 10 -3.84 -21.46 -20.66
N PHE A 11 -3.19 -22.36 -19.95
CA PHE A 11 -3.82 -23.11 -18.86
C PHE A 11 -4.30 -22.17 -17.77
N TYR A 12 -3.36 -21.60 -17.01
CA TYR A 12 -3.70 -20.69 -15.92
C TYR A 12 -4.82 -19.72 -16.27
N PHE A 13 -4.99 -19.40 -17.55
CA PHE A 13 -6.03 -18.45 -17.93
C PHE A 13 -7.42 -19.04 -18.07
N HIS A 14 -7.61 -19.92 -19.04
CA HIS A 14 -8.92 -20.51 -19.25
C HIS A 14 -9.37 -21.49 -18.16
N PHE A 15 -8.54 -21.67 -17.14
CA PHE A 15 -8.88 -22.60 -16.06
C PHE A 15 -9.04 -21.98 -14.67
N LYS A 16 -8.86 -20.66 -14.56
CA LYS A 16 -9.01 -20.01 -13.25
C LYS A 16 -10.46 -20.04 -12.81
N ASN A 17 -10.75 -20.83 -11.78
CA ASN A 17 -12.10 -20.94 -11.26
C ASN A 17 -12.50 -19.69 -10.50
N LEU A 18 -12.93 -18.68 -11.26
CA LEU A 18 -13.35 -17.42 -10.66
C LEU A 18 -14.83 -17.26 -10.89
N ARG A 19 -15.44 -16.32 -10.18
CA ARG A 19 -16.86 -16.07 -10.34
C ARG A 19 -17.05 -15.02 -11.44
N LYS A 20 -16.23 -13.98 -11.38
CA LYS A 20 -16.29 -12.88 -12.35
C LYS A 20 -15.43 -13.13 -13.59
N ALA A 21 -14.78 -14.28 -13.63
CA ALA A 21 -13.90 -14.64 -14.75
C ALA A 21 -14.57 -14.37 -16.11
N TYR A 22 -14.35 -13.16 -16.62
CA TYR A 22 -14.92 -12.76 -17.89
C TYR A 22 -13.80 -12.78 -18.91
N GLY A 23 -14.05 -13.38 -20.07
CA GLY A 23 -13.03 -13.43 -21.10
C GLY A 23 -12.80 -14.81 -21.68
N ARG A 24 -13.53 -15.79 -21.16
CA ARG A 24 -13.42 -17.17 -21.63
C ARG A 24 -14.51 -17.45 -22.65
N ASN A 25 -14.22 -17.14 -23.91
CA ASN A 25 -15.17 -17.36 -25.00
C ASN A 25 -14.85 -18.69 -25.69
N GLU A 26 -14.49 -19.68 -24.88
CA GLU A 26 -14.14 -21.02 -25.37
C GLU A 26 -13.94 -21.97 -24.18
N SER A 27 -14.36 -23.22 -24.34
CA SER A 27 -14.18 -24.19 -23.27
C SER A 27 -13.10 -25.17 -23.66
N TRP A 28 -12.39 -25.67 -22.66
CA TRP A 28 -11.33 -26.62 -22.91
C TRP A 28 -11.64 -27.93 -22.22
N LEU A 29 -11.47 -29.03 -22.95
CA LEU A 29 -11.74 -30.35 -22.40
C LEU A 29 -10.47 -31.19 -22.42
N CYS A 30 -10.08 -31.67 -21.25
CA CYS A 30 -8.90 -32.51 -21.14
C CYS A 30 -9.39 -33.89 -20.76
N PHE A 31 -8.60 -34.93 -21.06
CA PHE A 31 -9.06 -36.27 -20.71
C PHE A 31 -8.01 -37.35 -20.76
N THR A 32 -8.27 -38.39 -19.97
CA THR A 32 -7.40 -39.55 -19.88
C THR A 32 -8.34 -40.74 -20.00
N MET A 33 -8.08 -41.58 -21.00
CA MET A 33 -8.89 -42.76 -21.24
C MET A 33 -8.20 -43.94 -20.58
N GLU A 34 -8.88 -45.09 -20.54
CA GLU A 34 -8.29 -46.29 -19.99
C GLU A 34 -9.01 -47.48 -20.59
N VAL A 35 -8.48 -47.93 -21.72
CA VAL A 35 -9.04 -49.04 -22.47
C VAL A 35 -8.66 -50.39 -21.88
N VAL A 36 -9.66 -51.26 -21.70
CA VAL A 36 -9.44 -52.59 -21.17
C VAL A 36 -10.21 -53.62 -22.01
N LYS A 37 -9.55 -54.16 -23.03
CA LYS A 37 -10.15 -55.15 -23.92
C LYS A 37 -10.20 -56.52 -23.26
N HIS A 38 -9.85 -56.53 -21.97
CA HIS A 38 -9.87 -57.73 -21.13
C HIS A 38 -8.76 -58.76 -21.36
N HIS A 39 -8.38 -58.97 -22.62
CA HIS A 39 -7.34 -59.94 -22.95
C HIS A 39 -6.11 -59.30 -23.60
N SER A 40 -5.69 -58.16 -23.05
CA SER A 40 -4.52 -57.43 -23.54
C SER A 40 -4.01 -56.46 -22.47
N PRO A 41 -2.89 -55.77 -22.76
CA PRO A 41 -2.36 -54.82 -21.79
C PRO A 41 -3.31 -53.62 -21.64
N VAL A 42 -3.43 -53.09 -20.43
CA VAL A 42 -4.29 -51.94 -20.21
C VAL A 42 -3.69 -50.68 -20.83
N SER A 43 -4.23 -50.26 -21.98
CA SER A 43 -3.72 -49.07 -22.68
C SER A 43 -4.48 -47.81 -22.26
N TRP A 44 -4.10 -46.66 -22.81
CA TRP A 44 -4.74 -45.38 -22.47
C TRP A 44 -4.92 -44.47 -23.69
N LYS A 45 -5.41 -43.25 -23.44
CA LYS A 45 -5.64 -42.25 -24.50
C LYS A 45 -5.76 -40.86 -23.90
N ARG A 46 -4.72 -40.05 -24.03
CA ARG A 46 -4.71 -38.68 -23.50
C ARG A 46 -5.24 -37.70 -24.52
N GLY A 47 -5.13 -36.41 -24.21
CA GLY A 47 -5.59 -35.39 -25.14
C GLY A 47 -6.29 -34.16 -24.55
N VAL A 48 -6.48 -33.17 -25.41
CA VAL A 48 -7.12 -31.90 -25.06
C VAL A 48 -7.97 -31.43 -26.25
N PHE A 49 -9.04 -30.71 -25.98
CA PHE A 49 -9.92 -30.22 -27.03
C PHE A 49 -10.32 -28.76 -26.86
N ARG A 50 -10.02 -27.95 -27.88
CA ARG A 50 -10.41 -26.56 -27.82
C ARG A 50 -11.81 -26.62 -28.43
N ASN A 51 -12.68 -25.67 -28.12
CA ASN A 51 -14.01 -25.71 -28.70
C ASN A 51 -13.95 -25.30 -30.18
N GLN A 52 -15.09 -24.88 -30.72
CA GLN A 52 -15.16 -24.45 -32.12
C GLN A 52 -16.01 -23.18 -32.31
N VAL A 53 -15.62 -22.37 -33.29
CA VAL A 53 -16.32 -21.13 -33.63
C VAL A 53 -15.96 -20.83 -35.10
N ASP A 54 -15.83 -21.90 -35.89
CA ASP A 54 -15.49 -21.79 -37.32
C ASP A 54 -16.66 -22.29 -38.19
N PRO A 55 -16.57 -22.10 -39.52
CA PRO A 55 -17.63 -22.53 -40.45
C PRO A 55 -18.30 -23.88 -40.15
N GLU A 56 -17.57 -24.97 -40.34
CA GLU A 56 -18.11 -26.31 -40.12
C GLU A 56 -18.05 -26.75 -38.66
N THR A 57 -19.09 -27.47 -38.23
CA THR A 57 -19.21 -27.99 -36.87
C THR A 57 -18.89 -27.02 -35.73
N HIS A 58 -19.91 -26.33 -35.24
CA HIS A 58 -19.77 -25.37 -34.14
C HIS A 58 -19.93 -26.13 -32.81
N CYS A 59 -19.18 -27.23 -32.68
CA CYS A 59 -19.22 -28.07 -31.48
C CYS A 59 -18.61 -27.36 -30.26
N HIS A 60 -19.27 -27.48 -29.12
CA HIS A 60 -18.79 -26.82 -27.89
C HIS A 60 -17.73 -27.62 -27.13
N ALA A 61 -16.71 -28.07 -27.85
CA ALA A 61 -15.60 -28.85 -27.24
C ALA A 61 -16.06 -30.21 -26.73
N GLU A 62 -17.20 -30.23 -26.05
CA GLU A 62 -17.75 -31.46 -25.51
C GLU A 62 -18.38 -32.26 -26.65
N ARG A 63 -18.98 -31.55 -27.60
CA ARG A 63 -19.62 -32.20 -28.75
C ARG A 63 -18.58 -32.81 -29.67
N CYS A 64 -17.40 -32.20 -29.73
CA CYS A 64 -16.34 -32.69 -30.61
C CYS A 64 -15.63 -33.94 -30.10
N PHE A 65 -15.69 -34.17 -28.79
CA PHE A 65 -15.06 -35.35 -28.19
C PHE A 65 -15.89 -36.59 -28.51
N LEU A 66 -17.21 -36.45 -28.54
CA LEU A 66 -18.10 -37.56 -28.84
C LEU A 66 -17.89 -38.04 -30.29
N SER A 67 -17.66 -37.09 -31.21
CA SER A 67 -17.44 -37.42 -32.61
C SER A 67 -16.11 -38.14 -32.81
N TRP A 68 -15.13 -37.72 -32.03
CA TRP A 68 -13.79 -38.29 -32.08
C TRP A 68 -13.73 -39.68 -31.44
N PHE A 69 -14.56 -39.88 -30.41
CA PHE A 69 -14.59 -41.14 -29.68
C PHE A 69 -15.62 -42.14 -30.22
N CYS A 70 -16.47 -41.67 -31.13
CA CYS A 70 -17.51 -42.53 -31.68
C CYS A 70 -17.05 -43.50 -32.77
N ASP A 71 -16.27 -43.00 -33.74
CA ASP A 71 -15.80 -43.84 -34.84
C ASP A 71 -14.30 -44.18 -34.84
N ASP A 72 -13.46 -43.25 -34.39
CA ASP A 72 -12.02 -43.47 -34.35
C ASP A 72 -11.65 -44.48 -33.26
N ILE A 73 -12.33 -44.39 -32.11
CA ILE A 73 -12.08 -45.31 -31.01
C ILE A 73 -13.39 -46.07 -30.75
N LEU A 74 -13.57 -46.54 -29.52
CA LEU A 74 -14.77 -47.28 -29.14
C LEU A 74 -14.85 -48.63 -29.84
N SER A 75 -14.23 -49.64 -29.24
CA SER A 75 -14.25 -50.99 -29.79
C SER A 75 -15.34 -51.78 -29.05
N PRO A 76 -16.38 -52.23 -29.78
CA PRO A 76 -17.48 -52.98 -29.17
C PRO A 76 -16.98 -54.08 -28.24
N ASN A 77 -17.51 -54.10 -27.03
CA ASN A 77 -17.14 -55.07 -26.00
C ASN A 77 -15.77 -54.76 -25.37
N THR A 78 -15.63 -53.54 -24.84
CA THR A 78 -14.40 -53.07 -24.20
C THR A 78 -14.72 -51.91 -23.24
N ASN A 79 -14.54 -52.14 -21.94
CA ASN A 79 -14.82 -51.10 -20.93
C ASN A 79 -13.90 -49.87 -21.05
N TYR A 80 -14.50 -48.69 -20.94
CA TYR A 80 -13.75 -47.44 -21.04
C TYR A 80 -13.84 -46.57 -19.77
N GLU A 81 -12.69 -46.13 -19.31
CA GLU A 81 -12.62 -45.29 -18.12
C GLU A 81 -12.26 -43.88 -18.55
N VAL A 82 -13.29 -43.07 -18.78
CA VAL A 82 -13.10 -41.69 -19.22
C VAL A 82 -13.13 -40.70 -18.07
N THR A 83 -12.19 -39.75 -18.11
CA THR A 83 -12.09 -38.71 -17.10
C THR A 83 -11.87 -37.37 -17.80
N TRP A 84 -12.84 -36.47 -17.66
CA TRP A 84 -12.72 -35.15 -18.28
C TRP A 84 -12.13 -34.13 -17.31
N TYR A 85 -11.90 -32.92 -17.82
CA TYR A 85 -11.36 -31.83 -17.03
C TYR A 85 -11.75 -30.52 -17.73
N THR A 86 -13.06 -30.36 -17.93
CA THR A 86 -13.62 -29.21 -18.60
C THR A 86 -13.47 -27.91 -17.80
N SER A 87 -13.06 -26.85 -18.48
CA SER A 87 -12.90 -25.55 -17.86
C SER A 87 -14.27 -24.92 -17.66
N TRP A 88 -15.07 -24.98 -18.73
CA TRP A 88 -16.42 -24.45 -18.73
C TRP A 88 -17.44 -25.58 -18.60
N SER A 89 -18.20 -25.58 -17.50
CA SER A 89 -19.21 -26.61 -17.25
C SER A 89 -19.99 -26.96 -18.53
N PRO A 90 -20.44 -28.22 -18.64
CA PRO A 90 -21.20 -28.68 -19.82
C PRO A 90 -22.42 -27.79 -20.13
N CYS A 91 -22.48 -27.29 -21.37
CA CYS A 91 -23.58 -26.44 -21.80
C CYS A 91 -24.92 -27.19 -21.81
N PRO A 92 -26.06 -26.47 -21.76
CA PRO A 92 -27.39 -27.06 -21.75
C PRO A 92 -27.63 -28.24 -22.67
N GLU A 93 -27.57 -27.98 -23.98
CA GLU A 93 -27.78 -29.00 -25.00
C GLU A 93 -26.67 -30.05 -25.06
N CYS A 94 -25.60 -29.81 -24.30
CA CYS A 94 -24.47 -30.73 -24.25
C CYS A 94 -24.58 -31.68 -23.06
N ALA A 95 -25.06 -31.17 -21.93
CA ALA A 95 -25.21 -31.97 -20.73
C ALA A 95 -26.16 -33.15 -21.02
N GLY A 96 -27.15 -32.90 -21.85
CA GLY A 96 -28.09 -33.94 -22.21
C GLY A 96 -27.57 -34.75 -23.39
N GLU A 97 -26.85 -34.07 -24.28
CA GLU A 97 -26.28 -34.72 -25.46
C GLU A 97 -25.26 -35.79 -25.04
N VAL A 98 -24.72 -35.66 -23.83
CA VAL A 98 -23.75 -36.61 -23.30
C VAL A 98 -24.44 -37.67 -22.45
N ALA A 99 -25.54 -37.29 -21.81
CA ALA A 99 -26.29 -38.23 -20.98
C ALA A 99 -26.93 -39.30 -21.86
N GLU A 100 -27.33 -38.91 -23.07
CA GLU A 100 -27.96 -39.83 -24.02
C GLU A 100 -26.89 -40.73 -24.64
N PHE A 101 -25.65 -40.23 -24.65
CA PHE A 101 -24.52 -40.97 -25.17
C PHE A 101 -24.19 -42.06 -24.14
N LEU A 102 -23.85 -41.64 -22.92
CA LEU A 102 -23.51 -42.54 -21.84
C LEU A 102 -24.58 -43.61 -21.68
N ALA A 103 -25.81 -43.25 -22.00
CA ALA A 103 -26.94 -44.17 -21.89
C ALA A 103 -26.75 -45.40 -22.75
N ARG A 104 -26.65 -45.21 -24.06
CA ARG A 104 -26.47 -46.31 -25.00
C ARG A 104 -25.14 -47.03 -24.89
N HIS A 105 -24.06 -46.28 -24.73
CA HIS A 105 -22.75 -46.91 -24.61
C HIS A 105 -22.49 -47.22 -23.13
N SER A 106 -23.10 -48.31 -22.67
CA SER A 106 -22.99 -48.75 -21.29
C SER A 106 -21.56 -49.08 -20.87
N ASN A 107 -20.79 -49.66 -21.79
CA ASN A 107 -19.41 -50.03 -21.50
C ASN A 107 -18.52 -48.82 -21.21
N VAL A 108 -19.11 -47.62 -21.34
CA VAL A 108 -18.38 -46.38 -21.10
C VAL A 108 -18.73 -45.76 -19.76
N ASN A 109 -17.74 -45.67 -18.88
CA ASN A 109 -17.93 -45.06 -17.56
C ASN A 109 -17.25 -43.69 -17.61
N LEU A 110 -17.91 -42.68 -17.05
CA LEU A 110 -17.36 -41.33 -17.06
C LEU A 110 -17.44 -40.63 -15.70
N THR A 111 -16.55 -39.65 -15.50
CA THR A 111 -16.49 -38.85 -14.28
C THR A 111 -15.90 -37.50 -14.68
N ILE A 112 -16.70 -36.44 -14.59
CA ILE A 112 -16.25 -35.11 -14.97
C ILE A 112 -15.79 -34.24 -13.81
N PHE A 113 -14.80 -33.40 -14.08
CA PHE A 113 -14.24 -32.45 -13.10
C PHE A 113 -14.20 -31.07 -13.76
N THR A 114 -15.17 -30.22 -13.44
CA THR A 114 -15.22 -28.90 -14.02
C THR A 114 -14.52 -27.85 -13.17
N ALA A 115 -14.04 -26.78 -13.80
CA ALA A 115 -13.37 -25.70 -13.11
C ALA A 115 -14.37 -24.64 -12.68
N ARG A 116 -15.21 -24.23 -13.63
CA ARG A 116 -16.24 -23.22 -13.39
C ARG A 116 -17.63 -23.71 -13.82
N LEU A 117 -18.67 -23.14 -13.24
CA LEU A 117 -20.04 -23.53 -13.58
C LEU A 117 -20.75 -22.46 -14.38
N TYR A 118 -21.28 -22.87 -15.53
CA TYR A 118 -22.00 -21.99 -16.45
C TYR A 118 -23.42 -21.60 -16.01
N TYR A 119 -23.57 -20.40 -15.45
CA TYR A 119 -24.86 -19.91 -15.01
C TYR A 119 -25.65 -21.01 -14.27
N PHE A 120 -25.32 -21.22 -13.00
CA PHE A 120 -25.97 -22.25 -12.20
C PHE A 120 -27.41 -21.95 -11.81
N TRP A 121 -27.86 -20.73 -12.06
CA TRP A 121 -29.23 -20.34 -11.73
C TRP A 121 -30.21 -20.95 -12.73
N ASP A 122 -29.77 -21.08 -13.98
CA ASP A 122 -30.60 -21.60 -15.06
C ASP A 122 -31.09 -23.03 -14.85
N THR A 123 -32.24 -23.33 -15.47
CA THR A 123 -32.85 -24.65 -15.38
C THR A 123 -32.22 -25.64 -16.36
N ASP A 124 -32.21 -25.29 -17.63
CA ASP A 124 -31.65 -26.14 -18.69
C ASP A 124 -30.26 -26.72 -18.38
N TYR A 125 -29.49 -26.04 -17.53
CA TYR A 125 -28.17 -26.55 -17.15
C TYR A 125 -28.37 -27.60 -16.07
N GLN A 126 -29.29 -27.32 -15.14
CA GLN A 126 -29.58 -28.24 -14.05
C GLN A 126 -30.24 -29.52 -14.54
N GLU A 127 -31.02 -29.41 -15.62
CA GLU A 127 -31.68 -30.57 -16.20
C GLU A 127 -30.61 -31.54 -16.67
N GLY A 128 -29.73 -31.06 -17.53
CA GLY A 128 -28.66 -31.89 -18.04
C GLY A 128 -27.68 -32.29 -16.97
N LEU A 129 -27.10 -31.30 -16.28
CA LEU A 129 -26.13 -31.57 -15.23
C LEU A 129 -26.66 -32.49 -14.13
N ARG A 130 -27.96 -32.79 -14.16
CA ARG A 130 -28.54 -33.67 -13.15
C ARG A 130 -28.66 -35.10 -13.69
N SER A 131 -29.41 -35.24 -14.78
CA SER A 131 -29.60 -36.55 -15.41
C SER A 131 -28.27 -37.13 -15.87
N LEU A 132 -27.24 -36.30 -15.86
CA LEU A 132 -25.90 -36.72 -16.29
C LEU A 132 -25.21 -37.55 -15.22
N SER A 133 -25.28 -37.11 -13.97
CA SER A 133 -24.66 -37.84 -12.88
C SER A 133 -25.64 -38.90 -12.40
N GLN A 134 -26.79 -38.95 -13.07
CA GLN A 134 -27.83 -39.91 -12.73
C GLN A 134 -27.71 -41.11 -13.67
N GLU A 135 -26.81 -40.98 -14.64
CA GLU A 135 -26.57 -42.03 -15.65
C GLU A 135 -25.53 -43.04 -15.15
N GLY A 136 -24.46 -42.51 -14.56
CA GLY A 136 -23.39 -43.36 -14.06
C GLY A 136 -22.15 -42.50 -14.02
N ALA A 137 -22.29 -41.29 -14.55
CA ALA A 137 -21.21 -40.33 -14.58
C ALA A 137 -21.15 -39.70 -13.20
N SER A 138 -20.33 -38.67 -13.04
CA SER A 138 -20.22 -37.98 -11.76
C SER A 138 -19.61 -36.60 -11.97
N VAL A 139 -20.42 -35.57 -11.78
CA VAL A 139 -19.96 -34.20 -11.96
C VAL A 139 -19.34 -33.67 -10.68
N GLU A 140 -18.15 -33.09 -10.78
CA GLU A 140 -17.46 -32.56 -9.61
C GLU A 140 -16.63 -31.31 -9.89
N ILE A 141 -16.44 -30.51 -8.84
CA ILE A 141 -15.68 -29.26 -8.95
C ILE A 141 -14.20 -29.49 -8.73
N MET A 142 -13.39 -28.88 -9.59
CA MET A 142 -11.95 -29.02 -9.49
C MET A 142 -11.40 -28.32 -8.26
N GLY A 143 -10.77 -29.10 -7.39
CA GLY A 143 -10.18 -28.54 -6.19
C GLY A 143 -8.69 -28.34 -6.46
N TYR A 144 -7.90 -28.12 -5.42
CA TYR A 144 -6.47 -27.93 -5.61
C TYR A 144 -5.83 -29.20 -6.16
N LYS A 145 -6.25 -30.35 -5.63
CA LYS A 145 -5.70 -31.65 -6.03
C LYS A 145 -5.84 -31.94 -7.52
N ASP A 146 -7.01 -31.65 -8.07
CA ASP A 146 -7.29 -31.88 -9.49
C ASP A 146 -6.52 -30.91 -10.41
N PHE A 147 -6.59 -29.62 -10.13
CA PHE A 147 -5.87 -28.62 -10.93
C PHE A 147 -4.41 -29.03 -11.04
N LYS A 148 -3.84 -29.44 -9.91
CA LYS A 148 -2.46 -29.88 -9.85
C LYS A 148 -2.24 -30.95 -10.91
N TYR A 149 -3.12 -31.95 -10.92
CA TYR A 149 -3.05 -33.05 -11.89
C TYR A 149 -2.84 -32.51 -13.31
N CYS A 150 -3.73 -31.63 -13.76
CA CYS A 150 -3.66 -31.04 -15.10
C CYS A 150 -2.33 -30.36 -15.41
N TRP A 151 -1.84 -29.56 -14.46
CA TRP A 151 -0.58 -28.84 -14.63
C TRP A 151 0.58 -29.81 -14.75
N GLU A 152 0.27 -31.10 -14.67
CA GLU A 152 1.30 -32.12 -14.76
C GLU A 152 1.15 -32.97 -16.00
N ASN A 153 -0.10 -33.25 -16.37
CA ASN A 153 -0.36 -34.13 -17.51
C ASN A 153 -0.95 -33.51 -18.76
N PHE A 154 -1.53 -32.33 -18.65
CA PHE A 154 -2.14 -31.71 -19.81
C PHE A 154 -1.53 -30.36 -20.21
N VAL A 155 -0.40 -30.00 -19.61
CA VAL A 155 0.25 -28.74 -19.92
C VAL A 155 1.77 -28.87 -20.13
N TYR A 156 2.33 -28.06 -21.01
CA TYR A 156 3.77 -28.07 -21.26
C TYR A 156 4.41 -27.23 -20.15
N ASN A 157 4.12 -27.61 -18.90
CA ASN A 157 4.63 -26.91 -17.72
C ASN A 157 6.14 -26.72 -17.70
N ASP A 158 6.83 -27.40 -18.61
CA ASP A 158 8.28 -27.31 -18.73
C ASP A 158 8.93 -27.62 -17.37
N ASP A 159 8.46 -28.67 -16.72
CA ASP A 159 9.00 -29.07 -15.43
C ASP A 159 9.02 -27.86 -14.49
N GLU A 160 7.84 -27.47 -14.03
CA GLU A 160 7.69 -26.32 -13.13
C GLU A 160 6.60 -26.56 -12.08
N PRO A 161 6.77 -25.97 -10.88
CA PRO A 161 5.78 -26.13 -9.80
C PRO A 161 4.44 -25.49 -10.15
N PHE A 162 3.38 -26.05 -9.60
CA PHE A 162 2.03 -25.56 -9.87
C PHE A 162 1.80 -24.08 -9.61
N LYS A 163 1.85 -23.67 -8.35
CA LYS A 163 1.61 -22.27 -7.98
C LYS A 163 0.16 -21.88 -8.27
N PRO A 164 -0.75 -22.11 -7.31
CA PRO A 164 -2.15 -21.77 -7.53
C PRO A 164 -2.38 -20.27 -7.74
N TRP A 165 -3.44 -19.75 -7.13
CA TRP A 165 -3.78 -18.35 -7.25
C TRP A 165 -4.77 -18.00 -6.17
N LYS A 166 -4.70 -16.77 -5.64
CA LYS A 166 -5.60 -16.36 -4.59
C LYS A 166 -7.05 -16.75 -4.90
N GLY A 167 -7.73 -17.28 -3.90
CA GLY A 167 -9.12 -17.67 -4.07
C GLY A 167 -9.38 -18.92 -4.88
N LEU A 168 -8.45 -19.88 -4.84
CA LEU A 168 -8.64 -21.12 -5.58
C LEU A 168 -9.51 -22.04 -4.72
N LYS A 169 -9.08 -22.24 -3.48
CA LYS A 169 -9.80 -23.09 -2.55
C LYS A 169 -11.14 -22.44 -2.17
N TYR A 170 -11.13 -21.12 -2.00
CA TYR A 170 -12.32 -20.35 -1.63
C TYR A 170 -13.38 -20.47 -2.73
N ASN A 171 -13.01 -20.12 -3.95
CA ASN A 171 -13.92 -20.23 -5.07
C ASN A 171 -14.34 -21.69 -5.22
N PHE A 172 -13.38 -22.59 -5.02
CA PHE A 172 -13.64 -24.02 -5.12
C PHE A 172 -14.80 -24.41 -4.21
N LEU A 173 -14.64 -24.18 -2.91
CA LEU A 173 -15.68 -24.53 -1.93
C LEU A 173 -17.05 -23.97 -2.30
N PHE A 174 -17.13 -22.66 -2.51
CA PHE A 174 -18.41 -22.02 -2.86
C PHE A 174 -19.04 -22.66 -4.11
N LEU A 175 -18.21 -23.02 -5.09
CA LEU A 175 -18.70 -23.64 -6.30
C LEU A 175 -19.23 -25.04 -6.00
N ASP A 176 -18.55 -25.75 -5.12
CA ASP A 176 -18.96 -27.10 -4.74
C ASP A 176 -20.33 -27.10 -4.09
N SER A 177 -20.52 -26.23 -3.10
CA SER A 177 -21.79 -26.14 -2.38
C SER A 177 -22.93 -25.71 -3.30
N LYS A 178 -22.61 -24.84 -4.27
CA LYS A 178 -23.62 -24.37 -5.22
C LYS A 178 -24.01 -25.49 -6.17
N LEU A 179 -23.11 -26.44 -6.35
CA LEU A 179 -23.36 -27.59 -7.21
C LEU A 179 -24.16 -28.63 -6.41
N GLN A 180 -23.67 -28.97 -5.22
CA GLN A 180 -24.33 -29.94 -4.35
C GLN A 180 -25.77 -29.56 -4.02
N GLU A 181 -26.09 -28.29 -4.22
CA GLU A 181 -27.43 -27.79 -3.97
C GLU A 181 -28.32 -28.31 -5.10
N ILE A 182 -27.85 -28.12 -6.33
CA ILE A 182 -28.57 -28.57 -7.51
C ILE A 182 -28.50 -30.09 -7.58
N LEU A 183 -27.29 -30.61 -7.76
CA LEU A 183 -27.05 -32.06 -7.84
C LEU A 183 -27.69 -32.73 -6.63
N GLU A 184 -28.88 -33.27 -6.82
CA GLU A 184 -29.62 -33.94 -5.74
C GLU A 184 -30.61 -34.95 -6.33
N ASN B 1 -7.82 6.46 43.63
CA ASN B 1 -7.64 5.44 44.70
C ASN B 1 -8.57 5.71 45.89
N PRO B 2 -9.86 5.38 45.75
CA PRO B 2 -10.45 4.77 44.54
C PRO B 2 -11.11 5.78 43.59
N MET B 3 -10.47 6.08 42.46
CA MET B 3 -11.05 7.02 41.50
C MET B 3 -12.22 6.34 40.80
N GLU B 4 -13.13 7.14 40.24
CA GLU B 4 -14.32 6.58 39.61
C GLU B 4 -14.23 6.17 38.14
N ALA B 5 -13.30 6.73 37.38
CA ALA B 5 -13.22 6.35 35.97
C ALA B 5 -11.91 6.72 35.27
N MET B 6 -11.71 6.08 34.13
CA MET B 6 -10.51 6.29 33.32
C MET B 6 -10.86 7.13 32.10
N TYR B 7 -9.96 8.01 31.72
CA TYR B 7 -10.18 8.83 30.53
C TYR B 7 -10.16 7.87 29.34
N PRO B 8 -10.83 8.23 28.24
CA PRO B 8 -10.87 7.36 27.05
C PRO B 8 -9.50 6.82 26.63
N HIS B 9 -8.60 7.73 26.25
CA HIS B 9 -7.28 7.34 25.79
C HIS B 9 -6.50 6.45 26.74
N ILE B 10 -6.74 6.60 28.05
CA ILE B 10 -6.05 5.81 29.07
C ILE B 10 -6.51 4.34 29.07
N PHE B 11 -7.79 4.16 28.77
CA PHE B 11 -8.40 2.84 28.72
C PHE B 11 -7.84 2.03 27.55
N TYR B 12 -8.14 2.47 26.34
CA TYR B 12 -7.68 1.78 25.13
C TYR B 12 -6.22 1.38 25.19
N PHE B 13 -5.42 2.10 25.98
CA PHE B 13 -4.00 1.78 26.05
C PHE B 13 -3.64 0.66 27.02
N HIS B 14 -3.89 0.88 28.31
CA HIS B 14 -3.54 -0.12 29.31
C HIS B 14 -4.44 -1.36 29.27
N PHE B 15 -5.44 -1.36 28.39
CA PHE B 15 -6.34 -2.51 28.31
C PHE B 15 -6.29 -3.31 27.02
N LYS B 16 -5.45 -2.93 26.07
CA LYS B 16 -5.35 -3.67 24.82
C LYS B 16 -4.74 -5.03 25.05
N ASN B 17 -5.56 -6.07 24.92
CA ASN B 17 -5.11 -7.43 25.13
C ASN B 17 -4.22 -7.90 23.98
N LEU B 18 -2.95 -7.50 24.05
CA LEU B 18 -1.97 -7.87 23.03
C LEU B 18 -0.96 -8.83 23.64
N ARG B 19 -0.17 -9.47 22.79
CA ARG B 19 0.84 -10.39 23.28
C ARG B 19 2.13 -9.61 23.48
N LYS B 20 2.46 -8.76 22.50
CA LYS B 20 3.67 -7.94 22.53
C LYS B 20 3.46 -6.59 23.24
N ALA B 21 2.25 -6.35 23.73
CA ALA B 21 1.92 -5.10 24.41
C ALA B 21 2.98 -4.70 25.43
N TYR B 22 3.97 -3.95 24.97
CA TYR B 22 5.06 -3.50 25.83
C TYR B 22 4.81 -2.03 26.16
N GLY B 23 4.88 -1.68 27.44
CA GLY B 23 4.67 -0.30 27.82
C GLY B 23 3.73 -0.12 28.99
N ARG B 24 3.18 -1.23 29.49
CA ARG B 24 2.27 -1.21 30.61
C ARG B 24 3.01 -1.48 31.91
N ASN B 25 3.55 -0.42 32.51
CA ASN B 25 4.30 -0.52 33.75
C ASN B 25 3.39 -0.19 34.93
N GLU B 26 2.15 -0.66 34.84
CA GLU B 26 1.14 -0.44 35.87
C GLU B 26 -0.10 -1.26 35.54
N SER B 27 -0.78 -1.79 36.55
CA SER B 27 -1.99 -2.55 36.31
C SER B 27 -3.18 -1.72 36.78
N TRP B 28 -4.32 -1.93 36.12
CA TRP B 28 -5.54 -1.21 36.47
C TRP B 28 -6.62 -2.18 36.91
N LEU B 29 -7.27 -1.86 38.03
CA LEU B 29 -8.33 -2.72 38.54
C LEU B 29 -9.65 -1.98 38.60
N CYS B 30 -10.65 -2.51 37.91
CA CYS B 30 -11.97 -1.90 37.90
C CYS B 30 -12.88 -2.83 38.66
N PHE B 31 -13.98 -2.33 39.20
CA PHE B 31 -14.87 -3.20 39.95
C PHE B 31 -16.25 -2.65 40.24
N THR B 32 -17.18 -3.58 40.42
CA THR B 32 -18.56 -3.27 40.74
C THR B 32 -18.92 -4.20 41.88
N MET B 33 -19.31 -3.62 43.01
CA MET B 33 -19.68 -4.37 44.20
C MET B 33 -21.19 -4.54 44.19
N GLU B 34 -21.69 -5.36 45.11
CA GLU B 34 -23.14 -5.55 45.22
C GLU B 34 -23.40 -6.02 46.63
N VAL B 35 -23.63 -5.04 47.51
CA VAL B 35 -23.89 -5.29 48.92
C VAL B 35 -25.34 -5.70 49.18
N VAL B 36 -25.52 -6.78 49.95
CA VAL B 36 -26.85 -7.27 50.30
C VAL B 36 -26.88 -7.60 51.79
N LYS B 37 -27.29 -6.62 52.59
CA LYS B 37 -27.38 -6.76 54.04
C LYS B 37 -28.63 -7.55 54.43
N HIS B 38 -29.31 -8.06 53.39
CA HIS B 38 -30.51 -8.88 53.54
C HIS B 38 -31.80 -8.16 53.92
N HIS B 39 -31.70 -7.17 54.79
CA HIS B 39 -32.87 -6.42 55.23
C HIS B 39 -32.83 -4.94 54.85
N SER B 40 -32.40 -4.68 53.62
CA SER B 40 -32.31 -3.32 53.09
C SER B 40 -32.23 -3.34 51.57
N PRO B 41 -32.21 -2.15 50.94
CA PRO B 41 -32.13 -2.09 49.48
C PRO B 41 -30.76 -2.59 48.99
N VAL B 42 -30.74 -3.30 47.87
CA VAL B 42 -29.48 -3.81 47.34
C VAL B 42 -28.63 -2.66 46.79
N SER B 43 -27.60 -2.26 47.55
CA SER B 43 -26.73 -1.17 47.12
C SER B 43 -25.51 -1.68 46.34
N TRP B 44 -24.65 -0.76 45.89
CA TRP B 44 -23.46 -1.14 45.12
C TRP B 44 -22.22 -0.32 45.50
N LYS B 45 -21.13 -0.53 44.76
CA LYS B 45 -19.87 0.19 44.99
C LYS B 45 -18.97 0.08 43.76
N ARG B 46 -18.87 1.16 42.98
CA ARG B 46 -18.04 1.18 41.77
C ARG B 46 -16.63 1.64 42.08
N GLY B 47 -15.84 1.87 41.04
CA GLY B 47 -14.47 2.33 41.24
C GLY B 47 -13.40 1.76 40.34
N VAL B 48 -12.21 2.38 40.42
CA VAL B 48 -11.04 1.99 39.65
C VAL B 48 -9.78 2.19 40.52
N PHE B 49 -8.76 1.38 40.27
CA PHE B 49 -7.53 1.48 41.05
C PHE B 49 -6.26 1.45 40.20
N ARG B 50 -5.44 2.47 40.30
CA ARG B 50 -4.19 2.49 39.57
C ARG B 50 -3.26 1.80 40.55
N ASN B 51 -2.18 1.20 40.08
CA ASN B 51 -1.27 0.54 41.00
C ASN B 51 -0.46 1.58 41.78
N GLN B 52 0.68 1.15 42.31
CA GLN B 52 1.54 2.05 43.08
C GLN B 52 3.03 1.84 42.76
N VAL B 53 3.79 2.92 42.80
CA VAL B 53 5.24 2.92 42.56
C VAL B 53 5.81 4.14 43.28
N ASP B 54 5.22 4.46 44.43
CA ASP B 54 5.65 5.61 45.25
C ASP B 54 6.22 5.13 46.59
N PRO B 55 6.80 6.05 47.38
CA PRO B 55 7.39 5.71 48.68
C PRO B 55 6.63 4.69 49.54
N GLU B 56 5.47 5.10 50.08
CA GLU B 56 4.67 4.21 50.92
C GLU B 56 3.77 3.26 50.14
N THR B 57 3.65 2.05 50.65
CA THR B 57 2.81 0.99 50.07
C THR B 57 2.95 0.79 48.55
N HIS B 58 3.85 -0.12 48.16
CA HIS B 58 4.09 -0.45 46.75
C HIS B 58 3.12 -1.55 46.34
N CYS B 59 1.84 -1.35 46.64
CA CYS B 59 0.78 -2.31 46.30
C CYS B 59 0.55 -2.42 44.79
N HIS B 60 0.39 -3.63 44.30
CA HIS B 60 0.17 -3.86 42.87
C HIS B 60 -1.28 -3.72 42.43
N ALA B 61 -1.92 -2.62 42.82
CA ALA B 61 -3.31 -2.35 42.46
C ALA B 61 -4.29 -3.34 43.09
N GLU B 62 -3.94 -4.62 43.05
CA GLU B 62 -4.76 -5.68 43.62
C GLU B 62 -4.61 -5.66 45.14
N ARG B 63 -3.39 -5.35 45.60
CA ARG B 63 -3.12 -5.30 47.03
C ARG B 63 -3.81 -4.09 47.68
N CYS B 64 -3.98 -3.01 46.90
CA CYS B 64 -4.59 -1.79 47.43
C CYS B 64 -6.12 -1.86 47.56
N PHE B 65 -6.74 -2.78 46.82
CA PHE B 65 -8.19 -2.96 46.87
C PHE B 65 -8.57 -3.70 48.16
N LEU B 66 -7.72 -4.65 48.57
CA LEU B 66 -7.97 -5.40 49.79
C LEU B 66 -7.91 -4.50 51.02
N SER B 67 -7.00 -3.54 51.02
CA SER B 67 -6.85 -2.60 52.13
C SER B 67 -8.03 -1.65 52.20
N TRP B 68 -8.54 -1.28 51.03
CA TRP B 68 -9.68 -0.38 50.92
C TRP B 68 -10.98 -1.07 51.29
N PHE B 69 -11.08 -2.36 50.99
CA PHE B 69 -12.28 -3.15 51.26
C PHE B 69 -12.27 -3.83 52.62
N CYS B 70 -11.12 -3.81 53.29
CA CYS B 70 -11.00 -4.47 54.58
C CYS B 70 -11.58 -3.69 55.77
N ASP B 71 -11.28 -2.40 55.86
CA ASP B 71 -11.77 -1.58 56.97
C ASP B 71 -12.84 -0.55 56.63
N ASP B 72 -12.75 0.05 55.44
CA ASP B 72 -13.72 1.05 55.01
C ASP B 72 -15.08 0.42 54.71
N ILE B 73 -15.06 -0.77 54.10
CA ILE B 73 -16.29 -1.48 53.79
C ILE B 73 -16.25 -2.80 54.55
N LEU B 74 -16.96 -3.81 54.03
CA LEU B 74 -17.01 -5.13 54.66
C LEU B 74 -17.72 -5.10 56.01
N SER B 75 -19.04 -5.25 55.97
CA SER B 75 -19.87 -5.27 57.18
C SER B 75 -20.13 -6.73 57.54
N PRO B 76 -19.64 -7.17 58.72
CA PRO B 76 -19.85 -8.56 59.14
C PRO B 76 -21.29 -9.03 58.98
N ASN B 77 -21.46 -10.17 58.31
CA ASN B 77 -22.78 -10.75 58.05
C ASN B 77 -23.50 -10.03 56.91
N THR B 78 -22.84 -9.94 55.75
CA THR B 78 -23.40 -9.29 54.55
C THR B 78 -22.70 -9.82 53.29
N ASN B 79 -23.44 -10.52 52.43
CA ASN B 79 -22.89 -11.09 51.20
C ASN B 79 -22.40 -10.03 50.20
N TYR B 80 -21.23 -10.26 49.62
CA TYR B 80 -20.66 -9.32 48.66
C TYR B 80 -20.43 -9.94 47.29
N GLU B 81 -20.88 -9.24 46.27
CA GLU B 81 -20.71 -9.70 44.90
C GLU B 81 -19.67 -8.84 44.21
N VAL B 82 -18.43 -9.26 44.27
CA VAL B 82 -17.33 -8.50 43.67
C VAL B 82 -16.98 -8.97 42.26
N THR B 83 -16.76 -8.02 41.37
CA THR B 83 -16.40 -8.31 39.99
C THR B 83 -15.26 -7.39 39.59
N TRP B 84 -14.09 -7.97 39.29
CA TRP B 84 -12.93 -7.18 38.88
C TRP B 84 -12.84 -7.08 37.38
N TYR B 85 -11.88 -6.27 36.92
CA TYR B 85 -11.61 -6.07 35.50
C TYR B 85 -10.17 -5.62 35.36
N THR B 86 -9.26 -6.44 35.88
CA THR B 86 -7.83 -6.17 35.84
C THR B 86 -7.22 -6.23 34.45
N SER B 87 -6.39 -5.25 34.13
CA SER B 87 -5.73 -5.18 32.83
C SER B 87 -4.59 -6.18 32.84
N TRP B 88 -3.81 -6.15 33.92
CA TRP B 88 -2.67 -7.05 34.11
C TRP B 88 -3.03 -8.16 35.08
N SER B 89 -3.02 -9.40 34.58
CA SER B 89 -3.33 -10.57 35.39
C SER B 89 -2.70 -10.48 36.79
N PRO B 90 -3.36 -11.05 37.80
CA PRO B 90 -2.87 -11.03 39.19
C PRO B 90 -1.43 -11.54 39.32
N CYS B 91 -0.57 -10.71 39.93
CA CYS B 91 0.84 -11.07 40.11
C CYS B 91 0.99 -12.26 41.06
N PRO B 92 2.14 -12.96 41.01
CA PRO B 92 2.42 -14.14 41.85
C PRO B 92 1.98 -14.04 43.31
N GLU B 93 2.64 -13.15 44.05
CA GLU B 93 2.35 -12.94 45.47
C GLU B 93 0.98 -12.31 45.73
N CYS B 94 0.30 -11.92 44.66
CA CYS B 94 -1.03 -11.31 44.76
C CYS B 94 -2.12 -12.36 44.53
N ALA B 95 -1.89 -13.28 43.61
CA ALA B 95 -2.85 -14.32 43.30
C ALA B 95 -3.13 -15.15 44.57
N GLY B 96 -2.10 -15.34 45.37
CA GLY B 96 -2.25 -16.09 46.60
C GLY B 96 -2.70 -15.18 47.72
N GLU B 97 -2.27 -13.93 47.69
CA GLU B 97 -2.63 -12.94 48.69
C GLU B 97 -4.14 -12.69 48.67
N VAL B 98 -4.77 -12.99 47.54
CA VAL B 98 -6.22 -12.80 47.39
C VAL B 98 -6.94 -14.11 47.69
N ALA B 99 -6.30 -15.23 47.41
CA ALA B 99 -6.91 -16.53 47.67
C ALA B 99 -7.05 -16.75 49.17
N GLU B 100 -6.09 -16.22 49.94
CA GLU B 100 -6.10 -16.34 51.40
C GLU B 100 -7.12 -15.38 51.98
N PHE B 101 -7.42 -14.33 51.23
CA PHE B 101 -8.41 -13.33 51.63
C PHE B 101 -9.79 -13.97 51.44
N LEU B 102 -10.09 -14.36 50.20
CA LEU B 102 -11.37 -14.99 49.86
C LEU B 102 -11.66 -16.16 50.78
N ALA B 103 -10.60 -16.80 51.26
CA ALA B 103 -10.72 -17.95 52.15
C ALA B 103 -11.45 -17.60 53.45
N ARG B 104 -10.87 -16.67 54.21
CA ARG B 104 -11.44 -16.25 55.48
C ARG B 104 -12.75 -15.49 55.35
N HIS B 105 -12.83 -14.57 54.38
CA HIS B 105 -14.05 -13.82 54.18
C HIS B 105 -14.97 -14.59 53.23
N SER B 106 -15.64 -15.61 53.78
CA SER B 106 -16.54 -16.47 53.03
C SER B 106 -17.72 -15.73 52.41
N ASN B 107 -18.24 -14.73 53.13
CA ASN B 107 -19.37 -13.95 52.65
C ASN B 107 -19.04 -13.15 51.38
N VAL B 108 -17.77 -13.22 50.96
CA VAL B 108 -17.31 -12.51 49.78
C VAL B 108 -17.15 -13.43 48.58
N ASN B 109 -17.93 -13.19 47.54
CA ASN B 109 -17.85 -13.99 46.32
C ASN B 109 -17.17 -13.12 45.28
N LEU B 110 -16.25 -13.70 44.51
CA LEU B 110 -15.52 -12.95 43.49
C LEU B 110 -15.45 -13.66 42.14
N THR B 111 -15.27 -12.86 41.08
CA THR B 111 -15.14 -13.36 39.71
C THR B 111 -14.31 -12.34 38.95
N ILE B 112 -13.09 -12.73 38.55
CA ILE B 112 -12.20 -11.83 37.85
C ILE B 112 -12.21 -11.99 36.33
N PHE B 113 -12.02 -10.85 35.64
CA PHE B 113 -11.97 -10.80 34.17
C PHE B 113 -10.70 -10.02 33.79
N THR B 114 -9.65 -10.74 33.40
CA THR B 114 -8.40 -10.08 33.03
C THR B 114 -8.30 -9.83 31.53
N ALA B 115 -7.52 -8.82 31.16
CA ALA B 115 -7.33 -8.44 29.76
C ALA B 115 -6.14 -9.20 29.17
N ARG B 116 -5.02 -9.17 29.91
CA ARG B 116 -3.79 -9.85 29.51
C ARG B 116 -3.25 -10.75 30.62
N LEU B 117 -2.46 -11.75 30.25
CA LEU B 117 -1.89 -12.67 31.24
C LEU B 117 -0.40 -12.45 31.42
N TYR B 118 -0.01 -12.26 32.68
CA TYR B 118 1.38 -12.02 33.07
C TYR B 118 2.28 -13.26 33.03
N TYR B 119 3.06 -13.40 31.97
CA TYR B 119 3.97 -14.54 31.84
C TYR B 119 3.31 -15.85 32.26
N PHE B 120 2.49 -16.42 31.38
CA PHE B 120 1.78 -17.66 31.68
C PHE B 120 2.65 -18.91 31.76
N TRP B 121 3.91 -18.79 31.36
CA TRP B 121 4.82 -19.93 31.40
C TRP B 121 5.27 -20.22 32.84
N ASP B 122 5.38 -19.16 33.62
CA ASP B 122 5.83 -19.26 35.00
C ASP B 122 4.94 -20.12 35.90
N THR B 123 5.56 -20.68 36.94
CA THR B 123 4.87 -21.52 37.91
C THR B 123 4.13 -20.70 38.96
N ASP B 124 4.86 -19.83 39.66
CA ASP B 124 4.29 -18.97 40.70
C ASP B 124 3.00 -18.26 40.34
N TYR B 125 2.78 -18.02 39.05
CA TYR B 125 1.55 -17.38 38.60
C TYR B 125 0.46 -18.45 38.53
N GLN B 126 0.82 -19.63 38.03
CA GLN B 126 -0.12 -20.74 37.93
C GLN B 126 -0.54 -21.26 39.30
N GLU B 127 0.36 -21.16 40.28
CA GLU B 127 0.07 -21.61 41.63
C GLU B 127 -1.08 -20.75 42.15
N GLY B 128 -0.86 -19.44 42.14
CA GLY B 128 -1.89 -18.53 42.61
C GLY B 128 -3.13 -18.54 41.74
N LEU B 129 -2.94 -18.28 40.44
CA LEU B 129 -4.06 -18.25 39.51
C LEU B 129 -4.87 -19.55 39.50
N ARG B 130 -4.38 -20.59 40.17
CA ARG B 130 -5.10 -21.86 40.23
C ARG B 130 -5.92 -21.97 41.51
N SER B 131 -5.23 -21.93 42.65
CA SER B 131 -5.88 -22.02 43.95
C SER B 131 -6.88 -20.88 44.12
N LEU B 132 -6.80 -19.88 43.24
CA LEU B 132 -7.69 -18.73 43.31
C LEU B 132 -9.09 -19.05 42.80
N SER B 133 -9.17 -19.76 41.68
CA SER B 133 -10.46 -20.14 41.11
C SER B 133 -10.90 -21.43 41.78
N GLN B 134 -10.08 -21.90 42.71
CA GLN B 134 -10.36 -23.12 43.44
C GLN B 134 -10.97 -22.76 44.79
N GLU B 135 -11.02 -21.46 45.07
CA GLU B 135 -11.58 -20.92 46.31
C GLU B 135 -13.08 -20.71 46.19
N GLY B 136 -13.47 -20.12 45.07
CA GLY B 136 -14.87 -19.83 44.82
C GLY B 136 -14.91 -18.70 43.81
N ALA B 137 -13.73 -18.19 43.50
CA ALA B 137 -13.60 -17.11 42.55
C ALA B 137 -13.66 -17.75 41.19
N SER B 138 -13.37 -16.98 40.14
CA SER B 138 -13.39 -17.49 38.78
C SER B 138 -12.58 -16.57 37.87
N VAL B 139 -11.44 -17.05 37.40
CA VAL B 139 -10.59 -16.24 36.54
C VAL B 139 -11.01 -16.42 35.09
N GLU B 140 -11.18 -15.31 34.37
CA GLU B 140 -11.57 -15.37 32.97
C GLU B 140 -10.97 -14.27 32.10
N ILE B 141 -10.86 -14.56 30.81
CA ILE B 141 -10.29 -13.61 29.86
C ILE B 141 -11.35 -12.68 29.29
N MET B 142 -11.02 -11.39 29.25
CA MET B 142 -11.94 -10.39 28.72
C MET B 142 -12.16 -10.56 27.23
N GLY B 143 -13.41 -10.81 26.84
CA GLY B 143 -13.75 -10.95 25.44
C GLY B 143 -14.30 -9.62 24.96
N TYR B 144 -14.95 -9.60 23.80
CA TYR B 144 -15.50 -8.36 23.29
C TYR B 144 -16.62 -7.85 24.21
N LYS B 145 -17.46 -8.77 24.68
CA LYS B 145 -18.58 -8.44 25.55
C LYS B 145 -18.17 -7.71 26.83
N ASP B 146 -17.11 -8.19 27.47
CA ASP B 146 -16.62 -7.61 28.71
C ASP B 146 -15.99 -6.23 28.48
N PHE B 147 -15.08 -6.13 27.52
CA PHE B 147 -14.42 -4.86 27.21
C PHE B 147 -15.48 -3.79 27.02
N LYS B 148 -16.51 -4.14 26.26
CA LYS B 148 -17.61 -3.23 25.99
C LYS B 148 -18.15 -2.70 27.31
N TYR B 149 -18.40 -3.61 28.25
CA TYR B 149 -18.92 -3.24 29.55
C TYR B 149 -18.11 -2.08 30.14
N CYS B 150 -16.80 -2.27 30.27
CA CYS B 150 -15.91 -1.25 30.83
C CYS B 150 -16.01 0.12 30.14
N TRP B 151 -16.00 0.11 28.82
CA TRP B 151 -16.09 1.34 28.04
C TRP B 151 -17.41 2.06 28.28
N GLU B 152 -18.24 1.46 29.11
CA GLU B 152 -19.53 2.03 29.41
C GLU B 152 -19.65 2.45 30.87
N ASN B 153 -19.05 1.68 31.75
CA ASN B 153 -19.15 1.94 33.18
C ASN B 153 -17.90 2.41 33.90
N PHE B 154 -16.73 2.18 33.32
CA PHE B 154 -15.51 2.59 34.00
C PHE B 154 -14.68 3.64 33.25
N VAL B 155 -15.24 4.20 32.18
CA VAL B 155 -14.53 5.20 31.39
C VAL B 155 -15.37 6.44 31.06
N TYR B 156 -14.72 7.60 30.98
CA TYR B 156 -15.42 8.84 30.62
C TYR B 156 -15.55 8.85 29.10
N ASN B 157 -16.14 7.79 28.56
CA ASN B 157 -16.32 7.62 27.12
C ASN B 157 -17.00 8.80 26.44
N ASP B 158 -17.54 9.72 27.24
CA ASP B 158 -18.24 10.90 26.73
C ASP B 158 -19.31 10.49 25.72
N ASP B 159 -20.09 9.48 26.07
CA ASP B 159 -21.16 9.01 25.20
C ASP B 159 -20.59 8.75 23.81
N GLU B 160 -19.84 7.66 23.68
CA GLU B 160 -19.23 7.29 22.41
C GLU B 160 -19.20 5.78 22.20
N PRO B 161 -19.29 5.31 20.94
CA PRO B 161 -19.26 3.89 20.65
C PRO B 161 -17.92 3.25 21.00
N PHE B 162 -17.96 1.98 21.35
CA PHE B 162 -16.75 1.24 21.74
C PHE B 162 -15.61 1.26 20.73
N LYS B 163 -15.79 0.63 19.58
CA LYS B 163 -14.76 0.57 18.54
C LYS B 163 -13.57 -0.24 19.05
N PRO B 164 -13.58 -1.57 18.84
CA PRO B 164 -12.48 -2.40 19.30
C PRO B 164 -11.15 -2.09 18.64
N TRP B 165 -10.41 -3.12 18.28
CA TRP B 165 -9.11 -2.95 17.65
C TRP B 165 -8.70 -4.27 17.04
N LYS B 166 -8.02 -4.23 15.90
CA LYS B 166 -7.59 -5.46 15.23
C LYS B 166 -7.00 -6.44 16.23
N GLY B 167 -7.37 -7.71 16.10
CA GLY B 167 -6.85 -8.73 16.97
C GLY B 167 -7.36 -8.76 18.40
N LEU B 168 -8.61 -8.32 18.61
CA LEU B 168 -9.18 -8.34 19.95
C LEU B 168 -9.72 -9.74 20.21
N LYS B 169 -10.57 -10.21 19.31
CA LYS B 169 -11.16 -11.53 19.42
C LYS B 169 -10.09 -12.60 19.25
N TYR B 170 -9.15 -12.37 18.33
CA TYR B 170 -8.06 -13.31 18.04
C TYR B 170 -7.19 -13.47 19.28
N ASN B 171 -6.66 -12.35 19.79
CA ASN B 171 -5.83 -12.40 20.99
C ASN B 171 -6.66 -12.99 22.13
N PHE B 172 -7.92 -12.60 22.17
CA PHE B 172 -8.84 -13.10 23.20
C PHE B 172 -8.83 -14.63 23.24
N LEU B 173 -9.21 -15.24 22.12
CA LEU B 173 -9.27 -16.68 22.02
C LEU B 173 -7.97 -17.37 22.45
N PHE B 174 -6.86 -16.99 21.83
CA PHE B 174 -5.56 -17.58 22.17
C PHE B 174 -5.25 -17.46 23.67
N LEU B 175 -5.61 -16.33 24.26
CA LEU B 175 -5.37 -16.11 25.68
C LEU B 175 -6.25 -17.04 26.53
N ASP B 176 -7.48 -17.23 26.08
CA ASP B 176 -8.41 -18.10 26.79
C ASP B 176 -7.91 -19.54 26.83
N SER B 177 -7.51 -20.07 25.68
CA SER B 177 -7.01 -21.44 25.57
C SER B 177 -5.73 -21.64 26.38
N LYS B 178 -4.89 -20.60 26.41
CA LYS B 178 -3.65 -20.67 27.17
C LYS B 178 -3.94 -20.67 28.67
N LEU B 179 -5.09 -20.10 29.04
CA LEU B 179 -5.50 -20.07 30.43
C LEU B 179 -6.14 -21.40 30.79
N GLN B 180 -7.09 -21.83 29.98
CA GLN B 180 -7.79 -23.10 30.21
C GLN B 180 -6.83 -24.28 30.27
N GLU B 181 -5.63 -24.09 29.75
CA GLU B 181 -4.62 -25.13 29.76
C GLU B 181 -4.12 -25.24 31.19
N ILE B 182 -3.79 -24.09 31.79
CA ILE B 182 -3.31 -24.04 33.16
C ILE B 182 -4.47 -24.33 34.09
N LEU B 183 -5.45 -23.43 34.09
CA LEU B 183 -6.63 -23.57 34.93
C LEU B 183 -7.24 -24.95 34.71
N GLU B 184 -6.94 -25.87 35.63
CA GLU B 184 -7.43 -27.23 35.54
C GLU B 184 -7.45 -27.89 36.93
N ASN C 1 -31.31 10.50 -18.56
CA ASN C 1 -31.64 9.31 -17.71
C ASN C 1 -32.09 8.13 -18.58
N PRO C 2 -31.61 6.91 -18.27
CA PRO C 2 -30.69 6.56 -17.18
C PRO C 2 -29.22 7.00 -17.38
N MET C 3 -28.70 7.84 -16.48
CA MET C 3 -27.32 8.31 -16.59
C MET C 3 -26.36 7.19 -16.20
N GLU C 4 -25.11 7.27 -16.65
CA GLU C 4 -24.12 6.24 -16.38
C GLU C 4 -23.01 6.58 -15.38
N ALA C 5 -23.31 7.42 -14.39
CA ALA C 5 -22.30 7.78 -13.40
C ALA C 5 -22.80 8.81 -12.41
N MET C 6 -22.55 8.55 -11.13
CA MET C 6 -22.96 9.46 -10.06
C MET C 6 -21.80 10.38 -9.73
N TYR C 7 -22.11 11.63 -9.44
CA TYR C 7 -21.11 12.60 -9.07
C TYR C 7 -20.71 12.19 -7.64
N PRO C 8 -19.41 12.22 -7.33
CA PRO C 8 -18.88 11.85 -6.01
C PRO C 8 -19.76 12.07 -4.79
N HIS C 9 -20.42 13.21 -4.69
CA HIS C 9 -21.27 13.44 -3.52
C HIS C 9 -22.58 12.66 -3.58
N ILE C 10 -23.24 12.68 -4.74
CA ILE C 10 -24.49 11.96 -4.93
C ILE C 10 -24.33 10.54 -4.39
N PHE C 11 -23.12 10.02 -4.49
CA PHE C 11 -22.82 8.69 -4.00
C PHE C 11 -22.76 8.68 -2.48
N TYR C 12 -21.96 9.58 -1.91
CA TYR C 12 -21.81 9.68 -0.45
C TYR C 12 -23.09 10.09 0.29
N PHE C 13 -23.82 11.04 -0.27
CA PHE C 13 -25.04 11.53 0.36
C PHE C 13 -26.19 10.50 0.29
N HIS C 14 -26.14 9.61 -0.70
CA HIS C 14 -27.20 8.62 -0.86
C HIS C 14 -26.83 7.15 -0.71
N PHE C 15 -25.56 6.85 -0.47
CA PHE C 15 -25.13 5.45 -0.33
C PHE C 15 -24.55 5.12 1.03
N LYS C 16 -24.60 6.07 1.96
CA LYS C 16 -24.08 5.84 3.30
C LYS C 16 -25.15 5.15 4.13
N ASN C 17 -24.80 3.97 4.66
CA ASN C 17 -25.76 3.23 5.48
C ASN C 17 -25.89 3.80 6.90
N LEU C 18 -26.46 4.99 7.00
CA LEU C 18 -26.69 5.66 8.27
C LEU C 18 -28.17 5.58 8.63
N ARG C 19 -28.56 4.44 9.21
CA ARG C 19 -29.95 4.16 9.61
C ARG C 19 -30.80 5.37 10.01
N LYS C 20 -30.85 5.68 11.31
CA LYS C 20 -31.66 6.82 11.81
C LYS C 20 -31.17 8.20 11.33
N ALA C 21 -30.18 8.22 10.45
CA ALA C 21 -29.65 9.48 9.91
C ALA C 21 -30.49 9.98 8.74
N TYR C 22 -31.43 10.86 9.06
CA TYR C 22 -32.35 11.44 8.07
C TYR C 22 -31.64 12.32 7.04
N GLY C 23 -31.83 12.00 5.75
CA GLY C 23 -31.20 12.78 4.70
C GLY C 23 -31.23 12.12 3.32
N ARG C 24 -32.24 11.28 3.07
CA ARG C 24 -32.37 10.58 1.78
C ARG C 24 -33.86 10.45 1.41
N ASN C 25 -34.37 11.38 0.62
CA ASN C 25 -35.78 11.35 0.22
C ASN C 25 -35.95 10.78 -1.18
N GLU C 26 -34.90 10.15 -1.69
CA GLU C 26 -34.93 9.55 -3.02
C GLU C 26 -34.12 8.26 -3.04
N SER C 27 -34.08 7.61 -4.19
CA SER C 27 -33.36 6.35 -4.30
C SER C 27 -32.60 6.21 -5.61
N TRP C 28 -31.41 5.64 -5.53
CA TRP C 28 -30.56 5.42 -6.69
C TRP C 28 -30.28 3.93 -6.88
N LEU C 29 -30.17 3.52 -8.14
CA LEU C 29 -29.90 2.14 -8.47
C LEU C 29 -28.76 2.06 -9.47
N CYS C 30 -27.76 1.24 -9.14
CA CYS C 30 -26.62 1.04 -10.02
C CYS C 30 -26.71 -0.41 -10.48
N PHE C 31 -26.46 -0.68 -11.76
CA PHE C 31 -26.58 -2.04 -12.24
C PHE C 31 -25.59 -2.46 -13.32
N THR C 32 -25.66 -3.75 -13.65
CA THR C 32 -24.82 -4.36 -14.67
C THR C 32 -25.66 -5.47 -15.30
N MET C 33 -25.85 -5.38 -16.61
CA MET C 33 -26.63 -6.36 -17.35
C MET C 33 -25.76 -7.55 -17.75
N GLU C 34 -26.31 -8.44 -18.57
CA GLU C 34 -25.60 -9.63 -19.02
C GLU C 34 -26.49 -10.35 -20.03
N VAL C 35 -26.32 -10.04 -21.31
CA VAL C 35 -27.13 -10.66 -22.36
C VAL C 35 -26.51 -11.98 -22.82
N VAL C 36 -27.35 -12.99 -22.98
CA VAL C 36 -26.88 -14.30 -23.42
C VAL C 36 -27.91 -14.95 -24.34
N LYS C 37 -27.67 -14.82 -25.65
CA LYS C 37 -28.56 -15.38 -26.66
C LYS C 37 -28.04 -16.77 -27.02
N HIS C 38 -28.48 -17.77 -26.24
CA HIS C 38 -28.09 -19.18 -26.38
C HIS C 38 -26.78 -19.48 -27.12
N HIS C 39 -26.78 -19.35 -28.44
CA HIS C 39 -25.57 -19.60 -29.23
C HIS C 39 -25.16 -18.34 -29.97
N SER C 40 -24.78 -17.32 -29.20
CA SER C 40 -24.36 -16.03 -29.72
C SER C 40 -23.45 -15.40 -28.66
N PRO C 41 -22.71 -14.32 -29.01
CA PRO C 41 -21.81 -13.66 -28.06
C PRO C 41 -22.49 -13.18 -26.77
N VAL C 42 -21.69 -12.67 -25.84
CA VAL C 42 -22.21 -12.18 -24.55
C VAL C 42 -21.79 -10.73 -24.29
N SER C 43 -22.73 -9.81 -24.46
CA SER C 43 -22.50 -8.38 -24.25
C SER C 43 -22.88 -7.88 -22.85
N TRP C 44 -22.30 -6.77 -22.42
CA TRP C 44 -22.56 -6.18 -21.10
C TRP C 44 -23.27 -4.84 -21.19
N LYS C 45 -23.94 -4.44 -20.10
CA LYS C 45 -24.66 -3.18 -20.03
C LYS C 45 -24.66 -2.65 -18.61
N ARG C 46 -24.15 -1.43 -18.39
CA ARG C 46 -24.13 -0.85 -17.05
C ARG C 46 -24.68 0.57 -17.05
N GLY C 47 -25.19 1.01 -15.89
CA GLY C 47 -25.74 2.35 -15.79
C GLY C 47 -26.24 2.73 -14.41
N VAL C 48 -26.98 3.85 -14.33
CA VAL C 48 -27.53 4.36 -13.06
C VAL C 48 -28.96 4.90 -13.21
N PHE C 49 -29.83 4.60 -12.24
CA PHE C 49 -31.21 5.07 -12.28
C PHE C 49 -31.60 5.89 -11.05
N ARG C 50 -32.24 7.03 -11.27
CA ARG C 50 -32.66 7.90 -10.18
C ARG C 50 -34.18 7.96 -10.15
N ASN C 51 -34.76 8.24 -8.99
CA ASN C 51 -36.21 8.33 -8.86
C ASN C 51 -36.71 9.50 -9.68
N GLN C 52 -37.84 9.33 -10.35
CA GLN C 52 -38.42 10.39 -11.17
C GLN C 52 -39.33 11.29 -10.32
N VAL C 53 -39.50 12.53 -10.74
CA VAL C 53 -40.34 13.48 -10.01
C VAL C 53 -41.21 14.27 -10.99
N ASP C 54 -40.99 14.06 -12.29
CA ASP C 54 -41.76 14.77 -13.31
C ASP C 54 -43.26 14.45 -13.22
N PRO C 55 -44.11 15.17 -13.98
CA PRO C 55 -45.55 14.94 -13.96
C PRO C 55 -45.97 13.48 -13.78
N GLU C 56 -45.55 12.63 -14.72
CA GLU C 56 -45.88 11.21 -14.67
C GLU C 56 -44.66 10.32 -14.51
N THR C 57 -44.89 9.01 -14.60
CA THR C 57 -43.81 8.02 -14.46
C THR C 57 -42.97 8.32 -13.23
N HIS C 58 -43.59 8.19 -12.06
CA HIS C 58 -42.89 8.43 -10.80
C HIS C 58 -41.77 7.40 -10.61
N CYS C 59 -42.15 6.17 -10.30
CA CYS C 59 -41.22 5.07 -10.05
C CYS C 59 -40.06 5.42 -9.12
N HIS C 60 -39.79 4.53 -8.17
CA HIS C 60 -38.71 4.75 -7.20
C HIS C 60 -37.43 4.04 -7.63
N ALA C 61 -36.96 4.32 -8.84
CA ALA C 61 -35.76 3.69 -9.37
C ALA C 61 -36.04 2.22 -9.70
N GLU C 62 -36.32 1.42 -8.67
CA GLU C 62 -36.60 0.00 -8.88
C GLU C 62 -37.55 -0.11 -10.06
N ARG C 63 -38.67 0.60 -9.99
CA ARG C 63 -39.65 0.56 -11.06
C ARG C 63 -39.09 1.12 -12.36
N CYS C 64 -38.49 2.31 -12.29
CA CYS C 64 -37.94 2.96 -13.48
C CYS C 64 -37.06 2.03 -14.29
N PHE C 65 -36.41 1.08 -13.60
CA PHE C 65 -35.54 0.12 -14.28
C PHE C 65 -36.35 -0.96 -14.99
N LEU C 66 -37.47 -1.38 -14.38
CA LEU C 66 -38.31 -2.40 -14.98
C LEU C 66 -38.92 -1.87 -16.28
N SER C 67 -39.25 -0.59 -16.31
CA SER C 67 -39.83 0.03 -17.50
C SER C 67 -38.80 -0.03 -18.62
N TRP C 68 -37.62 0.50 -18.34
CA TRP C 68 -36.53 0.52 -19.29
C TRP C 68 -36.21 -0.88 -19.82
N PHE C 69 -36.27 -1.87 -18.94
CA PHE C 69 -35.97 -3.25 -19.32
C PHE C 69 -37.06 -3.94 -20.15
N CYS C 70 -38.31 -3.56 -19.97
CA CYS C 70 -39.41 -4.21 -20.71
C CYS C 70 -39.53 -3.91 -22.19
N ASP C 71 -39.99 -2.71 -22.53
CA ASP C 71 -40.17 -2.33 -23.92
C ASP C 71 -38.89 -2.06 -24.71
N ASP C 72 -37.78 -1.87 -24.00
CA ASP C 72 -36.50 -1.60 -24.65
C ASP C 72 -35.70 -2.87 -24.94
N ILE C 73 -35.41 -3.63 -23.89
CA ILE C 73 -34.64 -4.86 -24.03
C ILE C 73 -35.58 -6.08 -24.03
N LEU C 74 -35.46 -6.93 -23.01
CA LEU C 74 -36.29 -8.13 -22.88
C LEU C 74 -36.44 -8.83 -24.22
N SER C 75 -35.36 -9.49 -24.65
CA SER C 75 -35.35 -10.20 -25.93
C SER C 75 -35.95 -11.59 -25.78
N PRO C 76 -36.86 -11.96 -26.69
CA PRO C 76 -37.51 -13.27 -26.67
C PRO C 76 -36.55 -14.44 -26.83
N ASN C 77 -36.71 -15.45 -25.96
CA ASN C 77 -35.92 -16.68 -25.92
C ASN C 77 -34.48 -16.52 -25.40
N THR C 78 -34.06 -15.28 -25.16
CA THR C 78 -32.72 -14.99 -24.65
C THR C 78 -32.72 -14.84 -23.13
N ASN C 79 -31.59 -15.18 -22.50
CA ASN C 79 -31.49 -15.07 -21.03
C ASN C 79 -30.82 -13.78 -20.57
N TYR C 80 -31.02 -13.46 -19.30
CA TYR C 80 -30.45 -12.26 -18.70
C TYR C 80 -30.04 -12.51 -17.24
N GLU C 81 -29.00 -11.82 -16.79
CA GLU C 81 -28.52 -11.96 -15.42
C GLU C 81 -28.09 -10.58 -14.92
N VAL C 82 -29.02 -9.88 -14.29
CA VAL C 82 -28.75 -8.54 -13.78
C VAL C 82 -28.29 -8.51 -12.34
N THR C 83 -27.63 -7.42 -11.96
CA THR C 83 -27.14 -7.21 -10.59
C THR C 83 -27.45 -5.77 -10.17
N TRP C 84 -27.91 -5.59 -8.93
CA TRP C 84 -28.25 -4.26 -8.45
C TRP C 84 -27.40 -3.80 -7.27
N TYR C 85 -27.30 -2.49 -7.12
CA TYR C 85 -26.55 -1.88 -6.04
C TYR C 85 -27.42 -0.70 -5.64
N THR C 86 -28.57 -1.04 -5.06
CA THR C 86 -29.54 -0.05 -4.63
C THR C 86 -29.15 0.67 -3.35
N SER C 87 -29.65 1.90 -3.21
CA SER C 87 -29.37 2.74 -2.05
C SER C 87 -30.50 2.72 -1.03
N TRP C 88 -31.63 3.33 -1.39
CA TRP C 88 -32.79 3.38 -0.50
C TRP C 88 -33.70 2.19 -0.80
N SER C 89 -33.12 1.00 -0.65
CA SER C 89 -33.73 -0.34 -0.84
C SER C 89 -35.14 -0.49 -1.41
N PRO C 90 -35.48 -1.69 -1.94
CA PRO C 90 -36.82 -1.89 -2.49
C PRO C 90 -37.89 -1.51 -1.44
N CYS C 91 -38.58 -0.39 -1.68
CA CYS C 91 -39.64 0.13 -0.80
C CYS C 91 -40.65 -0.93 -0.36
N PRO C 92 -41.25 -0.78 0.83
CA PRO C 92 -42.24 -1.75 1.32
C PRO C 92 -43.11 -2.45 0.26
N GLU C 93 -43.56 -1.70 -0.75
CA GLU C 93 -44.41 -2.27 -1.80
C GLU C 93 -43.71 -2.54 -3.13
N CYS C 94 -42.43 -2.15 -3.22
CA CYS C 94 -41.66 -2.35 -4.44
C CYS C 94 -41.04 -3.75 -4.45
N ALA C 95 -40.39 -4.10 -3.35
CA ALA C 95 -39.75 -5.41 -3.20
C ALA C 95 -40.70 -6.52 -3.65
N GLY C 96 -41.96 -6.39 -3.28
CA GLY C 96 -42.95 -7.38 -3.66
C GLY C 96 -43.23 -7.34 -5.16
N GLU C 97 -43.34 -6.14 -5.71
CA GLU C 97 -43.62 -5.98 -7.14
C GLU C 97 -42.47 -6.50 -8.00
N VAL C 98 -41.25 -6.38 -7.48
CA VAL C 98 -40.07 -6.85 -8.19
C VAL C 98 -40.04 -8.37 -8.21
N ALA C 99 -40.42 -8.97 -7.08
CA ALA C 99 -40.45 -10.42 -6.95
C ALA C 99 -41.48 -11.03 -7.90
N GLU C 100 -42.46 -10.25 -8.31
CA GLU C 100 -43.49 -10.75 -9.20
C GLU C 100 -43.16 -10.49 -10.66
N PHE C 101 -42.03 -9.84 -10.92
CA PHE C 101 -41.59 -9.60 -12.27
C PHE C 101 -40.77 -10.83 -12.63
N LEU C 102 -39.90 -11.23 -11.69
CA LEU C 102 -39.06 -12.41 -11.85
C LEU C 102 -39.97 -13.62 -12.02
N ALA C 103 -41.25 -13.42 -11.71
CA ALA C 103 -42.22 -14.49 -11.82
C ALA C 103 -42.54 -14.77 -13.29
N ARG C 104 -43.24 -13.83 -13.94
CA ARG C 104 -43.59 -14.00 -15.35
C ARG C 104 -42.43 -13.66 -16.28
N HIS C 105 -41.21 -13.82 -15.79
CA HIS C 105 -39.98 -13.56 -16.53
C HIS C 105 -38.88 -14.46 -15.97
N SER C 106 -38.98 -15.75 -16.26
CA SER C 106 -38.02 -16.73 -15.77
C SER C 106 -36.65 -16.66 -16.46
N ASN C 107 -36.62 -16.07 -17.65
CA ASN C 107 -35.37 -15.95 -18.40
C ASN C 107 -34.42 -14.95 -17.76
N VAL C 108 -34.92 -14.22 -16.76
CA VAL C 108 -34.12 -13.22 -16.06
C VAL C 108 -33.81 -13.65 -14.63
N ASN C 109 -32.55 -13.52 -14.23
CA ASN C 109 -32.16 -13.83 -12.87
C ASN C 109 -31.66 -12.55 -12.23
N LEU C 110 -31.76 -12.46 -10.90
CA LEU C 110 -31.36 -11.25 -10.22
C LEU C 110 -30.59 -11.43 -8.92
N THR C 111 -29.70 -10.47 -8.65
CA THR C 111 -28.89 -10.43 -7.44
C THR C 111 -28.97 -8.99 -6.96
N ILE C 112 -29.40 -8.79 -5.71
CA ILE C 112 -29.53 -7.45 -5.17
C ILE C 112 -28.66 -7.15 -3.95
N PHE C 113 -27.88 -6.07 -4.04
CA PHE C 113 -27.06 -5.63 -2.93
C PHE C 113 -27.66 -4.29 -2.55
N THR C 114 -27.84 -4.04 -1.26
CA THR C 114 -28.44 -2.80 -0.79
C THR C 114 -27.65 -2.14 0.33
N ALA C 115 -27.79 -0.82 0.46
CA ALA C 115 -27.08 -0.07 1.49
C ALA C 115 -27.87 -0.02 2.80
N ARG C 116 -29.13 0.40 2.72
CA ARG C 116 -29.99 0.48 3.89
C ARG C 116 -31.23 -0.39 3.73
N LEU C 117 -32.14 -0.30 4.70
CA LEU C 117 -33.39 -1.05 4.66
C LEU C 117 -34.56 -0.16 5.07
N TYR C 118 -35.65 -0.20 4.28
CA TYR C 118 -36.87 0.59 4.56
C TYR C 118 -37.49 0.02 5.84
N TYR C 119 -36.66 -0.09 6.88
CA TYR C 119 -37.04 -0.61 8.18
C TYR C 119 -37.26 -2.10 8.08
N PHE C 120 -36.91 -2.83 9.15
CA PHE C 120 -37.07 -4.27 9.13
C PHE C 120 -38.25 -4.77 9.96
N TRP C 121 -39.16 -3.86 10.30
CA TRP C 121 -40.33 -4.23 11.07
C TRP C 121 -41.61 -4.11 10.26
N ASP C 122 -41.56 -3.34 9.18
CA ASP C 122 -42.70 -3.12 8.29
C ASP C 122 -43.17 -4.43 7.65
N THR C 123 -44.47 -4.72 7.78
CA THR C 123 -45.06 -5.94 7.22
C THR C 123 -44.77 -6.08 5.72
N ASP C 124 -45.30 -5.13 4.95
CA ASP C 124 -45.13 -5.11 3.49
C ASP C 124 -43.71 -5.42 3.07
N TYR C 125 -42.76 -4.90 3.83
CA TYR C 125 -41.36 -5.11 3.53
C TYR C 125 -40.95 -6.56 3.80
N GLN C 126 -41.45 -7.14 4.90
CA GLN C 126 -41.13 -8.52 5.22
C GLN C 126 -41.76 -9.39 4.15
N GLU C 127 -42.91 -8.95 3.65
CA GLU C 127 -43.62 -9.68 2.60
C GLU C 127 -42.80 -9.70 1.31
N GLY C 128 -42.70 -8.52 0.69
CA GLY C 128 -41.97 -8.39 -0.55
C GLY C 128 -40.52 -8.81 -0.54
N LEU C 129 -39.86 -8.74 0.62
CA LEU C 129 -38.47 -9.12 0.70
C LEU C 129 -38.32 -10.63 0.85
N ARG C 130 -39.25 -11.25 1.57
CA ARG C 130 -39.21 -12.69 1.74
C ARG C 130 -39.67 -13.35 0.45
N SER C 131 -40.66 -12.75 -0.21
CA SER C 131 -41.20 -13.28 -1.46
C SER C 131 -40.23 -13.06 -2.63
N LEU C 132 -39.31 -12.12 -2.45
CA LEU C 132 -38.32 -11.79 -3.48
C LEU C 132 -37.24 -12.87 -3.51
N SER C 133 -36.85 -13.33 -2.33
CA SER C 133 -35.84 -14.38 -2.22
C SER C 133 -36.46 -15.74 -2.50
N GLN C 134 -37.78 -15.78 -2.58
CA GLN C 134 -38.47 -17.04 -2.87
C GLN C 134 -38.46 -17.25 -4.37
N GLU C 135 -38.41 -16.15 -5.11
CA GLU C 135 -38.39 -16.21 -6.57
C GLU C 135 -36.99 -16.35 -7.14
N GLY C 136 -36.04 -16.71 -6.27
CA GLY C 136 -34.67 -16.90 -6.72
C GLY C 136 -33.95 -15.60 -7.07
N ALA C 137 -33.61 -14.84 -6.04
CA ALA C 137 -32.91 -13.59 -6.22
C ALA C 137 -32.21 -13.26 -4.90
N SER C 138 -30.91 -13.55 -4.83
CA SER C 138 -30.14 -13.32 -3.61
C SER C 138 -30.04 -11.86 -3.20
N VAL C 139 -30.61 -11.54 -2.03
CA VAL C 139 -30.58 -10.17 -1.50
C VAL C 139 -29.61 -10.07 -0.33
N GLU C 140 -28.51 -9.35 -0.52
CA GLU C 140 -27.49 -9.18 0.51
C GLU C 140 -27.30 -7.71 0.86
N ILE C 141 -26.44 -7.44 1.82
CA ILE C 141 -26.18 -6.08 2.24
C ILE C 141 -24.76 -5.64 1.90
N MET C 142 -24.68 -4.53 1.16
CA MET C 142 -23.39 -3.98 0.77
C MET C 142 -22.44 -3.85 1.94
N GLY C 143 -21.23 -4.38 1.78
CA GLY C 143 -20.22 -4.28 2.82
C GLY C 143 -19.11 -3.42 2.28
N TYR C 144 -17.93 -3.45 2.89
CA TYR C 144 -16.83 -2.64 2.38
C TYR C 144 -16.51 -3.13 0.96
N LYS C 145 -16.59 -4.44 0.77
CA LYS C 145 -16.32 -5.05 -0.53
C LYS C 145 -17.19 -4.45 -1.63
N ASP C 146 -18.50 -4.46 -1.43
CA ASP C 146 -19.45 -3.95 -2.42
C ASP C 146 -19.39 -2.44 -2.67
N PHE C 147 -19.15 -1.65 -1.62
CA PHE C 147 -19.08 -0.21 -1.78
C PHE C 147 -17.87 0.18 -2.63
N LYS C 148 -16.78 -0.59 -2.57
CA LYS C 148 -15.59 -0.28 -3.36
C LYS C 148 -15.87 -0.48 -4.84
N TYR C 149 -16.33 -1.68 -5.19
CA TYR C 149 -16.64 -2.01 -6.58
C TYR C 149 -17.70 -1.05 -7.12
N CYS C 150 -18.63 -0.66 -6.24
CA CYS C 150 -19.71 0.24 -6.63
C CYS C 150 -19.23 1.67 -6.84
N TRP C 151 -18.19 2.07 -6.12
CA TRP C 151 -17.65 3.41 -6.25
C TRP C 151 -16.68 3.50 -7.41
N GLU C 152 -15.96 2.42 -7.65
CA GLU C 152 -14.98 2.43 -8.72
C GLU C 152 -15.52 2.33 -10.13
N ASN C 153 -16.76 1.87 -10.26
CA ASN C 153 -17.37 1.71 -11.58
C ASN C 153 -18.60 2.55 -11.91
N PHE C 154 -19.28 3.09 -10.90
CA PHE C 154 -20.48 3.88 -11.16
C PHE C 154 -20.40 5.33 -10.68
N VAL C 155 -19.19 5.80 -10.42
CA VAL C 155 -19.00 7.18 -9.94
C VAL C 155 -17.87 7.89 -10.66
N TYR C 156 -18.10 9.14 -11.04
CA TYR C 156 -17.07 9.93 -11.70
C TYR C 156 -15.99 10.15 -10.65
N ASN C 157 -15.27 9.08 -10.34
CA ASN C 157 -14.23 9.09 -9.32
C ASN C 157 -13.00 9.94 -9.59
N ASP C 158 -12.85 10.45 -10.81
CA ASP C 158 -11.69 11.26 -11.15
C ASP C 158 -10.42 10.50 -10.79
N ASP C 159 -10.52 9.17 -10.82
CA ASP C 159 -9.40 8.28 -10.52
C ASP C 159 -8.98 8.32 -9.04
N GLU C 160 -9.95 8.51 -8.15
CA GLU C 160 -9.66 8.57 -6.73
C GLU C 160 -10.09 7.26 -6.06
N PRO C 161 -9.29 6.75 -5.12
CA PRO C 161 -9.59 5.51 -4.41
C PRO C 161 -10.75 5.67 -3.42
N PHE C 162 -11.55 4.62 -3.26
CA PHE C 162 -12.67 4.68 -2.34
C PHE C 162 -12.22 4.99 -0.93
N LYS C 163 -12.92 5.92 -0.28
CA LYS C 163 -12.58 6.31 1.09
C LYS C 163 -13.76 5.99 2.01
N PRO C 164 -13.63 4.93 2.84
CA PRO C 164 -14.64 4.47 3.79
C PRO C 164 -14.91 5.43 4.96
N TRP C 165 -16.05 5.23 5.61
CA TRP C 165 -16.47 6.07 6.72
C TRP C 165 -16.61 5.36 8.07
N LYS C 166 -16.96 6.15 9.08
CA LYS C 166 -17.14 5.64 10.43
C LYS C 166 -18.51 5.00 10.57
N GLY C 167 -18.52 3.67 10.76
CA GLY C 167 -19.78 2.97 10.92
C GLY C 167 -20.10 1.97 9.83
N LEU C 168 -19.44 2.12 8.69
CA LEU C 168 -19.66 1.23 7.55
C LEU C 168 -19.69 -0.23 7.99
N LYS C 169 -18.52 -0.78 8.35
CA LYS C 169 -18.41 -2.17 8.76
C LYS C 169 -19.36 -2.57 9.90
N TYR C 170 -19.81 -1.59 10.69
CA TYR C 170 -20.71 -1.90 11.79
C TYR C 170 -22.12 -2.05 11.28
N ASN C 171 -22.63 -0.98 10.68
CA ASN C 171 -23.98 -1.00 10.15
C ASN C 171 -24.19 -2.18 9.19
N PHE C 172 -23.10 -2.66 8.60
CA PHE C 172 -23.20 -3.81 7.71
C PHE C 172 -23.62 -4.97 8.60
N LEU C 173 -22.80 -5.23 9.61
CA LEU C 173 -23.06 -6.30 10.56
C LEU C 173 -24.49 -6.22 11.09
N PHE C 174 -24.89 -5.05 11.55
CA PHE C 174 -26.24 -4.85 12.09
C PHE C 174 -27.34 -4.97 11.06
N LEU C 175 -27.07 -4.52 9.83
CA LEU C 175 -28.05 -4.60 8.76
C LEU C 175 -28.13 -6.02 8.23
N ASP C 176 -26.99 -6.71 8.21
CA ASP C 176 -26.95 -8.08 7.72
C ASP C 176 -27.64 -9.02 8.70
N SER C 177 -27.38 -8.81 9.99
CA SER C 177 -27.98 -9.63 11.03
C SER C 177 -29.51 -9.47 11.06
N LYS C 178 -29.98 -8.24 10.96
CA LYS C 178 -31.40 -7.97 10.97
C LYS C 178 -32.08 -8.37 9.67
N LEU C 179 -31.28 -8.75 8.67
CA LEU C 179 -31.82 -9.19 7.38
C LEU C 179 -31.85 -10.71 7.34
N GLN C 180 -30.81 -11.33 7.90
CA GLN C 180 -30.72 -12.78 7.93
C GLN C 180 -31.81 -13.35 8.82
N GLU C 181 -32.41 -12.48 9.64
CA GLU C 181 -33.49 -12.88 10.54
C GLU C 181 -34.82 -12.83 9.79
N ILE C 182 -35.02 -11.78 9.01
CA ILE C 182 -36.25 -11.64 8.24
C ILE C 182 -36.20 -12.54 7.02
N LEU C 183 -34.99 -12.80 6.54
CA LEU C 183 -34.80 -13.66 5.38
C LEU C 183 -34.52 -15.08 5.84
N GLU C 184 -35.26 -15.53 6.84
CA GLU C 184 -35.09 -16.88 7.38
C GLU C 184 -35.87 -17.89 6.56
N ASN D 1 31.70 -9.84 18.20
CA ASN D 1 30.68 -10.90 18.46
C ASN D 1 30.35 -10.99 19.97
N PRO D 2 29.05 -11.12 20.31
CA PRO D 2 27.90 -11.16 19.41
C PRO D 2 27.50 -9.82 18.75
N MET D 3 27.54 -9.77 17.42
CA MET D 3 27.19 -8.54 16.68
C MET D 3 25.68 -8.32 16.73
N GLU D 4 25.25 -7.08 16.54
CA GLU D 4 23.83 -6.75 16.60
C GLU D 4 23.13 -6.42 15.29
N ALA D 5 23.57 -7.03 14.18
CA ALA D 5 22.93 -6.77 12.89
C ALA D 5 23.60 -7.50 11.75
N MET D 6 22.79 -8.19 10.95
CA MET D 6 23.28 -8.94 9.80
C MET D 6 23.21 -8.05 8.58
N TYR D 7 24.22 -8.14 7.73
CA TYR D 7 24.24 -7.36 6.51
C TYR D 7 23.18 -8.02 5.61
N PRO D 8 22.38 -7.23 4.88
CA PRO D 8 21.32 -7.72 4.00
C PRO D 8 21.51 -9.07 3.30
N HIS D 9 22.70 -9.36 2.79
CA HIS D 9 22.89 -10.65 2.13
C HIS D 9 23.04 -11.79 3.14
N ILE D 10 23.83 -11.55 4.19
CA ILE D 10 24.04 -12.56 5.23
C ILE D 10 22.69 -13.11 5.66
N PHE D 11 21.67 -12.25 5.59
CA PHE D 11 20.33 -12.65 5.94
C PHE D 11 19.75 -13.55 4.85
N TYR D 12 19.76 -13.05 3.61
CA TYR D 12 19.22 -13.81 2.47
C TYR D 12 19.95 -15.13 2.18
N PHE D 13 21.27 -15.11 2.27
CA PHE D 13 22.05 -16.31 1.99
C PHE D 13 21.92 -17.38 3.07
N HIS D 14 21.61 -16.97 4.30
CA HIS D 14 21.51 -17.92 5.42
C HIS D 14 20.15 -18.10 6.06
N PHE D 15 19.14 -17.36 5.59
CA PHE D 15 17.81 -17.47 6.18
C PHE D 15 16.75 -17.95 5.20
N LYS D 16 17.17 -18.32 4.00
CA LYS D 16 16.22 -18.79 3.00
C LYS D 16 15.96 -20.27 3.22
N ASN D 17 14.69 -20.62 3.45
CA ASN D 17 14.34 -22.01 3.67
C ASN D 17 14.31 -22.83 2.38
N LEU D 18 15.49 -23.04 1.79
CA LEU D 18 15.65 -23.81 0.56
C LEU D 18 16.25 -25.17 0.90
N ARG D 19 15.39 -26.11 1.33
CA ARG D 19 15.78 -27.47 1.74
C ARG D 19 17.01 -28.07 1.03
N LYS D 20 16.79 -28.81 -0.06
CA LYS D 20 17.89 -29.45 -0.80
C LYS D 20 18.86 -28.45 -1.48
N ALA D 21 18.67 -27.15 -1.23
CA ALA D 21 19.52 -26.12 -1.82
C ALA D 21 20.80 -25.93 -0.99
N TYR D 22 21.86 -26.62 -1.40
CA TYR D 22 23.15 -26.56 -0.72
C TYR D 22 23.82 -25.18 -0.80
N GLY D 23 24.15 -24.62 0.37
CA GLY D 23 24.79 -23.32 0.42
C GLY D 23 24.81 -22.66 1.79
N ARG D 24 24.81 -23.47 2.84
CA ARG D 24 24.83 -22.97 4.22
C ARG D 24 25.67 -23.90 5.12
N ASN D 25 26.95 -23.58 5.30
CA ASN D 25 27.83 -24.40 6.13
C ASN D 25 28.00 -23.82 7.53
N GLU D 26 27.12 -22.88 7.87
CA GLU D 26 27.15 -22.23 9.17
C GLU D 26 25.74 -21.90 9.66
N SER D 27 25.65 -21.37 10.88
CA SER D 27 24.35 -21.05 11.45
C SER D 27 24.33 -19.71 12.18
N TRP D 28 23.22 -18.98 12.00
CA TRP D 28 23.04 -17.68 12.63
C TRP D 28 21.85 -17.70 13.58
N LEU D 29 21.98 -17.00 14.70
CA LEU D 29 20.92 -16.94 15.69
C LEU D 29 20.60 -15.50 16.01
N CYS D 30 19.34 -15.15 15.92
CA CYS D 30 18.89 -13.80 16.23
C CYS D 30 18.01 -13.94 17.47
N PHE D 31 18.14 -13.05 18.44
CA PHE D 31 17.36 -13.18 19.66
C PHE D 31 16.90 -11.88 20.29
N THR D 32 16.09 -12.05 21.35
CA THR D 32 15.55 -10.95 22.13
C THR D 32 15.40 -11.48 23.56
N MET D 33 16.05 -10.81 24.50
CA MET D 33 16.01 -11.18 25.91
C MET D 33 14.79 -10.57 26.57
N GLU D 34 14.72 -10.72 27.90
CA GLU D 34 13.61 -10.19 28.68
C GLU D 34 13.91 -10.42 30.16
N VAL D 35 14.53 -9.45 30.81
CA VAL D 35 14.88 -9.57 32.21
C VAL D 35 13.72 -9.16 33.11
N VAL D 36 13.47 -9.95 34.15
CA VAL D 36 12.40 -9.65 35.09
C VAL D 36 12.81 -10.03 36.50
N LYS D 37 13.26 -9.02 37.25
CA LYS D 37 13.68 -9.20 38.64
C LYS D 37 12.48 -8.94 39.55
N HIS D 38 11.68 -9.98 39.77
CA HIS D 38 10.46 -9.96 40.58
C HIS D 38 9.80 -8.58 40.80
N HIS D 39 10.38 -7.75 41.66
CA HIS D 39 9.84 -6.43 41.92
C HIS D 39 10.84 -5.36 41.52
N SER D 40 11.11 -5.30 40.22
CA SER D 40 12.05 -4.34 39.65
C SER D 40 11.64 -4.14 38.18
N PRO D 41 12.18 -3.10 37.51
CA PRO D 41 11.84 -2.84 36.11
C PRO D 41 12.08 -4.01 35.15
N VAL D 42 11.69 -3.85 33.89
CA VAL D 42 11.87 -4.89 32.88
C VAL D 42 12.64 -4.38 31.66
N SER D 43 13.91 -4.78 31.56
CA SER D 43 14.78 -4.36 30.45
C SER D 43 14.86 -5.39 29.32
N TRP D 44 15.22 -4.92 28.12
CA TRP D 44 15.32 -5.78 26.94
C TRP D 44 16.76 -5.94 26.45
N LYS D 45 17.00 -7.01 25.69
CA LYS D 45 18.33 -7.28 25.13
C LYS D 45 18.20 -8.03 23.79
N ARG D 46 18.77 -7.46 22.72
CA ARG D 46 18.70 -8.11 21.41
C ARG D 46 20.07 -8.18 20.75
N GLY D 47 20.25 -9.15 19.86
CA GLY D 47 21.53 -9.31 19.17
C GLY D 47 21.58 -10.43 18.15
N VAL D 48 22.79 -10.76 17.69
CA VAL D 48 23.02 -11.82 16.69
C VAL D 48 24.25 -12.69 16.99
N PHE D 49 24.14 -14.00 16.80
CA PHE D 49 25.25 -14.92 17.04
C PHE D 49 25.61 -15.76 15.82
N ARG D 50 26.89 -15.84 15.51
CA ARG D 50 27.36 -16.62 14.37
C ARG D 50 28.20 -17.76 14.90
N ASN D 51 28.34 -18.82 14.10
CA ASN D 51 29.15 -19.97 14.50
C ASN D 51 30.61 -19.55 14.55
N GLN D 52 31.35 -20.07 15.55
CA GLN D 52 32.76 -19.74 15.69
C GLN D 52 33.60 -20.73 14.88
N VAL D 53 34.79 -20.29 14.49
CA VAL D 53 35.70 -21.12 13.70
C VAL D 53 37.14 -20.99 14.22
N ASP D 54 37.34 -20.09 15.18
CA ASP D 54 38.67 -19.87 15.76
C ASP D 54 39.21 -21.14 16.43
N PRO D 55 40.49 -21.14 16.84
CA PRO D 55 41.09 -22.32 17.50
C PRO D 55 40.15 -23.10 18.42
N GLU D 56 39.63 -22.42 19.45
CA GLU D 56 38.72 -23.05 20.39
C GLU D 56 37.32 -22.44 20.38
N THR D 57 36.48 -22.88 21.32
CA THR D 57 35.11 -22.40 21.43
C THR D 57 34.42 -22.43 20.07
N HIS D 58 34.22 -23.64 19.56
CA HIS D 58 33.57 -23.82 18.26
C HIS D 58 32.12 -23.34 18.33
N CYS D 59 31.27 -24.12 19.01
CA CYS D 59 29.85 -23.82 19.17
C CYS D 59 29.13 -23.43 17.87
N HIS D 60 27.96 -24.03 17.64
CA HIS D 60 27.17 -23.75 16.44
C HIS D 60 26.12 -22.70 16.70
N ALA D 61 26.53 -21.54 17.21
CA ALA D 61 25.60 -20.45 17.51
C ALA D 61 24.76 -20.81 18.73
N GLU D 62 23.93 -21.85 18.61
CA GLU D 62 23.09 -22.29 19.72
C GLU D 62 23.94 -22.32 20.98
N ARG D 63 25.06 -23.04 20.91
CA ARG D 63 25.97 -23.14 22.05
C ARG D 63 26.57 -21.80 22.41
N CYS D 64 27.12 -21.09 21.42
CA CYS D 64 27.74 -19.79 21.66
C CYS D 64 26.86 -18.85 22.47
N PHE D 65 25.54 -19.02 22.34
CA PHE D 65 24.60 -18.19 23.07
C PHE D 65 24.47 -18.64 24.52
N LEU D 66 24.54 -19.95 24.76
CA LEU D 66 24.44 -20.49 26.11
C LEU D 66 25.65 -20.02 26.94
N SER D 67 26.81 -19.95 26.31
CA SER D 67 28.04 -19.50 26.98
C SER D 67 27.85 -18.06 27.41
N TRP D 68 27.51 -17.20 26.45
CA TRP D 68 27.29 -15.79 26.71
C TRP D 68 26.25 -15.58 27.82
N PHE D 69 25.22 -16.41 27.83
CA PHE D 69 24.15 -16.29 28.82
C PHE D 69 24.52 -16.78 30.22
N CYS D 70 25.42 -17.74 30.34
CA CYS D 70 25.80 -18.28 31.64
C CYS D 70 26.64 -17.41 32.56
N ASP D 71 27.92 -17.24 32.22
CA ASP D 71 28.82 -16.44 33.05
C ASP D 71 28.62 -14.93 32.95
N ASP D 72 27.89 -14.47 31.94
CA ASP D 72 27.65 -13.03 31.76
C ASP D 72 26.37 -12.58 32.45
N ILE D 73 25.24 -13.16 32.06
CA ILE D 73 23.95 -12.82 32.63
C ILE D 73 23.53 -13.82 33.71
N LEU D 74 22.46 -14.57 33.46
CA LEU D 74 21.95 -15.55 34.40
C LEU D 74 21.99 -15.03 35.83
N SER D 75 21.08 -14.11 36.14
CA SER D 75 21.00 -13.51 37.47
C SER D 75 20.22 -14.40 38.42
N PRO D 76 20.76 -14.62 39.63
CA PRO D 76 20.13 -15.45 40.66
C PRO D 76 18.77 -14.92 41.11
N ASN D 77 17.79 -15.82 41.18
CA ASN D 77 16.42 -15.54 41.61
C ASN D 77 15.56 -14.72 40.62
N THR D 78 16.18 -14.26 39.54
CA THR D 78 15.50 -13.47 38.51
C THR D 78 15.04 -14.36 37.35
N ASN D 79 13.94 -13.98 36.70
CA ASN D 79 13.43 -14.75 35.57
C ASN D 79 13.87 -14.22 34.22
N TYR D 80 13.75 -15.06 33.20
CA TYR D 80 14.12 -14.70 31.83
C TYR D 80 13.17 -15.35 30.81
N GLU D 81 12.97 -14.66 29.69
CA GLU D 81 12.10 -15.17 28.64
C GLU D 81 12.71 -14.80 27.28
N VAL D 82 13.52 -15.71 26.75
CA VAL D 82 14.20 -15.50 25.48
C VAL D 82 13.43 -16.02 24.27
N THR D 83 13.76 -15.47 23.10
CA THR D 83 13.14 -15.87 21.84
C THR D 83 14.24 -16.01 20.79
N TRP D 84 14.17 -17.06 19.97
CA TRP D 84 15.18 -17.29 18.94
C TRP D 84 14.63 -17.26 17.52
N TYR D 85 15.51 -16.94 16.59
CA TYR D 85 15.16 -16.88 15.18
C TYR D 85 16.38 -17.49 14.50
N THR D 86 16.54 -18.79 14.72
CA THR D 86 17.65 -19.55 14.18
C THR D 86 17.52 -19.85 12.69
N SER D 87 18.66 -20.02 12.03
CA SER D 87 18.71 -20.30 10.60
C SER D 87 18.92 -21.79 10.31
N TRP D 88 20.13 -22.27 10.60
CA TRP D 88 20.46 -23.67 10.37
C TRP D 88 20.16 -24.48 11.63
N SER D 89 18.90 -24.42 12.05
CA SER D 89 18.29 -25.08 13.23
C SER D 89 19.16 -25.85 14.25
N PRO D 90 18.63 -26.07 15.47
CA PRO D 90 19.42 -26.80 16.46
C PRO D 90 19.89 -28.16 15.89
N CYS D 91 21.19 -28.26 15.64
CA CYS D 91 21.84 -29.46 15.08
C CYS D 91 21.43 -30.75 15.80
N PRO D 92 21.44 -31.89 15.08
CA PRO D 92 21.07 -33.17 15.69
C PRO D 92 21.40 -33.36 17.18
N GLU D 93 22.58 -32.92 17.60
CA GLU D 93 22.99 -33.06 18.99
C GLU D 93 22.91 -31.78 19.82
N CYS D 94 22.53 -30.67 19.19
CA CYS D 94 22.41 -29.39 19.89
C CYS D 94 21.02 -29.26 20.51
N ALA D 95 20.00 -29.52 19.71
CA ALA D 95 18.61 -29.45 20.17
C ALA D 95 18.46 -30.16 21.51
N GLY D 96 19.11 -31.32 21.63
CA GLY D 96 19.03 -32.07 22.87
C GLY D 96 19.75 -31.37 24.01
N GLU D 97 20.93 -30.82 23.71
CA GLU D 97 21.73 -30.12 24.71
C GLU D 97 21.03 -28.86 25.21
N VAL D 98 20.27 -28.22 24.32
CA VAL D 98 19.54 -27.01 24.67
C VAL D 98 18.38 -27.35 25.59
N ALA D 99 17.73 -28.48 25.32
CA ALA D 99 16.59 -28.94 26.12
C ALA D 99 17.03 -29.30 27.54
N GLU D 100 18.32 -29.59 27.71
CA GLU D 100 18.83 -29.96 29.02
C GLU D 100 19.39 -28.75 29.77
N PHE D 101 19.36 -27.58 29.14
CA PHE D 101 19.80 -26.35 29.78
C PHE D 101 18.55 -25.85 30.49
N LEU D 102 17.43 -25.84 29.75
CA LEU D 102 16.15 -25.40 30.27
C LEU D 102 15.80 -26.29 31.46
N ALA D 103 16.52 -27.39 31.59
CA ALA D 103 16.29 -28.32 32.68
C ALA D 103 16.79 -27.73 33.99
N ARG D 104 18.11 -27.64 34.14
CA ARG D 104 18.69 -27.09 35.37
C ARG D 104 18.66 -25.57 35.39
N HIS D 105 17.70 -24.99 34.68
CA HIS D 105 17.50 -23.54 34.61
C HIS D 105 16.02 -23.27 34.34
N SER D 106 15.21 -23.47 35.36
CA SER D 106 13.76 -23.28 35.27
C SER D 106 13.33 -21.82 35.20
N ASN D 107 14.19 -20.93 35.68
CA ASN D 107 13.88 -19.51 35.68
C ASN D 107 13.88 -18.93 34.26
N VAL D 108 14.34 -19.74 33.30
CA VAL D 108 14.40 -19.32 31.91
C VAL D 108 13.39 -20.05 31.05
N ASN D 109 12.66 -19.30 30.22
CA ASN D 109 11.71 -19.91 29.31
C ASN D 109 12.17 -19.61 27.90
N LEU D 110 11.80 -20.45 26.95
CA LEU D 110 12.24 -20.27 25.59
C LEU D 110 11.21 -20.52 24.50
N THR D 111 11.36 -19.79 23.40
CA THR D 111 10.49 -19.90 22.22
C THR D 111 11.44 -19.91 21.03
N ILE D 112 11.36 -20.95 20.20
CA ILE D 112 12.25 -21.05 19.05
C ILE D 112 11.56 -21.05 17.68
N PHE D 113 11.98 -20.14 16.81
CA PHE D 113 11.45 -20.09 15.45
C PHE D 113 12.66 -20.44 14.59
N THR D 114 12.46 -21.29 13.60
CA THR D 114 13.56 -21.73 12.74
C THR D 114 13.20 -21.65 11.25
N ALA D 115 14.23 -21.51 10.41
CA ALA D 115 14.04 -21.41 8.97
C ALA D 115 14.02 -22.79 8.31
N ARG D 116 15.05 -23.59 8.57
CA ARG D 116 15.13 -24.93 8.01
C ARG D 116 15.21 -25.99 9.10
N LEU D 117 15.43 -27.24 8.71
CA LEU D 117 15.54 -28.33 9.66
C LEU D 117 16.71 -29.25 9.27
N TYR D 118 17.55 -29.61 10.24
CA TYR D 118 18.70 -30.52 10.01
C TYR D 118 18.13 -31.90 9.68
N TYR D 119 17.21 -31.92 8.72
CA TYR D 119 16.56 -33.14 8.26
C TYR D 119 15.57 -33.61 9.33
N PHE D 120 14.46 -34.16 8.88
CA PHE D 120 13.45 -34.63 9.83
C PHE D 120 13.42 -36.14 9.97
N TRP D 121 14.47 -36.80 9.51
CA TRP D 121 14.54 -38.26 9.62
C TRP D 121 15.62 -38.70 10.60
N ASP D 122 16.57 -37.81 10.87
CA ASP D 122 17.67 -38.09 11.78
C ASP D 122 17.18 -38.37 13.20
N THR D 123 17.62 -39.50 13.76
CA THR D 123 17.23 -39.91 15.11
C THR D 123 17.52 -38.83 16.15
N ASP D 124 18.81 -38.53 16.32
CA ASP D 124 19.27 -37.52 17.27
C ASP D 124 18.42 -36.25 17.23
N TYR D 125 18.02 -35.87 16.02
CA TYR D 125 17.22 -34.68 15.84
C TYR D 125 15.81 -34.90 16.38
N GLN D 126 15.24 -36.08 16.14
CA GLN D 126 13.89 -36.36 16.65
C GLN D 126 13.97 -36.41 18.17
N GLU D 127 15.11 -36.86 18.69
CA GLU D 127 15.33 -36.95 20.12
C GLU D 127 15.35 -35.56 20.73
N GLY D 128 16.41 -34.81 20.41
CA GLY D 128 16.58 -33.47 20.94
C GLY D 128 15.47 -32.47 20.65
N LEU D 129 14.74 -32.67 19.55
CA LEU D 129 13.67 -31.75 19.22
C LEU D 129 12.41 -32.11 19.99
N ARG D 130 12.18 -33.40 20.19
CA ARG D 130 11.01 -33.83 20.93
C ARG D 130 11.22 -33.56 22.41
N SER D 131 12.45 -33.76 22.88
CA SER D 131 12.81 -33.52 24.28
C SER D 131 12.88 -32.04 24.61
N LEU D 132 13.02 -31.22 23.57
CA LEU D 132 13.10 -29.77 23.71
C LEU D 132 11.73 -29.20 23.99
N SER D 133 10.73 -29.74 23.30
CA SER D 133 9.35 -29.29 23.49
C SER D 133 8.78 -29.93 24.75
N GLN D 134 9.49 -30.89 25.32
CA GLN D 134 9.03 -31.54 26.54
C GLN D 134 9.41 -30.68 27.73
N GLU D 135 10.48 -29.91 27.56
CA GLU D 135 10.96 -29.03 28.62
C GLU D 135 10.30 -27.65 28.59
N GLY D 136 9.19 -27.55 27.86
CA GLY D 136 8.49 -26.28 27.78
C GLY D 136 9.21 -25.22 26.98
N ALA D 137 9.20 -25.39 25.66
CA ALA D 137 9.84 -24.45 24.76
C ALA D 137 9.21 -24.65 23.39
N SER D 138 8.28 -23.78 23.03
CA SER D 138 7.59 -23.89 21.74
C SER D 138 8.48 -23.70 20.52
N VAL D 139 8.59 -24.75 19.71
CA VAL D 139 9.42 -24.72 18.51
C VAL D 139 8.53 -24.68 17.26
N GLU D 140 8.54 -23.54 16.57
CA GLU D 140 7.74 -23.36 15.36
C GLU D 140 8.62 -23.07 14.15
N ILE D 141 8.00 -22.94 12.99
CA ILE D 141 8.74 -22.66 11.77
C ILE D 141 8.44 -21.28 11.20
N MET D 142 9.49 -20.48 11.03
CA MET D 142 9.36 -19.13 10.51
C MET D 142 8.51 -19.10 9.25
N GLY D 143 7.51 -18.22 9.24
CA GLY D 143 6.65 -18.07 8.09
C GLY D 143 6.91 -16.68 7.53
N TYR D 144 6.03 -16.16 6.68
CA TYR D 144 6.23 -14.83 6.15
C TYR D 144 6.21 -13.84 7.31
N LYS D 145 5.34 -14.10 8.28
CA LYS D 145 5.20 -13.27 9.46
C LYS D 145 6.52 -13.11 10.21
N ASP D 146 7.15 -14.24 10.56
CA ASP D 146 8.43 -14.23 11.29
C ASP D 146 9.62 -13.66 10.52
N PHE D 147 9.69 -13.91 9.22
CA PHE D 147 10.80 -13.40 8.42
C PHE D 147 10.76 -11.88 8.32
N LYS D 148 9.57 -11.29 8.35
CA LYS D 148 9.46 -9.83 8.29
C LYS D 148 9.99 -9.20 9.57
N TYR D 149 9.46 -9.62 10.71
CA TYR D 149 9.91 -9.10 12.00
C TYR D 149 11.40 -9.34 12.19
N CYS D 150 11.88 -10.47 11.68
CA CYS D 150 13.29 -10.83 11.81
C CYS D 150 14.18 -9.98 10.91
N TRP D 151 13.66 -9.54 9.78
CA TRP D 151 14.41 -8.73 8.85
C TRP D 151 14.39 -7.28 9.24
N GLU D 152 13.28 -6.84 9.82
CA GLU D 152 13.13 -5.45 10.20
C GLU D 152 13.88 -5.04 11.45
N ASN D 153 14.24 -6.00 12.29
CA ASN D 153 14.94 -5.69 13.54
C ASN D 153 16.37 -6.22 13.71
N PHE D 154 16.77 -7.22 12.92
CA PHE D 154 18.12 -7.77 13.05
C PHE D 154 18.99 -7.64 11.81
N VAL D 155 18.60 -6.76 10.88
CA VAL D 155 19.36 -6.58 9.65
C VAL D 155 19.56 -5.11 9.32
N TYR D 156 20.77 -4.74 8.90
CA TYR D 156 21.04 -3.37 8.50
C TYR D 156 20.24 -3.15 7.23
N ASN D 157 18.91 -3.04 7.40
CA ASN D 157 17.98 -2.89 6.30
C ASN D 157 18.06 -1.58 5.51
N ASP D 158 18.82 -0.61 6.02
CA ASP D 158 18.93 0.68 5.32
C ASP D 158 17.53 1.23 5.08
N ASP D 159 16.60 0.85 5.95
CA ASP D 159 15.21 1.29 5.86
C ASP D 159 14.47 0.73 4.64
N GLU D 160 14.79 -0.49 4.25
CA GLU D 160 14.15 -1.13 3.10
C GLU D 160 13.17 -2.19 3.59
N PRO D 161 12.00 -2.27 2.94
CA PRO D 161 10.96 -3.25 3.32
C PRO D 161 11.35 -4.68 2.94
N PHE D 162 10.93 -5.64 3.75
CA PHE D 162 11.24 -7.04 3.50
C PHE D 162 10.71 -7.47 2.13
N LYS D 163 11.54 -8.15 1.38
CA LYS D 163 11.14 -8.64 0.06
C LYS D 163 11.20 -10.18 0.03
N PRO D 164 10.02 -10.83 0.06
CA PRO D 164 9.87 -12.29 0.03
C PRO D 164 10.31 -12.97 -1.26
N TRP D 165 10.54 -14.27 -1.19
CA TRP D 165 11.00 -15.05 -2.33
C TRP D 165 10.05 -16.15 -2.80
N LYS D 166 10.44 -16.83 -3.87
CA LYS D 166 9.66 -17.92 -4.45
C LYS D 166 9.87 -19.20 -3.65
N GLY D 167 8.82 -19.64 -2.97
CA GLY D 167 8.91 -20.87 -2.20
C GLY D 167 8.73 -20.69 -0.70
N LEU D 168 8.89 -19.46 -0.23
CA LEU D 168 8.75 -19.17 1.20
C LEU D 168 7.49 -19.81 1.79
N LYS D 169 6.33 -19.28 1.43
CA LYS D 169 5.06 -19.80 1.95
C LYS D 169 4.85 -21.30 1.74
N TYR D 170 5.53 -21.87 0.75
CA TYR D 170 5.38 -23.29 0.49
C TYR D 170 6.23 -24.09 1.47
N ASN D 171 7.53 -23.86 1.43
CA ASN D 171 8.45 -24.56 2.31
C ASN D 171 8.03 -24.42 3.77
N PHE D 172 7.31 -23.35 4.09
CA PHE D 172 6.82 -23.17 5.45
C PHE D 172 5.83 -24.31 5.67
N LEU D 173 4.82 -24.37 4.81
CA LEU D 173 3.80 -25.40 4.91
C LEU D 173 4.44 -26.78 5.02
N PHE D 174 5.38 -27.08 4.12
CA PHE D 174 6.06 -28.37 4.11
C PHE D 174 6.95 -28.61 5.33
N LEU D 175 7.59 -27.56 5.81
CA LEU D 175 8.46 -27.68 6.97
C LEU D 175 7.62 -27.77 8.24
N ASP D 176 6.49 -27.05 8.26
CA ASP D 176 5.62 -27.06 9.42
C ASP D 176 4.93 -28.41 9.54
N SER D 177 4.46 -28.94 8.42
CA SER D 177 3.78 -30.23 8.41
C SER D 177 4.71 -31.34 8.85
N LYS D 178 5.94 -31.33 8.33
CA LYS D 178 6.92 -32.35 8.69
C LYS D 178 7.44 -32.17 10.11
N LEU D 179 7.10 -31.06 10.74
CA LEU D 179 7.54 -30.82 12.12
C LEU D 179 6.43 -31.19 13.08
N GLN D 180 5.19 -30.87 12.69
CA GLN D 180 4.04 -31.18 13.52
C GLN D 180 3.87 -32.69 13.62
N GLU D 181 4.56 -33.43 12.75
CA GLU D 181 4.50 -34.89 12.75
C GLU D 181 5.53 -35.41 13.74
N ILE D 182 6.73 -34.84 13.72
CA ILE D 182 7.78 -35.27 14.62
C ILE D 182 7.52 -34.71 16.02
N LEU D 183 6.84 -33.57 16.06
CA LEU D 183 6.53 -32.94 17.34
C LEU D 183 5.12 -33.34 17.77
N GLU D 184 4.82 -34.64 17.62
CA GLU D 184 3.51 -35.17 17.99
C GLU D 184 3.48 -35.51 19.48
N ASN F 1 -29.42 31.52 -12.14
CA ASN F 1 -29.36 32.31 -13.40
C ASN F 1 -30.04 33.66 -13.22
N PRO F 2 -29.36 34.61 -12.55
CA PRO F 2 -28.02 34.44 -11.98
C PRO F 2 -28.00 34.10 -10.47
N MET F 3 -27.69 32.84 -10.12
CA MET F 3 -27.63 32.42 -8.71
C MET F 3 -26.37 33.00 -8.07
N GLU F 4 -26.38 33.14 -6.75
CA GLU F 4 -25.26 33.75 -6.03
C GLU F 4 -24.09 32.87 -5.62
N ALA F 5 -24.27 31.56 -5.53
CA ALA F 5 -23.16 30.70 -5.13
C ALA F 5 -23.36 29.21 -5.35
N MET F 6 -22.24 28.49 -5.36
CA MET F 6 -22.23 27.06 -5.57
C MET F 6 -21.99 26.32 -4.27
N TYR F 7 -22.68 25.20 -4.08
CA TYR F 7 -22.47 24.42 -2.87
C TYR F 7 -21.04 23.93 -2.91
N PRO F 8 -20.45 23.63 -1.74
CA PRO F 8 -19.06 23.15 -1.69
C PRO F 8 -18.78 22.01 -2.65
N HIS F 9 -19.44 20.87 -2.43
CA HIS F 9 -19.25 19.68 -3.27
C HIS F 9 -19.39 19.92 -4.78
N ILE F 10 -20.22 20.88 -5.16
CA ILE F 10 -20.46 21.21 -6.57
C ILE F 10 -19.24 21.89 -7.20
N PHE F 11 -18.61 22.76 -6.40
CA PHE F 11 -17.42 23.48 -6.83
C PHE F 11 -16.25 22.56 -7.11
N TYR F 12 -15.75 21.89 -6.07
CA TYR F 12 -14.63 20.97 -6.21
C TYR F 12 -14.77 20.02 -7.38
N PHE F 13 -15.99 19.74 -7.81
CA PHE F 13 -16.18 18.82 -8.92
C PHE F 13 -16.05 19.44 -10.31
N HIS F 14 -16.95 20.35 -10.64
CA HIS F 14 -16.91 20.97 -11.96
C HIS F 14 -15.74 21.93 -12.18
N PHE F 15 -14.91 22.13 -11.16
CA PHE F 15 -13.77 23.03 -11.28
C PHE F 15 -12.40 22.39 -11.18
N LYS F 16 -12.34 21.07 -11.02
CA LYS F 16 -11.05 20.40 -10.92
C LYS F 16 -10.34 20.43 -12.28
N ASN F 17 -9.27 21.22 -12.35
CA ASN F 17 -8.50 21.35 -13.57
C ASN F 17 -7.70 20.08 -13.85
N LEU F 18 -8.37 19.09 -14.43
CA LEU F 18 -7.73 17.83 -14.76
C LEU F 18 -7.68 17.70 -16.28
N ARG F 19 -6.90 16.74 -16.75
CA ARG F 19 -6.80 16.53 -18.19
C ARG F 19 -7.85 15.49 -18.59
N LYS F 20 -7.97 14.44 -17.79
CA LYS F 20 -8.93 13.37 -18.05
C LYS F 20 -10.30 13.62 -17.42
N ALA F 21 -10.45 14.77 -16.76
CA ALA F 21 -11.70 15.13 -16.10
C ALA F 21 -12.91 14.89 -17.00
N TYR F 22 -13.46 13.69 -16.92
CA TYR F 22 -14.61 13.32 -17.71
C TYR F 22 -15.83 13.35 -16.81
N GLY F 23 -16.90 13.99 -17.26
CA GLY F 23 -18.10 14.06 -16.45
C GLY F 23 -18.69 15.44 -16.32
N ARG F 24 -18.02 16.41 -16.91
CA ARG F 24 -18.49 17.80 -16.87
C ARG F 24 -19.28 18.12 -18.12
N ASN F 25 -20.58 17.84 -18.08
CA ASN F 25 -21.48 18.09 -19.22
C ASN F 25 -22.19 19.42 -19.02
N GLU F 26 -21.45 20.40 -18.50
CA GLU F 26 -21.98 21.72 -18.23
C GLU F 26 -20.85 22.64 -17.80
N SER F 27 -20.89 23.91 -18.20
CA SER F 27 -19.85 24.83 -17.80
C SER F 27 -20.41 25.80 -16.77
N TRP F 28 -19.55 26.28 -15.90
CA TRP F 28 -19.96 27.21 -14.86
C TRP F 28 -19.21 28.53 -15.02
N LEU F 29 -19.94 29.64 -14.97
CA LEU F 29 -19.34 30.95 -15.10
C LEU F 29 -19.58 31.78 -13.85
N CYS F 30 -18.50 32.24 -13.23
CA CYS F 30 -18.59 33.06 -12.03
C CYS F 30 -18.10 34.44 -12.41
N PHE F 31 -18.51 35.46 -11.68
CA PHE F 31 -18.07 36.80 -12.04
C PHE F 31 -18.29 37.87 -10.99
N THR F 32 -17.46 38.90 -11.08
CA THR F 32 -17.51 40.05 -10.19
C THR F 32 -17.42 41.26 -11.11
N MET F 33 -18.44 42.11 -11.05
CA MET F 33 -18.51 43.31 -11.86
C MET F 33 -17.95 44.47 -11.04
N GLU F 34 -17.78 45.62 -11.66
CA GLU F 34 -17.33 46.81 -10.96
C GLU F 34 -17.77 48.01 -11.74
N VAL F 35 -18.97 48.47 -11.44
CA VAL F 35 -19.58 49.61 -12.11
C VAL F 35 -19.05 50.95 -11.60
N VAL F 36 -18.68 51.81 -12.53
CA VAL F 36 -18.17 53.14 -12.20
C VAL F 36 -18.82 54.19 -13.09
N LYS F 37 -19.93 54.75 -12.61
CA LYS F 37 -20.68 55.76 -13.34
C LYS F 37 -20.00 57.12 -13.24
N HIS F 38 -18.80 57.11 -12.66
CA HIS F 38 -17.95 58.29 -12.50
C HIS F 38 -18.37 59.30 -11.44
N HIS F 39 -19.67 59.53 -11.30
CA HIS F 39 -20.18 60.49 -10.32
C HIS F 39 -21.06 59.84 -9.24
N SER F 40 -20.61 58.69 -8.74
CA SER F 40 -21.32 57.96 -7.70
C SER F 40 -20.39 56.96 -7.03
N PRO F 41 -20.89 56.25 -6.00
CA PRO F 41 -20.05 55.26 -5.31
C PRO F 41 -19.75 54.07 -6.23
N VAL F 42 -18.55 53.53 -6.14
CA VAL F 42 -18.19 52.38 -6.98
C VAL F 42 -18.95 51.14 -6.52
N SER F 43 -19.98 50.75 -7.27
CA SER F 43 -20.76 49.56 -6.92
C SER F 43 -20.24 48.31 -7.61
N TRP F 44 -20.87 47.17 -7.36
CA TRP F 44 -20.44 45.90 -7.95
C TRP F 44 -21.62 45.00 -8.38
N LYS F 45 -21.32 43.78 -8.83
CA LYS F 45 -22.32 42.81 -9.26
C LYS F 45 -21.73 41.40 -9.30
N ARG F 46 -22.07 40.59 -8.31
CA ARG F 46 -21.57 39.20 -8.23
C ARG F 46 -22.49 38.25 -8.97
N GLY F 47 -22.23 36.96 -8.83
CA GLY F 47 -23.07 35.97 -9.48
C GLY F 47 -22.40 34.74 -10.06
N VAL F 48 -23.23 33.76 -10.43
CA VAL F 48 -22.79 32.50 -11.03
C VAL F 48 -23.80 32.07 -12.09
N PHE F 49 -23.33 31.35 -13.11
CA PHE F 49 -24.22 30.90 -14.18
C PHE F 49 -24.01 29.44 -14.56
N ARG F 50 -25.05 28.63 -14.46
CA ARG F 50 -24.94 27.24 -14.88
C ARG F 50 -25.30 27.35 -16.34
N ASN F 51 -24.85 26.41 -17.17
CA ASN F 51 -25.18 26.50 -18.59
C ASN F 51 -26.66 26.12 -18.82
N GLN F 52 -26.98 25.71 -20.05
CA GLN F 52 -28.35 25.32 -20.39
C GLN F 52 -28.40 24.08 -21.28
N VAL F 53 -29.44 23.28 -21.10
CA VAL F 53 -29.68 22.05 -21.86
C VAL F 53 -31.19 21.78 -21.79
N ASP F 54 -31.98 22.86 -21.79
CA ASP F 54 -33.44 22.77 -21.73
C ASP F 54 -34.07 23.30 -23.04
N PRO F 55 -35.39 23.15 -23.20
CA PRO F 55 -36.10 23.61 -24.40
C PRO F 55 -35.66 24.96 -24.97
N GLU F 56 -35.98 26.05 -24.28
CA GLU F 56 -35.62 27.39 -24.73
C GLU F 56 -34.20 27.81 -24.40
N THR F 57 -33.57 28.52 -25.33
CA THR F 57 -32.20 29.04 -25.19
C THR F 57 -31.16 28.03 -24.67
N HIS F 58 -30.50 27.34 -25.61
CA HIS F 58 -29.46 26.36 -25.28
C HIS F 58 -28.12 27.10 -25.17
N CYS F 59 -28.10 28.18 -24.40
CA CYS F 59 -26.90 28.99 -24.19
C CYS F 59 -25.83 28.25 -23.38
N HIS F 60 -24.57 28.36 -23.81
CA HIS F 60 -23.48 27.67 -23.12
C HIS F 60 -22.91 28.44 -21.92
N ALA F 61 -23.79 28.89 -21.03
CA ALA F 61 -23.40 29.63 -19.83
C ALA F 61 -22.79 30.98 -20.16
N GLU F 62 -21.91 31.00 -21.15
CA GLU F 62 -21.26 32.22 -21.57
C GLU F 62 -22.24 33.06 -22.39
N ARG F 63 -23.08 32.39 -23.18
CA ARG F 63 -24.07 33.07 -24.01
C ARG F 63 -25.17 33.68 -23.14
N CYS F 64 -25.44 33.06 -21.99
CA CYS F 64 -26.50 33.54 -21.10
C CYS F 64 -26.11 34.77 -20.27
N PHE F 65 -24.80 34.98 -20.10
CA PHE F 65 -24.31 36.14 -19.35
C PHE F 65 -24.45 37.40 -20.20
N LEU F 66 -24.25 37.27 -21.51
CA LEU F 66 -24.35 38.40 -22.41
C LEU F 66 -25.80 38.91 -22.47
N SER F 67 -26.76 37.99 -22.42
CA SER F 67 -28.17 38.34 -22.47
C SER F 67 -28.60 39.03 -21.18
N TRP F 68 -28.03 38.59 -20.07
CA TRP F 68 -28.32 39.14 -18.76
C TRP F 68 -27.68 40.51 -18.57
N PHE F 69 -26.51 40.70 -19.16
CA PHE F 69 -25.77 41.95 -19.05
C PHE F 69 -26.10 42.97 -20.14
N CYS F 70 -26.83 42.53 -21.16
CA CYS F 70 -27.17 43.42 -22.26
C CYS F 70 -28.31 44.40 -21.98
N ASP F 71 -29.41 43.91 -21.42
CA ASP F 71 -30.57 44.77 -21.14
C ASP F 71 -30.84 45.09 -19.66
N ASP F 72 -30.57 44.14 -18.78
CA ASP F 72 -30.79 44.33 -17.35
C ASP F 72 -29.77 45.31 -16.76
N ILE F 73 -28.52 45.21 -17.22
CA ILE F 73 -27.46 46.10 -16.75
C ILE F 73 -26.96 46.87 -17.97
N LEU F 74 -25.71 47.33 -17.92
CA LEU F 74 -25.10 48.07 -19.01
C LEU F 74 -25.75 49.44 -19.21
N SER F 75 -25.25 50.43 -18.46
CA SER F 75 -25.75 51.80 -18.55
C SER F 75 -24.81 52.58 -19.47
N PRO F 76 -25.34 53.06 -20.61
CA PRO F 76 -24.51 53.82 -21.57
C PRO F 76 -23.67 54.90 -20.88
N ASN F 77 -22.38 54.89 -21.17
CA ASN F 77 -21.42 55.85 -20.60
C ASN F 77 -21.07 55.49 -19.15
N THR F 78 -20.60 54.25 -18.95
CA THR F 78 -20.21 53.76 -17.62
C THR F 78 -19.23 52.59 -17.78
N ASN F 79 -17.98 52.78 -17.35
CA ASN F 79 -16.96 51.73 -17.45
C ASN F 79 -17.26 50.50 -16.60
N TYR F 80 -17.05 49.32 -17.18
CA TYR F 80 -17.32 48.06 -16.50
C TYR F 80 -16.08 47.18 -16.37
N GLU F 81 -15.85 46.69 -15.16
CA GLU F 81 -14.71 45.83 -14.89
C GLU F 81 -15.22 44.42 -14.67
N VAL F 82 -15.27 43.63 -15.73
CA VAL F 82 -15.76 42.26 -15.63
C VAL F 82 -14.64 41.25 -15.46
N THR F 83 -14.87 40.28 -14.58
CA THR F 83 -13.91 39.22 -14.31
C THR F 83 -14.65 37.90 -14.26
N TRP F 84 -14.35 37.00 -15.19
CA TRP F 84 -15.00 35.69 -15.22
C TRP F 84 -14.18 34.65 -14.48
N TYR F 85 -14.76 33.46 -14.36
CA TYR F 85 -14.11 32.32 -13.70
C TYR F 85 -14.74 31.04 -14.23
N THR F 86 -14.70 30.91 -15.56
CA THR F 86 -15.27 29.76 -16.26
C THR F 86 -14.54 28.45 -16.00
N SER F 87 -15.30 27.40 -15.75
CA SER F 87 -14.74 26.08 -15.49
C SER F 87 -14.30 25.47 -16.82
N TRP F 88 -15.20 25.57 -17.79
CA TRP F 88 -14.95 25.06 -19.15
C TRP F 88 -14.62 26.21 -20.09
N SER F 89 -13.41 26.20 -20.64
CA SER F 89 -12.95 27.23 -21.57
C SER F 89 -14.05 27.62 -22.57
N PRO F 90 -14.06 28.90 -23.00
CA PRO F 90 -15.07 29.39 -23.96
C PRO F 90 -15.16 28.53 -25.22
N CYS F 91 -16.37 28.07 -25.53
CA CYS F 91 -16.62 27.23 -26.71
C CYS F 91 -16.35 28.01 -28.01
N PRO F 92 -16.12 27.30 -29.13
CA PRO F 92 -15.84 27.92 -30.43
C PRO F 92 -16.69 29.12 -30.81
N GLU F 93 -17.98 28.88 -31.01
CA GLU F 93 -18.93 29.93 -31.38
C GLU F 93 -19.18 30.95 -30.27
N CYS F 94 -18.63 30.69 -29.09
CA CYS F 94 -18.78 31.59 -27.95
C CYS F 94 -17.58 32.51 -27.81
N ALA F 95 -16.38 31.99 -28.08
CA ALA F 95 -15.15 32.77 -28.00
C ALA F 95 -15.24 33.96 -28.95
N GLY F 96 -15.88 33.75 -30.09
CA GLY F 96 -16.04 34.81 -31.06
C GLY F 96 -17.28 35.63 -30.75
N GLU F 97 -18.30 34.97 -30.22
CA GLU F 97 -19.55 35.62 -29.86
C GLU F 97 -19.31 36.67 -28.77
N VAL F 98 -18.22 36.51 -28.02
CA VAL F 98 -17.88 37.44 -26.95
C VAL F 98 -16.90 38.49 -27.45
N ALA F 99 -16.07 38.11 -28.43
CA ALA F 99 -15.10 39.04 -28.99
C ALA F 99 -15.82 40.14 -29.75
N GLU F 100 -16.94 39.79 -30.38
CA GLU F 100 -17.74 40.74 -31.16
C GLU F 100 -18.54 41.62 -30.20
N PHE F 101 -18.78 41.11 -29.00
CA PHE F 101 -19.50 41.85 -27.97
C PHE F 101 -18.53 42.91 -27.43
N LEU F 102 -17.40 42.45 -26.89
CA LEU F 102 -16.38 43.33 -26.34
C LEU F 102 -16.00 44.42 -27.34
N ALA F 103 -16.09 44.08 -28.62
CA ALA F 103 -15.76 45.01 -29.68
C ALA F 103 -16.61 46.27 -29.63
N ARG F 104 -17.92 46.09 -29.77
CA ARG F 104 -18.86 47.22 -29.76
C ARG F 104 -18.99 47.91 -28.42
N HIS F 105 -19.05 47.13 -27.34
CA HIS F 105 -19.15 47.73 -26.02
C HIS F 105 -17.75 48.00 -25.48
N SER F 106 -17.16 49.09 -25.96
CA SER F 106 -15.82 49.51 -25.59
C SER F 106 -15.67 49.82 -24.11
N ASN F 107 -16.71 50.40 -23.51
CA ASN F 107 -16.68 50.74 -22.09
C ASN F 107 -16.60 49.51 -21.20
N VAL F 108 -16.62 48.32 -21.81
CA VAL F 108 -16.55 47.07 -21.08
C VAL F 108 -15.17 46.43 -21.19
N ASN F 109 -14.50 46.29 -20.05
CA ASN F 109 -13.18 45.66 -20.02
C ASN F 109 -13.37 44.28 -19.39
N LEU F 110 -12.71 43.28 -19.95
CA LEU F 110 -12.84 41.91 -19.44
C LEU F 110 -11.51 41.18 -19.27
N THR F 111 -11.50 40.19 -18.38
CA THR F 111 -10.32 39.36 -18.11
C THR F 111 -10.83 38.01 -17.61
N ILE F 112 -10.63 36.97 -18.42
CA ILE F 112 -11.11 35.65 -18.07
C ILE F 112 -10.07 34.74 -17.42
N PHE F 113 -10.53 33.89 -16.51
CA PHE F 113 -9.70 32.91 -15.81
C PHE F 113 -10.37 31.55 -15.91
N THR F 114 -9.89 30.71 -16.82
CA THR F 114 -10.49 29.39 -17.00
C THR F 114 -9.79 28.32 -16.17
N ALA F 115 -10.52 27.26 -15.85
CA ALA F 115 -9.98 26.15 -15.06
C ALA F 115 -9.39 25.09 -15.99
N ARG F 116 -10.16 24.72 -17.01
CA ARG F 116 -9.75 23.72 -18.00
C ARG F 116 -9.92 24.26 -19.41
N LEU F 117 -9.18 23.69 -20.36
CA LEU F 117 -9.24 24.10 -21.75
C LEU F 117 -9.93 23.06 -22.62
N TYR F 118 -10.95 23.51 -23.36
CA TYR F 118 -11.74 22.66 -24.25
C TYR F 118 -11.03 22.28 -25.55
N TYR F 119 -10.49 21.07 -25.63
CA TYR F 119 -9.82 20.59 -26.83
C TYR F 119 -8.93 21.68 -27.44
N PHE F 120 -7.74 21.86 -26.86
CA PHE F 120 -6.81 22.89 -27.34
C PHE F 120 -6.18 22.61 -28.70
N TRP F 121 -6.35 21.39 -29.20
CA TRP F 121 -5.77 21.01 -30.50
C TRP F 121 -6.56 21.66 -31.64
N ASP F 122 -7.87 21.80 -31.43
CA ASP F 122 -8.77 22.37 -32.44
C ASP F 122 -8.44 23.79 -32.85
N THR F 123 -8.83 24.12 -34.08
CA THR F 123 -8.61 25.45 -34.65
C THR F 123 -9.67 26.45 -34.19
N ASP F 124 -10.94 26.12 -34.43
CA ASP F 124 -12.05 26.98 -34.05
C ASP F 124 -12.01 27.54 -32.63
N TYR F 125 -11.32 26.84 -31.72
CA TYR F 125 -11.18 27.32 -30.35
C TYR F 125 -10.06 28.35 -30.32
N GLN F 126 -8.99 28.07 -31.04
CA GLN F 126 -7.84 28.97 -31.11
C GLN F 126 -8.19 30.27 -31.82
N GLU F 127 -9.09 30.19 -32.79
CA GLU F 127 -9.52 31.37 -33.54
C GLU F 127 -10.16 32.33 -32.56
N GLY F 128 -11.18 31.84 -31.86
CA GLY F 128 -11.88 32.67 -30.89
C GLY F 128 -11.00 33.03 -29.72
N LEU F 129 -10.44 32.02 -29.04
CA LEU F 129 -9.59 32.26 -27.89
C LEU F 129 -8.40 33.17 -28.19
N ARG F 130 -8.17 33.49 -29.46
CA ARG F 130 -7.07 34.36 -29.84
C ARG F 130 -7.56 35.79 -30.02
N SER F 131 -8.46 35.99 -30.97
CA SER F 131 -9.02 37.31 -31.24
C SER F 131 -9.71 37.87 -30.01
N LEU F 132 -9.92 37.03 -29.00
CA LEU F 132 -10.58 37.43 -27.77
C LEU F 132 -9.64 38.23 -26.87
N SER F 133 -8.41 37.76 -26.71
CA SER F 133 -7.43 38.46 -25.89
C SER F 133 -6.76 39.53 -26.74
N GLN F 134 -7.20 39.62 -27.99
CA GLN F 134 -6.67 40.59 -28.93
C GLN F 134 -7.60 41.79 -28.98
N GLU F 135 -8.72 41.68 -28.27
CA GLU F 135 -9.73 42.75 -28.19
C GLU F 135 -9.41 43.72 -27.07
N GLY F 136 -9.05 43.16 -25.92
CA GLY F 136 -8.75 43.98 -24.76
C GLY F 136 -8.97 43.10 -23.54
N ALA F 137 -9.46 41.90 -23.81
CA ALA F 137 -9.71 40.93 -22.75
C ALA F 137 -8.37 40.27 -22.46
N SER F 138 -8.40 39.22 -21.65
CA SER F 138 -7.18 38.50 -21.31
C SER F 138 -7.53 37.12 -20.79
N VAL F 139 -7.19 36.09 -21.57
CA VAL F 139 -7.48 34.72 -21.18
C VAL F 139 -6.34 34.16 -20.34
N GLU F 140 -6.68 33.57 -19.20
CA GLU F 140 -5.66 33.00 -18.32
C GLU F 140 -6.11 31.74 -17.59
N ILE F 141 -5.13 30.92 -17.21
CA ILE F 141 -5.41 29.67 -16.50
C ILE F 141 -5.45 29.86 -14.99
N MET F 142 -6.47 29.28 -14.37
CA MET F 142 -6.64 29.38 -12.93
C MET F 142 -5.54 28.64 -12.19
N GLY F 143 -4.78 29.39 -11.39
CA GLY F 143 -3.73 28.79 -10.59
C GLY F 143 -4.26 28.57 -9.19
N TYR F 144 -3.39 28.32 -8.22
CA TYR F 144 -3.84 28.11 -6.86
C TYR F 144 -4.48 29.39 -6.31
N LYS F 145 -3.86 30.53 -6.59
CA LYS F 145 -4.35 31.82 -6.11
C LYS F 145 -5.78 32.14 -6.52
N ASP F 146 -6.10 31.89 -7.79
CA ASP F 146 -7.43 32.15 -8.31
C ASP F 146 -8.50 31.21 -7.73
N PHE F 147 -8.23 29.90 -7.78
CA PHE F 147 -9.17 28.91 -7.23
C PHE F 147 -9.54 29.30 -5.81
N LYS F 148 -8.55 29.67 -5.03
CA LYS F 148 -8.75 30.09 -3.66
C LYS F 148 -9.81 31.18 -3.64
N TYR F 149 -9.64 32.18 -4.50
CA TYR F 149 -10.58 33.29 -4.57
C TYR F 149 -12.01 32.79 -4.63
N CYS F 150 -12.31 31.94 -5.61
CA CYS F 150 -13.65 31.39 -5.78
C CYS F 150 -14.21 30.69 -4.55
N TRP F 151 -13.39 29.86 -3.92
CA TRP F 151 -13.81 29.13 -2.72
C TRP F 151 -14.12 30.08 -1.59
N GLU F 152 -13.96 31.37 -1.85
CA GLU F 152 -14.22 32.36 -0.84
C GLU F 152 -15.39 33.28 -1.20
N ASN F 153 -15.54 33.56 -2.49
CA ASN F 153 -16.58 34.47 -2.96
C ASN F 153 -17.71 33.88 -3.78
N PHE F 154 -17.50 32.71 -4.35
CA PHE F 154 -18.55 32.12 -5.17
C PHE F 154 -19.08 30.78 -4.68
N VAL F 155 -18.71 30.39 -3.46
CA VAL F 155 -19.15 29.13 -2.90
C VAL F 155 -19.63 29.24 -1.44
N TYR F 156 -20.59 28.39 -1.05
CA TYR F 156 -21.11 28.38 0.31
C TYR F 156 -20.16 27.52 1.13
N ASN F 157 -18.89 27.89 1.08
CA ASN F 157 -17.82 27.16 1.78
C ASN F 157 -18.11 26.94 3.27
N ASP F 158 -19.12 27.63 3.77
CA ASP F 158 -19.51 27.53 5.18
C ASP F 158 -18.29 27.79 6.08
N ASP F 159 -17.55 28.85 5.75
CA ASP F 159 -16.37 29.21 6.55
C ASP F 159 -15.47 27.98 6.70
N GLU F 160 -14.79 27.60 5.62
CA GLU F 160 -13.91 26.45 5.63
C GLU F 160 -12.67 26.67 4.76
N PRO F 161 -11.53 26.06 5.14
CA PRO F 161 -10.29 26.21 4.38
C PRO F 161 -10.38 25.60 2.98
N PHE F 162 -9.64 26.17 2.05
CA PHE F 162 -9.67 25.71 0.66
C PHE F 162 -9.39 24.22 0.45
N LYS F 163 -8.16 23.78 0.72
CA LYS F 163 -7.78 22.37 0.54
C LYS F 163 -7.82 22.01 -0.95
N PRO F 164 -6.71 22.25 -1.68
CA PRO F 164 -6.67 21.92 -3.10
C PRO F 164 -6.85 20.44 -3.39
N TRP F 165 -6.05 19.92 -4.32
CA TRP F 165 -6.14 18.52 -4.70
C TRP F 165 -4.90 18.17 -5.49
N LYS F 166 -4.43 16.93 -5.33
CA LYS F 166 -3.23 16.51 -6.05
C LYS F 166 -3.26 16.93 -7.51
N GLY F 167 -2.13 17.45 -7.99
CA GLY F 167 -2.04 17.87 -9.38
C GLY F 167 -2.77 19.15 -9.75
N LEU F 168 -2.88 20.08 -8.81
CA LEU F 168 -3.55 21.35 -9.11
C LEU F 168 -2.53 22.26 -9.79
N LYS F 169 -1.39 22.43 -9.13
CA LYS F 169 -0.31 23.27 -9.66
C LYS F 169 0.29 22.63 -10.92
N TYR F 170 0.43 21.31 -10.89
CA TYR F 170 1.00 20.55 -12.01
C TYR F 170 0.13 20.70 -13.24
N ASN F 171 -1.15 20.37 -13.12
CA ASN F 171 -2.08 20.51 -14.23
C ASN F 171 -2.11 22.00 -14.63
N PHE F 172 -2.09 22.87 -13.64
CA PHE F 172 -2.10 24.31 -13.87
C PHE F 172 -0.99 24.71 -14.85
N LEU F 173 0.25 24.43 -14.45
CA LEU F 173 1.40 24.78 -15.29
C LEU F 173 1.29 24.26 -16.72
N PHE F 174 1.07 22.95 -16.86
CA PHE F 174 0.95 22.34 -18.20
C PHE F 174 -0.14 23.02 -19.04
N LEU F 175 -1.24 23.38 -18.39
CA LEU F 175 -2.35 24.04 -19.09
C LEU F 175 -1.93 25.44 -19.54
N ASP F 176 -1.19 26.12 -18.68
CA ASP F 176 -0.72 27.47 -18.98
C ASP F 176 0.19 27.47 -20.21
N SER F 177 1.18 26.58 -20.23
CA SER F 177 2.12 26.50 -21.34
C SER F 177 1.41 26.10 -22.64
N LYS F 178 0.41 25.25 -22.53
CA LYS F 178 -0.34 24.82 -23.70
C LYS F 178 -1.17 25.98 -24.24
N LEU F 179 -1.51 26.91 -23.35
CA LEU F 179 -2.28 28.08 -23.75
C LEU F 179 -1.34 29.11 -24.36
N GLN F 180 -0.26 29.41 -23.65
CA GLN F 180 0.73 30.37 -24.13
C GLN F 180 1.31 30.01 -25.49
N GLU F 181 1.16 28.75 -25.87
CA GLU F 181 1.64 28.27 -27.15
C GLU F 181 0.71 28.82 -28.21
N ILE F 182 -0.59 28.66 -27.98
CA ILE F 182 -1.60 29.15 -28.91
C ILE F 182 -1.64 30.67 -28.82
N LEU F 183 -2.06 31.17 -27.66
CA LEU F 183 -2.15 32.61 -27.41
C LEU F 183 -0.83 33.26 -27.80
N GLU F 184 -0.79 33.83 -29.00
CA GLU F 184 0.41 34.48 -29.50
C GLU F 184 0.06 35.52 -30.56
N ASN G 1 44.20 -7.12 0.19
CA ASN G 1 45.24 -6.13 0.60
C ASN G 1 46.56 -6.42 -0.10
N PRO G 2 46.66 -6.07 -1.40
CA PRO G 2 45.60 -5.44 -2.18
C PRO G 2 44.77 -6.42 -3.03
N MET G 3 43.53 -6.69 -2.62
CA MET G 3 42.68 -7.60 -3.38
C MET G 3 42.23 -6.89 -4.66
N GLU G 4 41.82 -7.66 -5.67
CA GLU G 4 41.42 -7.09 -6.94
C GLU G 4 39.98 -6.65 -7.13
N ALA G 5 39.04 -7.23 -6.37
CA ALA G 5 37.65 -6.85 -6.54
C ALA G 5 36.71 -7.21 -5.40
N MET G 6 35.55 -6.55 -5.38
CA MET G 6 34.56 -6.77 -4.35
C MET G 6 33.40 -7.56 -4.92
N TYR G 7 32.85 -8.47 -4.12
CA TYR G 7 31.72 -9.26 -4.57
C TYR G 7 30.57 -8.27 -4.78
N PRO G 8 29.58 -8.62 -5.62
CA PRO G 8 28.45 -7.73 -5.87
C PRO G 8 27.77 -7.21 -4.60
N HIS G 9 27.22 -8.12 -3.81
CA HIS G 9 26.52 -7.76 -2.57
C HIS G 9 27.33 -6.88 -1.60
N ILE G 10 28.64 -7.03 -1.61
CA ILE G 10 29.54 -6.25 -0.73
C ILE G 10 29.62 -4.79 -1.17
N PHE G 11 29.62 -4.59 -2.49
CA PHE G 11 29.69 -3.27 -3.08
C PHE G 11 28.45 -2.45 -2.72
N TYR G 12 27.30 -2.83 -3.27
CA TYR G 12 26.04 -2.13 -3.03
C TYR G 12 25.83 -1.75 -1.57
N PHE G 13 26.43 -2.50 -0.64
CA PHE G 13 26.24 -2.21 0.78
C PHE G 13 27.14 -1.12 1.35
N HIS G 14 28.45 -1.36 1.37
CA HIS G 14 29.38 -0.38 1.91
C HIS G 14 29.54 0.89 1.07
N PHE G 15 28.89 0.92 -0.10
CA PHE G 15 29.00 2.08 -0.98
C PHE G 15 27.73 2.91 -1.16
N LYS G 16 26.64 2.53 -0.50
CA LYS G 16 25.40 3.29 -0.63
C LYS G 16 25.55 4.64 0.04
N ASN G 17 25.58 5.69 -0.77
CA ASN G 17 25.72 7.04 -0.25
C ASN G 17 24.44 7.50 0.42
N LEU G 18 24.27 7.09 1.68
CA LEU G 18 23.10 7.47 2.44
C LEU G 18 23.53 8.39 3.57
N ARG G 19 22.56 9.04 4.21
CA ARG G 19 22.87 9.93 5.30
C ARG G 19 22.79 9.12 6.61
N LYS G 20 21.78 8.28 6.72
CA LYS G 20 21.58 7.45 7.91
C LYS G 20 22.28 6.09 7.81
N ALA G 21 22.97 5.86 6.70
CA ALA G 21 23.70 4.60 6.48
C ALA G 21 24.51 4.18 7.71
N TYR G 22 23.86 3.42 8.58
CA TYR G 22 24.50 2.95 9.79
C TYR G 22 24.85 1.48 9.58
N GLY G 23 26.08 1.09 9.89
CA GLY G 23 26.47 -0.31 9.72
C GLY G 23 27.79 -0.49 8.99
N ARG G 24 28.39 0.62 8.57
CA ARG G 24 29.67 0.59 7.88
C ARG G 24 30.82 0.83 8.86
N ASN G 25 31.27 -0.25 9.48
CA ASN G 25 32.37 -0.18 10.45
C ASN G 25 33.69 -0.52 9.75
N GLU G 26 33.83 -0.01 8.54
CA GLU G 26 35.01 -0.23 7.71
C GLU G 26 34.93 0.62 6.44
N SER G 27 36.06 1.15 5.97
CA SER G 27 36.03 1.93 4.74
C SER G 27 36.71 1.13 3.64
N TRP G 28 36.27 1.33 2.41
CA TRP G 28 36.85 0.62 1.27
C TRP G 28 37.49 1.60 0.31
N LEU G 29 38.71 1.28 -0.13
CA LEU G 29 39.43 2.15 -1.05
C LEU G 29 39.71 1.42 -2.34
N CYS G 30 39.23 1.97 -3.45
CA CYS G 30 39.47 1.38 -4.75
C CYS G 30 40.39 2.32 -5.50
N PHE G 31 41.11 1.82 -6.50
CA PHE G 31 42.01 2.70 -7.22
C PHE G 31 42.54 2.17 -8.52
N THR G 32 42.91 3.10 -9.39
CA THR G 32 43.47 2.81 -10.69
C THR G 32 44.68 3.72 -10.82
N MET G 33 45.84 3.12 -11.00
CA MET G 33 47.09 3.87 -11.13
C MET G 33 47.37 4.07 -12.62
N GLU G 34 48.37 4.88 -12.94
CA GLU G 34 48.75 5.08 -14.32
C GLU G 34 50.20 5.54 -14.33
N VAL G 35 51.08 4.55 -14.41
CA VAL G 35 52.53 4.78 -14.40
C VAL G 35 53.05 5.19 -15.76
N VAL G 36 53.85 6.26 -15.77
CA VAL G 36 54.46 6.77 -16.99
C VAL G 36 55.94 7.09 -16.75
N LYS G 37 56.79 6.09 -17.02
CA LYS G 37 58.24 6.21 -16.84
C LYS G 37 58.85 7.01 -18.00
N HIS G 38 57.97 7.54 -18.84
CA HIS G 38 58.34 8.38 -19.98
C HIS G 38 58.94 7.68 -21.19
N HIS G 39 59.76 6.66 -20.96
CA HIS G 39 60.40 5.93 -22.04
C HIS G 39 59.99 4.46 -22.09
N SER G 40 58.70 4.21 -21.92
CA SER G 40 58.15 2.85 -21.93
C SER G 40 56.64 2.90 -22.15
N PRO G 41 55.99 1.73 -22.27
CA PRO G 41 54.54 1.70 -22.46
C PRO G 41 53.82 2.18 -21.19
N VAL G 42 52.72 2.91 -21.35
CA VAL G 42 51.98 3.40 -20.20
C VAL G 42 51.28 2.25 -19.49
N SER G 43 51.83 1.82 -18.34
CA SER G 43 51.23 0.73 -17.59
C SER G 43 50.24 1.23 -16.53
N TRP G 44 49.62 0.31 -15.78
CA TRP G 44 48.66 0.67 -14.75
C TRP G 44 48.78 -0.18 -13.48
N LYS G 45 47.87 0.03 -12.53
CA LYS G 45 47.84 -0.71 -11.27
C LYS G 45 46.47 -0.59 -10.60
N ARG G 46 45.66 -1.65 -10.67
CA ARG G 46 44.32 -1.67 -10.08
C ARG G 46 44.38 -2.16 -8.64
N GLY G 47 43.20 -2.37 -8.05
CA GLY G 47 43.15 -2.87 -6.68
C GLY G 47 42.07 -2.29 -5.79
N VAL G 48 41.91 -2.94 -4.63
CA VAL G 48 40.95 -2.56 -3.60
C VAL G 48 41.56 -2.79 -2.21
N PHE G 49 41.14 -2.00 -1.23
CA PHE G 49 41.68 -2.12 0.12
C PHE G 49 40.60 -2.09 1.20
N ARG G 50 40.52 -3.13 2.01
CA ARG G 50 39.56 -3.13 3.10
C ARG G 50 40.37 -2.47 4.19
N ASN G 51 39.73 -1.90 5.20
CA ASN G 51 40.49 -1.28 6.27
C ASN G 51 41.09 -2.35 7.20
N GLN G 52 41.42 -1.95 8.43
CA GLN G 52 41.99 -2.88 9.39
C GLN G 52 41.40 -2.69 10.79
N VAL G 53 41.30 -3.79 11.53
CA VAL G 53 40.79 -3.80 12.91
C VAL G 53 41.38 -5.06 13.58
N ASP G 54 42.62 -5.39 13.21
CA ASP G 54 43.33 -6.55 13.75
C ASP G 54 44.54 -6.11 14.57
N PRO G 55 45.20 -7.05 15.27
CA PRO G 55 46.39 -6.75 16.09
C PRO G 55 47.38 -5.73 15.53
N GLU G 56 48.12 -6.12 14.48
CA GLU G 56 49.11 -5.25 13.87
C GLU G 56 48.52 -4.26 12.86
N THR G 57 49.07 -3.05 12.84
CA THR G 57 48.66 -1.97 11.94
C THR G 57 47.14 -1.74 11.80
N HIS G 58 46.60 -0.85 12.64
CA HIS G 58 45.19 -0.50 12.63
C HIS G 58 44.97 0.64 11.62
N CYS G 59 45.48 0.44 10.40
CA CYS G 59 45.38 1.43 9.32
C CYS G 59 43.93 1.57 8.82
N HIS G 60 43.50 2.80 8.61
CA HIS G 60 42.13 3.05 8.13
C HIS G 60 41.97 2.94 6.62
N ALA G 61 42.46 1.84 6.04
CA ALA G 61 42.36 1.60 4.59
C ALA G 61 43.17 2.60 3.76
N GLU G 62 43.07 3.88 4.13
CA GLU G 62 43.81 4.92 3.45
C GLU G 62 45.27 4.88 3.87
N ARG G 63 45.50 4.55 5.14
CA ARG G 63 46.86 4.46 5.68
C ARG G 63 47.60 3.26 5.10
N CYS G 64 46.86 2.20 4.77
CA CYS G 64 47.47 0.99 4.24
C CYS G 64 47.88 1.10 2.78
N PHE G 65 47.27 2.03 2.04
CA PHE G 65 47.59 2.23 0.63
C PHE G 65 48.94 2.95 0.51
N LEU G 66 49.20 3.86 1.45
CA LEU G 66 50.45 4.60 1.43
C LEU G 66 51.64 3.67 1.70
N SER G 67 51.45 2.69 2.57
CA SER G 67 52.51 1.73 2.91
C SER G 67 52.78 0.80 1.74
N TRP G 68 51.73 0.46 1.01
CA TRP G 68 51.82 -0.43 -0.15
C TRP G 68 52.43 0.29 -1.35
N PHE G 69 52.16 1.58 -1.46
CA PHE G 69 52.66 2.39 -2.59
C PHE G 69 54.01 3.04 -2.32
N CYS G 70 54.46 2.99 -1.07
CA CYS G 70 55.71 3.63 -0.71
C CYS G 70 56.97 2.84 -1.07
N ASP G 71 56.99 1.55 -0.77
CA ASP G 71 58.17 0.71 -1.06
C ASP G 71 58.01 -0.30 -2.20
N ASP G 72 56.82 -0.88 -2.34
CA ASP G 72 56.55 -1.86 -3.40
C ASP G 72 56.52 -1.20 -4.78
N ILE G 73 55.93 0.00 -4.85
CA ILE G 73 55.86 0.75 -6.10
C ILE G 73 56.62 2.06 -5.90
N LEU G 74 56.26 3.08 -6.66
CA LEU G 74 56.90 4.38 -6.57
C LEU G 74 58.35 4.34 -7.03
N SER G 75 58.57 4.52 -8.33
CA SER G 75 59.90 4.54 -8.92
C SER G 75 60.33 5.99 -9.08
N PRO G 76 61.40 6.41 -8.38
CA PRO G 76 61.87 7.79 -8.46
C PRO G 76 61.98 8.28 -9.91
N ASN G 77 61.37 9.44 -10.18
CA ASN G 77 61.38 10.05 -11.51
C ASN G 77 60.37 9.36 -12.45
N THR G 78 59.11 9.29 -12.02
CA THR G 78 58.04 8.65 -12.79
C THR G 78 56.68 9.20 -12.33
N ASN G 79 55.99 9.93 -13.20
CA ASN G 79 54.68 10.52 -12.86
C ASN G 79 53.60 9.46 -12.59
N TYR G 80 52.81 9.69 -11.55
CA TYR G 80 51.75 8.76 -11.18
C TYR G 80 50.37 9.39 -11.18
N GLU G 81 49.44 8.71 -11.84
CA GLU G 81 48.06 9.18 -11.91
C GLU G 81 47.19 8.31 -11.04
N VAL G 82 47.02 8.72 -9.79
CA VAL G 82 46.21 7.96 -8.85
C VAL G 82 44.78 8.46 -8.74
N THR G 83 43.85 7.51 -8.70
CA THR G 83 42.42 7.82 -8.59
C THR G 83 41.81 6.89 -7.55
N TRP G 84 41.31 7.45 -6.47
CA TRP G 84 40.69 6.65 -5.41
C TRP G 84 39.19 6.57 -5.60
N TYR G 85 38.54 5.77 -4.74
CA TYR G 85 37.10 5.60 -4.77
C TYR G 85 36.68 5.13 -3.38
N THR G 86 37.04 5.92 -2.38
CA THR G 86 36.74 5.64 -0.98
C THR G 86 35.26 5.71 -0.65
N SER G 87 34.78 4.71 0.09
CA SER G 87 33.38 4.66 0.50
C SER G 87 33.20 5.64 1.65
N TRP G 88 34.10 5.57 2.62
CA TRP G 88 34.08 6.44 3.78
C TRP G 88 35.13 7.55 3.63
N SER G 89 34.66 8.80 3.57
CA SER G 89 35.53 9.96 3.44
C SER G 89 36.79 9.83 4.31
N PRO G 90 37.92 10.40 3.86
CA PRO G 90 39.18 10.35 4.59
C PRO G 90 39.06 10.82 6.05
N CYS G 91 39.47 9.97 6.99
CA CYS G 91 39.41 10.30 8.41
C CYS G 91 40.34 11.48 8.77
N PRO G 92 40.08 12.16 9.89
CA PRO G 92 40.87 13.31 10.34
C PRO G 92 42.38 13.19 10.18
N GLU G 93 42.98 12.27 10.95
CA GLU G 93 44.42 12.04 10.92
C GLU G 93 44.92 11.44 9.61
N CYS G 94 43.98 11.08 8.73
CA CYS G 94 44.32 10.49 7.44
C CYS G 94 44.32 11.55 6.35
N ALA G 95 43.37 12.50 6.42
CA ALA G 95 43.28 13.57 5.44
C ALA G 95 44.57 14.35 5.41
N GLY G 96 45.18 14.53 6.59
CA GLY G 96 46.43 15.26 6.67
C GLY G 96 47.59 14.33 6.41
N GLU G 97 47.46 13.07 6.81
CA GLU G 97 48.51 12.07 6.62
C GLU G 97 48.76 11.85 5.13
N VAL G 98 47.77 12.18 4.29
CA VAL G 98 47.88 12.02 2.85
C VAL G 98 48.34 13.33 2.21
N ALA G 99 47.97 14.44 2.83
CA ALA G 99 48.35 15.75 2.30
C ALA G 99 49.85 15.94 2.44
N GLU G 100 50.42 15.38 3.51
CA GLU G 100 51.85 15.48 3.77
C GLU G 100 52.60 14.52 2.85
N PHE G 101 51.91 13.49 2.40
CA PHE G 101 52.47 12.51 1.48
C PHE G 101 52.54 13.17 0.11
N LEU G 102 51.38 13.58 -0.42
CA LEU G 102 51.30 14.24 -1.72
C LEU G 102 52.29 15.40 -1.80
N ALA G 103 52.56 16.01 -0.66
CA ALA G 103 53.47 17.15 -0.59
C ALA G 103 54.87 16.78 -1.07
N ARG G 104 55.49 15.83 -0.39
CA ARG G 104 56.83 15.39 -0.73
C ARG G 104 56.93 14.65 -2.07
N HIS G 105 55.99 13.76 -2.33
CA HIS G 105 56.02 13.04 -3.59
C HIS G 105 55.26 13.84 -4.64
N SER G 106 55.94 14.85 -5.19
CA SER G 106 55.39 15.75 -6.19
C SER G 106 54.99 15.05 -7.47
N ASN G 107 55.76 14.04 -7.86
CA ASN G 107 55.49 13.29 -9.09
C ASN G 107 54.19 12.50 -9.00
N VAL G 108 53.54 12.56 -7.85
CA VAL G 108 52.27 11.86 -7.62
C VAL G 108 51.08 12.81 -7.66
N ASN G 109 50.19 12.60 -8.63
CA ASN G 109 48.99 13.42 -8.76
C ASN G 109 47.82 12.55 -8.29
N LEU G 110 46.91 13.13 -7.52
CA LEU G 110 45.77 12.39 -7.00
C LEU G 110 44.43 13.12 -7.16
N THR G 111 43.35 12.34 -7.20
CA THR G 111 41.99 12.85 -7.33
C THR G 111 41.06 11.83 -6.66
N ILE G 112 40.47 12.22 -5.53
CA ILE G 112 39.58 11.31 -4.81
C ILE G 112 38.10 11.49 -5.08
N PHE G 113 37.37 10.37 -5.04
CA PHE G 113 35.92 10.35 -5.25
C PHE G 113 35.30 9.57 -4.11
N THR G 114 34.74 10.28 -3.12
CA THR G 114 34.14 9.61 -1.99
C THR G 114 32.65 9.37 -2.17
N ALA G 115 32.13 8.35 -1.49
CA ALA G 115 30.71 8.01 -1.57
C ALA G 115 29.94 8.75 -0.49
N ARG G 116 30.43 8.69 0.74
CA ARG G 116 29.82 9.35 1.89
C ARG G 116 30.84 10.22 2.63
N LEU G 117 30.35 11.23 3.36
CA LEU G 117 31.22 12.12 4.12
C LEU G 117 31.12 11.87 5.63
N TYR G 118 32.28 11.65 6.24
CA TYR G 118 32.40 11.38 7.67
C TYR G 118 32.23 12.59 8.58
N TYR G 119 31.04 12.76 9.16
CA TYR G 119 30.75 13.86 10.05
C TYR G 119 31.31 15.18 9.50
N PHE G 120 30.60 15.78 8.54
CA PHE G 120 31.05 17.03 7.92
C PHE G 120 30.99 18.27 8.82
N TRP G 121 30.37 18.14 9.98
CA TRP G 121 30.24 19.27 10.91
C TRP G 121 31.57 19.51 11.61
N ASP G 122 32.31 18.43 11.86
CA ASP G 122 33.59 18.50 12.56
C ASP G 122 34.65 19.36 11.86
N THR G 123 35.57 19.88 12.67
CA THR G 123 36.67 20.72 12.19
C THR G 123 37.82 19.89 11.64
N ASP G 124 38.35 18.99 12.46
CA ASP G 124 39.47 18.14 12.08
C ASP G 124 39.33 17.46 10.72
N TYR G 125 38.10 17.24 10.27
CA TYR G 125 37.88 16.63 8.96
C TYR G 125 38.03 17.72 7.90
N GLN G 126 37.51 18.90 8.18
CA GLN G 126 37.59 20.03 7.27
C GLN G 126 39.02 20.53 7.11
N GLU G 127 39.80 20.40 8.17
CA GLU G 127 41.21 20.82 8.15
C GLU G 127 41.92 19.97 7.09
N GLY G 128 41.86 18.66 7.27
CA GLY G 128 42.49 17.75 6.33
C GLY G 128 41.86 17.80 4.96
N LEU G 129 40.56 17.57 4.90
CA LEU G 129 39.84 17.58 3.63
C LEU G 129 39.99 18.89 2.86
N ARG G 130 40.58 19.91 3.48
CA ARG G 130 40.77 21.18 2.81
C ARG G 130 42.19 21.27 2.24
N SER G 131 43.17 21.20 3.13
CA SER G 131 44.57 21.28 2.73
C SER G 131 44.92 20.15 1.75
N LEU G 132 44.02 19.18 1.64
CA LEU G 132 44.22 18.03 0.78
C LEU G 132 43.99 18.40 -0.69
N SER G 133 42.91 19.12 -0.96
CA SER G 133 42.60 19.53 -2.33
C SER G 133 43.36 20.82 -2.61
N GLN G 134 44.13 21.25 -1.62
CA GLN G 134 44.91 22.47 -1.75
C GLN G 134 46.35 22.09 -2.11
N GLU G 135 46.62 20.79 -2.13
CA GLU G 135 47.94 20.24 -2.46
C GLU G 135 48.09 20.05 -3.97
N GLY G 136 47.05 19.49 -4.58
CA GLY G 136 47.07 19.22 -6.00
C GLY G 136 46.07 18.11 -6.25
N ALA G 137 45.53 17.58 -5.15
CA ALA G 137 44.55 16.53 -5.21
C ALA G 137 43.22 17.20 -5.51
N SER G 138 42.14 16.43 -5.44
CA SER G 138 40.81 16.97 -5.68
C SER G 138 39.77 16.04 -5.09
N VAL G 139 39.10 16.51 -4.04
CA VAL G 139 38.07 15.72 -3.38
C VAL G 139 36.73 15.93 -4.05
N GLU G 140 36.03 14.84 -4.37
CA GLU G 140 34.74 14.94 -5.02
C GLU G 140 33.76 13.85 -4.60
N ILE G 141 32.46 14.14 -4.71
CA ILE G 141 31.41 13.21 -4.34
C ILE G 141 31.03 12.31 -5.51
N MET G 142 30.90 11.01 -5.23
CA MET G 142 30.54 10.04 -6.24
C MET G 142 29.11 10.24 -6.74
N GLY G 143 28.98 10.51 -8.03
CA GLY G 143 27.66 10.68 -8.61
C GLY G 143 27.27 9.38 -9.26
N TYR G 144 26.26 9.39 -10.12
CA TYR G 144 25.85 8.17 -10.79
C TYR G 144 26.95 7.66 -11.73
N LYS G 145 27.58 8.59 -12.46
CA LYS G 145 28.63 8.25 -13.41
C LYS G 145 29.81 7.49 -12.78
N ASP G 146 30.25 7.95 -11.61
CA ASP G 146 31.37 7.33 -10.92
C ASP G 146 31.01 5.96 -10.35
N PHE G 147 29.90 5.86 -9.62
CA PHE G 147 29.46 4.58 -9.06
C PHE G 147 29.43 3.53 -10.16
N LYS G 148 28.88 3.91 -11.31
CA LYS G 148 28.80 3.03 -12.46
C LYS G 148 30.20 2.48 -12.76
N TYR G 149 31.17 3.38 -12.83
CA TYR G 149 32.55 2.99 -13.10
C TYR G 149 32.97 1.81 -12.21
N CYS G 150 32.85 1.98 -10.90
CA CYS G 150 33.23 0.93 -9.95
C CYS G 150 32.55 -0.42 -10.19
N TRP G 151 31.25 -0.39 -10.44
CA TRP G 151 30.47 -1.61 -10.69
C TRP G 151 30.95 -2.30 -11.95
N GLU G 152 31.93 -1.71 -12.61
CA GLU G 152 32.45 -2.27 -13.83
C GLU G 152 33.89 -2.72 -13.69
N ASN G 153 34.66 -1.96 -12.92
CA ASN G 153 36.08 -2.24 -12.75
C ASN G 153 36.54 -2.75 -11.41
N PHE G 154 35.76 -2.52 -10.36
CA PHE G 154 36.20 -2.97 -9.05
C PHE G 154 35.29 -4.01 -8.38
N VAL G 155 34.34 -4.55 -9.14
CA VAL G 155 33.41 -5.56 -8.61
C VAL G 155 33.23 -6.77 -9.52
N TYR G 156 33.00 -7.94 -8.92
CA TYR G 156 32.78 -9.17 -9.70
C TYR G 156 31.30 -9.15 -10.11
N ASN G 157 30.89 -8.06 -10.76
CA ASN G 157 29.51 -7.87 -11.20
C ASN G 157 28.94 -9.02 -12.02
N ASP G 158 29.82 -9.94 -12.42
CA ASP G 158 29.42 -11.10 -13.21
C ASP G 158 28.63 -10.66 -14.45
N ASP G 159 29.15 -9.64 -15.14
CA ASP G 159 28.50 -9.14 -16.34
C ASP G 159 27.02 -8.86 -16.04
N GLU G 160 26.78 -7.78 -15.28
CA GLU G 160 25.42 -7.40 -14.91
C GLU G 160 25.23 -5.88 -14.88
N PRO G 161 24.02 -5.40 -15.21
CA PRO G 161 23.74 -3.96 -15.21
C PRO G 161 23.86 -3.35 -13.82
N PHE G 162 24.21 -2.08 -13.76
CA PHE G 162 24.39 -1.37 -12.51
C PHE G 162 23.20 -1.41 -11.56
N LYS G 163 22.11 -0.74 -11.94
CA LYS G 163 20.90 -0.68 -11.10
C LYS G 163 21.19 0.10 -9.82
N PRO G 164 21.03 1.43 -9.85
CA PRO G 164 21.29 2.23 -8.66
C PRO G 164 20.38 1.91 -7.48
N TRP G 165 19.91 2.94 -6.81
CA TRP G 165 19.05 2.76 -5.65
C TRP G 165 18.38 4.09 -5.34
N LYS G 166 17.14 4.06 -4.86
CA LYS G 166 16.42 5.29 -4.54
C LYS G 166 17.30 6.25 -3.76
N GLY G 167 17.26 7.53 -4.13
CA GLY G 167 18.04 8.53 -3.43
C GLY G 167 19.54 8.54 -3.69
N LEU G 168 19.97 8.11 -4.87
CA LEU G 168 21.39 8.10 -5.20
C LEU G 168 21.77 9.50 -5.64
N LYS G 169 21.04 10.01 -6.63
CA LYS G 169 21.29 11.34 -7.16
C LYS G 169 20.93 12.41 -6.12
N TYR G 170 19.85 12.16 -5.37
CA TYR G 170 19.38 13.09 -4.34
C TYR G 170 20.44 13.21 -3.24
N ASN G 171 20.84 12.08 -2.66
CA ASN G 171 21.87 12.08 -1.63
C ASN G 171 23.15 12.67 -2.21
N PHE G 172 23.43 12.31 -3.47
CA PHE G 172 24.62 12.80 -4.15
C PHE G 172 24.66 14.33 -4.13
N LEU G 173 23.65 14.96 -4.70
CA LEU G 173 23.58 16.42 -4.75
C LEU G 173 23.77 17.07 -3.38
N PHE G 174 22.96 16.67 -2.40
CA PHE G 174 23.05 17.23 -1.04
C PHE G 174 24.46 17.09 -0.46
N LEU G 175 25.10 15.94 -0.73
CA LEU G 175 26.45 15.70 -0.24
C LEU G 175 27.45 16.62 -0.93
N ASP G 176 27.24 16.85 -2.23
CA ASP G 176 28.11 17.71 -2.99
C ASP G 176 28.08 19.15 -2.46
N SER G 177 26.89 19.69 -2.28
CA SER G 177 26.71 21.06 -1.78
C SER G 177 27.28 21.22 -0.36
N LYS G 178 27.15 20.16 0.46
CA LYS G 178 27.66 20.19 1.83
C LYS G 178 29.18 20.18 1.81
N LEU G 179 29.75 19.63 0.73
CA LEU G 179 31.19 19.57 0.58
C LEU G 179 31.68 20.91 0.04
N GLN G 180 31.06 21.38 -1.03
CA GLN G 180 31.43 22.65 -1.65
C GLN G 180 31.34 23.82 -0.68
N GLU G 181 30.61 23.62 0.41
CA GLU G 181 30.47 24.65 1.43
C GLU G 181 31.78 24.72 2.20
N ILE G 182 32.28 23.55 2.61
CA ILE G 182 33.53 23.47 3.33
C ILE G 182 34.67 23.76 2.35
N LEU G 183 34.84 22.87 1.38
CA LEU G 183 35.88 23.01 0.37
C LEU G 183 35.81 24.41 -0.24
N GLU G 184 36.66 25.29 0.24
CA GLU G 184 36.69 26.68 -0.23
C GLU G 184 38.06 27.31 0.03
N ASN H 1 -12.59 -9.71 -34.46
CA ASN H 1 -11.69 -8.53 -34.60
C ASN H 1 -12.45 -7.32 -35.18
N PRO H 2 -12.23 -6.11 -34.62
CA PRO H 2 -11.32 -5.81 -33.50
C PRO H 2 -11.81 -6.26 -32.11
N MET H 3 -11.05 -7.15 -31.45
CA MET H 3 -11.40 -7.65 -30.12
C MET H 3 -11.16 -6.56 -29.06
N GLU H 4 -11.86 -6.65 -27.94
CA GLU H 4 -11.74 -5.64 -26.89
C GLU H 4 -10.97 -6.02 -25.64
N ALA H 5 -9.97 -6.88 -25.76
CA ALA H 5 -9.19 -7.28 -24.59
C ALA H 5 -8.13 -8.32 -24.91
N MET H 6 -6.91 -8.06 -24.44
CA MET H 6 -5.79 -8.97 -24.66
C MET H 6 -5.67 -9.90 -23.48
N TYR H 7 -5.39 -11.16 -23.76
CA TYR H 7 -5.22 -12.15 -22.71
C TYR H 7 -3.88 -11.75 -22.05
N PRO H 8 -3.79 -11.83 -20.70
CA PRO H 8 -2.59 -11.48 -19.94
C PRO H 8 -1.22 -11.72 -20.58
N HIS H 9 -1.01 -12.85 -21.25
CA HIS H 9 0.29 -13.10 -21.87
C HIS H 9 0.48 -12.30 -23.16
N ILE H 10 -0.55 -12.26 -24.00
CA ILE H 10 -0.50 -11.51 -25.27
C ILE H 10 0.02 -10.11 -24.98
N PHE H 11 -0.29 -9.62 -23.78
CA PHE H 11 0.14 -8.31 -23.37
C PHE H 11 1.63 -8.34 -23.05
N TYR H 12 2.02 -9.23 -22.15
CA TYR H 12 3.42 -9.35 -21.75
C TYR H 12 4.38 -9.74 -22.88
N PHE H 13 3.97 -10.70 -23.70
CA PHE H 13 4.81 -11.16 -24.79
C PHE H 13 4.96 -10.13 -25.91
N HIS H 14 3.99 -9.23 -26.04
CA HIS H 14 4.02 -8.21 -27.10
C HIS H 14 4.13 -6.74 -26.69
N PHE H 15 4.15 -6.45 -25.39
CA PHE H 15 4.24 -5.06 -24.93
C PHE H 15 5.48 -4.75 -24.10
N LYS H 16 6.38 -5.73 -24.00
CA LYS H 16 7.61 -5.54 -23.23
C LYS H 16 8.64 -4.83 -24.10
N ASN H 17 9.11 -3.67 -23.65
CA ASN H 17 10.10 -2.94 -24.42
C ASN H 17 11.51 -3.52 -24.29
N LEU H 18 11.70 -4.71 -24.87
CA LEU H 18 12.99 -5.40 -24.86
C LEU H 18 13.62 -5.30 -26.26
N ARG H 19 14.27 -4.16 -26.52
CA ARG H 19 14.92 -3.87 -27.79
C ARG H 19 15.47 -5.07 -28.59
N LYS H 20 16.74 -5.40 -28.41
CA LYS H 20 17.37 -6.53 -29.12
C LYS H 20 16.78 -7.90 -28.76
N ALA H 21 15.72 -7.92 -27.95
CA ALA H 21 15.08 -9.17 -27.55
C ALA H 21 14.09 -9.65 -28.61
N TYR H 22 14.55 -10.52 -29.49
CA TYR H 22 13.74 -11.08 -30.57
C TYR H 22 12.58 -11.97 -30.08
N GLY H 23 11.36 -11.63 -30.50
CA GLY H 23 10.20 -12.39 -30.10
C GLY H 23 8.87 -11.71 -30.37
N ARG H 24 8.82 -10.84 -31.38
CA ARG H 24 7.60 -10.12 -31.74
C ARG H 24 7.50 -9.94 -33.27
N ASN H 25 6.81 -10.87 -33.94
CA ASN H 25 6.66 -10.80 -35.39
C ASN H 25 5.32 -10.20 -35.81
N GLU H 26 4.62 -9.59 -34.86
CA GLU H 26 3.33 -8.98 -35.12
C GLU H 26 3.19 -7.70 -34.30
N SER H 27 2.07 -7.01 -34.47
CA SER H 27 1.85 -5.77 -33.74
C SER H 27 0.43 -5.61 -33.23
N TRP H 28 0.30 -5.09 -32.02
CA TRP H 28 -1.02 -4.87 -31.40
C TRP H 28 -1.25 -3.39 -31.12
N LEU H 29 -2.49 -2.94 -31.28
CA LEU H 29 -2.83 -1.55 -31.05
C LEU H 29 -4.02 -1.47 -30.12
N CYS H 30 -3.89 -0.67 -29.06
CA CYS H 30 -4.96 -0.47 -28.10
C CYS H 30 -5.37 0.99 -28.24
N PHE H 31 -6.66 1.27 -28.22
CA PHE H 31 -7.10 2.65 -28.41
C PHE H 31 -8.32 3.08 -27.62
N THR H 32 -8.64 4.36 -27.74
CA THR H 32 -9.77 4.98 -27.09
C THR H 32 -10.23 6.12 -28.00
N MET H 33 -11.48 6.05 -28.43
CA MET H 33 -12.06 7.05 -29.31
C MET H 33 -12.59 8.23 -28.52
N GLU H 34 -13.26 9.15 -29.20
CA GLU H 34 -13.84 10.33 -28.56
C GLU H 34 -14.66 11.08 -29.60
N VAL H 35 -15.95 10.79 -29.67
CA VAL H 35 -16.82 11.45 -30.65
C VAL H 35 -17.37 12.76 -30.10
N VAL H 36 -17.36 13.79 -30.93
CA VAL H 36 -17.86 15.09 -30.53
C VAL H 36 -18.57 15.78 -31.68
N LYS H 37 -19.89 15.66 -31.71
CA LYS H 37 -20.72 16.26 -32.74
C LYS H 37 -21.15 17.65 -32.27
N HIS H 38 -20.29 18.64 -32.55
CA HIS H 38 -20.48 20.05 -32.17
C HIS H 38 -21.44 20.33 -31.02
N HIS H 39 -22.75 20.23 -31.26
CA HIS H 39 -23.73 20.47 -30.22
C HIS H 39 -24.55 19.21 -29.97
N SER H 40 -23.88 18.18 -29.48
CA SER H 40 -24.48 16.90 -29.18
C SER H 40 -23.62 16.23 -28.09
N PRO H 41 -24.12 15.15 -27.45
CA PRO H 41 -23.35 14.46 -26.40
C PRO H 41 -21.97 13.97 -26.84
N VAL H 42 -21.21 13.43 -25.89
CA VAL H 42 -19.86 12.93 -26.18
C VAL H 42 -19.69 11.47 -25.76
N SER H 43 -19.69 10.56 -26.74
CA SER H 43 -19.55 9.13 -26.49
C SER H 43 -18.12 8.62 -26.63
N TRP H 44 -17.83 7.49 -25.98
CA TRP H 44 -16.50 6.89 -26.00
C TRP H 44 -16.46 5.56 -26.75
N LYS H 45 -15.27 5.16 -27.22
CA LYS H 45 -15.09 3.90 -27.94
C LYS H 45 -13.69 3.34 -27.67
N ARG H 46 -13.60 2.11 -27.16
CA ARG H 46 -12.29 1.50 -26.89
C ARG H 46 -12.21 0.09 -27.48
N GLY H 47 -10.98 -0.37 -27.76
CA GLY H 47 -10.80 -1.70 -28.32
C GLY H 47 -9.36 -2.10 -28.56
N VAL H 48 -9.15 -3.19 -29.29
CA VAL H 48 -7.80 -3.72 -29.60
C VAL H 48 -7.70 -4.23 -31.04
N PHE H 49 -6.58 -3.94 -31.71
CA PHE H 49 -6.36 -4.39 -33.09
C PHE H 49 -5.10 -5.22 -33.26
N ARG H 50 -5.22 -6.36 -33.94
CA ARG H 50 -4.07 -7.23 -34.18
C ARG H 50 -3.77 -7.25 -35.68
N ASN H 51 -2.51 -7.55 -36.03
CA ASN H 51 -2.13 -7.62 -37.44
C ASN H 51 -2.86 -8.77 -38.11
N GLN H 52 -3.30 -8.56 -39.35
CA GLN H 52 -4.02 -9.60 -40.08
C GLN H 52 -3.02 -10.50 -40.82
N VAL H 53 -3.43 -11.73 -41.10
CA VAL H 53 -2.57 -12.69 -41.80
C VAL H 53 -3.38 -13.45 -42.85
N ASP H 54 -4.69 -13.23 -42.88
CA ASP H 54 -5.57 -13.91 -43.83
C ASP H 54 -5.20 -13.56 -45.28
N PRO H 55 -5.80 -14.25 -46.27
CA PRO H 55 -5.50 -14.00 -47.68
C PRO H 55 -5.25 -12.53 -48.03
N GLU H 56 -6.22 -11.68 -47.78
CA GLU H 56 -6.09 -10.25 -48.07
C GLU H 56 -6.16 -9.38 -46.83
N THR H 57 -6.18 -8.06 -47.04
CA THR H 57 -6.23 -7.10 -45.95
C THR H 57 -5.17 -7.43 -44.90
N HIS H 58 -3.91 -7.30 -45.28
CA HIS H 58 -2.81 -7.58 -44.37
C HIS H 58 -2.80 -6.58 -43.21
N CYS H 59 -2.41 -5.34 -43.50
CA CYS H 59 -2.33 -4.26 -42.52
C CYS H 59 -1.64 -4.64 -41.20
N HIS H 60 -0.74 -3.77 -40.74
CA HIS H 60 0.01 -4.03 -39.52
C HIS H 60 -0.64 -3.33 -38.33
N ALA H 61 -1.92 -3.61 -38.10
CA ALA H 61 -2.65 -2.98 -37.00
C ALA H 61 -2.90 -1.52 -37.30
N GLU H 62 -1.83 -0.73 -37.38
CA GLU H 62 -1.97 0.70 -37.67
C GLU H 62 -2.95 0.86 -38.82
N ARG H 63 -2.68 0.17 -39.93
CA ARG H 63 -3.56 0.24 -41.09
C ARG H 63 -4.95 -0.31 -40.79
N CYS H 64 -5.00 -1.50 -40.20
CA CYS H 64 -6.28 -2.15 -39.89
C CYS H 64 -7.24 -1.21 -39.15
N PHE H 65 -6.67 -0.29 -38.38
CA PHE H 65 -7.48 0.66 -37.63
C PHE H 65 -8.01 1.77 -38.53
N LEU H 66 -7.20 2.20 -39.50
CA LEU H 66 -7.61 3.25 -40.43
C LEU H 66 -8.80 2.76 -41.28
N SER H 67 -8.77 1.48 -41.64
CA SER H 67 -9.85 0.89 -42.44
C SER H 67 -11.14 0.94 -41.64
N TRP H 68 -11.08 0.38 -40.42
CA TRP H 68 -12.22 0.36 -39.52
C TRP H 68 -12.77 1.77 -39.29
N PHE H 69 -11.89 2.75 -39.17
CA PHE H 69 -12.30 4.12 -38.92
C PHE H 69 -12.90 4.85 -40.12
N CYS H 70 -12.51 4.49 -41.33
CA CYS H 70 -13.02 5.17 -42.53
C CYS H 70 -14.45 4.90 -42.94
N ASP H 71 -14.72 3.70 -43.47
CA ASP H 71 -16.07 3.36 -43.92
C ASP H 71 -17.07 3.07 -42.80
N ASP H 72 -16.58 2.85 -41.58
CA ASP H 72 -17.47 2.57 -40.44
C ASP H 72 -17.88 3.83 -39.69
N ILE H 73 -16.89 4.57 -39.19
CA ILE H 73 -17.15 5.80 -38.45
C ILE H 73 -16.96 7.03 -39.34
N LEU H 74 -15.97 7.86 -39.02
CA LEU H 74 -15.67 9.06 -39.79
C LEU H 74 -16.95 9.80 -40.17
N SER H 75 -17.57 10.44 -39.17
CA SER H 75 -18.81 11.18 -39.39
C SER H 75 -18.53 12.57 -39.93
N PRO H 76 -19.25 12.97 -40.98
CA PRO H 76 -19.10 14.30 -41.60
C PRO H 76 -19.41 15.45 -40.66
N ASN H 77 -18.52 16.45 -40.64
CA ASN H 77 -18.61 17.67 -39.82
C ASN H 77 -18.36 17.47 -38.32
N THR H 78 -18.22 16.22 -37.89
CA THR H 78 -17.98 15.89 -36.48
C THR H 78 -16.49 15.73 -36.21
N ASN H 79 -16.07 16.03 -34.98
CA ASN H 79 -14.66 15.90 -34.61
C ASN H 79 -14.34 14.59 -33.89
N TYR H 80 -13.05 14.25 -33.85
CA TYR H 80 -12.59 13.03 -33.20
C TYR H 80 -11.23 13.26 -32.54
N GLU H 81 -10.98 12.54 -31.45
CA GLU H 81 -9.73 12.64 -30.72
C GLU H 81 -9.34 11.25 -30.22
N VAL H 82 -8.55 10.55 -31.02
CA VAL H 82 -8.11 9.20 -30.70
C VAL H 82 -6.78 9.14 -29.98
N THR H 83 -6.55 8.03 -29.27
CA THR H 83 -5.31 7.81 -28.53
C THR H 83 -4.86 6.36 -28.81
N TRP H 84 -3.56 6.16 -29.03
CA TRP H 84 -3.02 4.83 -29.30
C TRP H 84 -2.03 4.34 -28.26
N TYR H 85 -1.92 3.02 -28.15
CA TYR H 85 -0.99 2.39 -27.23
C TYR H 85 -0.46 1.22 -28.04
N THR H 86 0.32 1.56 -29.06
CA THR H 86 0.91 0.58 -29.95
C THR H 86 2.07 -0.18 -29.32
N SER H 87 2.30 -1.40 -29.82
CA SER H 87 3.38 -2.26 -29.35
C SER H 87 4.59 -2.23 -30.29
N TRP H 88 4.44 -2.81 -31.47
CA TRP H 88 5.53 -2.86 -32.44
C TRP H 88 5.42 -1.65 -33.38
N SER H 89 5.47 -0.47 -32.75
CA SER H 89 5.40 0.87 -33.36
C SER H 89 5.10 1.06 -34.86
N PRO H 90 4.66 2.28 -35.25
CA PRO H 90 4.37 2.49 -36.67
C PRO H 90 5.60 2.13 -37.53
N CYS H 91 5.47 1.02 -38.29
CA CYS H 91 6.53 0.49 -39.17
C CYS H 91 7.16 1.56 -40.07
N PRO H 92 8.44 1.41 -40.45
CA PRO H 92 9.11 2.38 -41.30
C PRO H 92 8.24 3.11 -42.33
N GLU H 93 7.33 2.40 -42.99
CA GLU H 93 6.45 2.99 -44.01
C GLU H 93 5.02 3.26 -43.55
N CYS H 94 4.70 2.87 -42.32
CA CYS H 94 3.35 3.07 -41.77
C CYS H 94 3.25 4.46 -41.14
N ALA H 95 4.23 4.78 -40.30
CA ALA H 95 4.27 6.08 -39.62
C ALA H 95 4.01 7.19 -40.61
N GLY H 96 4.61 7.08 -41.79
CA GLY H 96 4.43 8.10 -42.81
C GLY H 96 3.01 8.10 -43.35
N GLU H 97 2.47 6.91 -43.60
CA GLU H 97 1.12 6.78 -44.13
C GLU H 97 0.07 7.29 -43.15
N VAL H 98 0.36 7.14 -41.86
CA VAL H 98 -0.56 7.60 -40.82
C VAL H 98 -0.56 9.12 -40.76
N ALA H 99 0.62 9.70 -40.93
CA ALA H 99 0.78 11.15 -40.91
C ALA H 99 0.06 11.81 -42.07
N GLU H 100 -0.19 11.05 -43.13
CA GLU H 100 -0.87 11.58 -44.30
C GLU H 100 -2.38 11.35 -44.25
N PHE H 101 -2.84 10.67 -43.20
CA PHE H 101 -4.26 10.44 -43.02
C PHE H 101 -4.74 11.68 -42.26
N LEU H 102 -3.97 12.04 -41.23
CA LEU H 102 -4.27 13.21 -40.41
C LEU H 102 -4.24 14.43 -41.31
N ALA H 103 -3.71 14.26 -42.51
CA ALA H 103 -3.62 15.35 -43.47
C ALA H 103 -5.01 15.65 -44.04
N ARG H 104 -5.53 14.75 -44.87
CA ARG H 104 -6.85 14.94 -45.47
C ARG H 104 -7.99 14.59 -44.51
N HIS H 105 -7.70 14.71 -43.21
CA HIS H 105 -8.67 14.44 -42.16
C HIS H 105 -8.31 15.31 -40.94
N SER H 106 -8.56 16.61 -41.07
CA SER H 106 -8.25 17.56 -40.01
C SER H 106 -9.18 17.49 -38.80
N ASN H 107 -10.37 16.93 -39.00
CA ASN H 107 -11.34 16.80 -37.92
C ASN H 107 -10.88 15.77 -36.88
N VAL H 108 -9.82 15.04 -37.21
CA VAL H 108 -9.29 14.01 -36.31
C VAL H 108 -7.94 14.40 -35.74
N ASN H 109 -7.79 14.24 -34.43
CA ASN H 109 -6.51 14.54 -33.78
C ASN H 109 -6.00 13.23 -33.20
N LEU H 110 -4.69 13.13 -33.04
CA LEU H 110 -4.11 11.89 -32.54
C LEU H 110 -2.97 12.04 -31.55
N THR H 111 -2.87 11.07 -30.65
CA THR H 111 -1.82 11.00 -29.63
C THR H 111 -1.35 9.55 -29.64
N ILE H 112 -0.05 9.34 -29.84
CA ILE H 112 0.48 8.00 -29.90
C ILE H 112 1.51 7.66 -28.83
N PHE H 113 1.27 6.58 -28.09
CA PHE H 113 2.21 6.10 -27.08
C PHE H 113 2.67 4.75 -27.64
N THR H 114 3.97 4.50 -27.58
CA THR H 114 4.52 3.25 -28.10
C THR H 114 5.47 2.56 -27.13
N ALA H 115 5.60 1.24 -27.26
CA ALA H 115 6.47 0.45 -26.39
C ALA H 115 7.90 0.39 -26.93
N ARG H 116 8.05 0.00 -28.19
CA ARG H 116 9.35 -0.10 -28.83
C ARG H 116 9.45 0.80 -30.07
N LEU H 117 10.56 0.71 -30.78
CA LEU H 117 10.76 1.49 -32.01
C LEU H 117 11.37 0.61 -33.10
N TYR H 118 10.80 0.68 -34.30
CA TYR H 118 11.29 -0.09 -35.47
C TYR H 118 12.67 0.46 -35.83
N TYR H 119 13.53 0.54 -34.82
CA TYR H 119 14.89 1.05 -34.96
C TYR H 119 14.85 2.56 -35.15
N PHE H 120 15.82 3.26 -34.61
CA PHE H 120 15.86 4.71 -34.74
C PHE H 120 16.91 5.19 -35.73
N TRP H 121 17.40 4.29 -36.58
CA TRP H 121 18.39 4.66 -37.58
C TRP H 121 17.83 4.58 -38.99
N ASP H 122 16.74 3.83 -39.16
CA ASP H 122 16.09 3.65 -40.45
C ASP H 122 15.56 4.98 -41.00
N THR H 123 15.92 5.29 -42.25
CA THR H 123 15.50 6.53 -42.90
C THR H 123 13.98 6.69 -42.91
N ASP H 124 13.30 5.77 -43.59
CA ASP H 124 11.83 5.77 -43.70
C ASP H 124 11.15 6.05 -42.35
N TYR H 125 11.73 5.50 -41.29
CA TYR H 125 11.17 5.69 -39.96
C TYR H 125 11.39 7.13 -39.48
N GLN H 126 12.56 7.69 -39.76
CA GLN H 126 12.83 9.07 -39.36
C GLN H 126 11.91 9.97 -40.17
N GLU H 127 11.62 9.56 -41.40
CA GLU H 127 10.73 10.32 -42.28
C GLU H 127 9.31 10.34 -41.71
N GLY H 128 8.68 9.18 -41.74
CA GLY H 128 7.32 9.05 -41.26
C GLY H 128 7.07 9.45 -39.82
N LEU H 129 8.08 9.34 -38.97
CA LEU H 129 7.90 9.69 -37.57
C LEU H 129 8.04 11.20 -37.37
N ARG H 130 8.92 11.83 -38.14
CA ARG H 130 9.12 13.26 -38.03
C ARG H 130 7.94 13.96 -38.71
N SER H 131 7.49 13.40 -39.82
CA SER H 131 6.36 13.94 -40.57
C SER H 131 5.03 13.73 -39.83
N LEU H 132 5.02 12.78 -38.91
CA LEU H 132 3.83 12.44 -38.13
C LEU H 132 3.60 13.50 -37.07
N SER H 133 4.70 13.94 -36.46
CA SER H 133 4.64 14.96 -35.43
C SER H 133 4.48 16.34 -36.07
N GLN H 134 4.66 16.40 -37.39
CA GLN H 134 4.52 17.66 -38.09
C GLN H 134 3.05 17.90 -38.35
N GLU H 135 2.28 16.83 -38.45
CA GLU H 135 0.85 16.91 -38.70
C GLU H 135 0.03 17.04 -37.42
N GLY H 136 0.70 17.38 -36.32
CA GLY H 136 0.01 17.54 -35.05
C GLY H 136 -0.48 16.24 -34.44
N ALA H 137 0.46 15.46 -33.92
CA ALA H 137 0.14 14.19 -33.30
C ALA H 137 1.31 13.83 -32.37
N SER H 138 1.15 14.10 -31.08
CA SER H 138 2.20 13.84 -30.10
C SER H 138 2.57 12.36 -29.94
N VAL H 139 3.80 12.02 -30.30
CA VAL H 139 4.31 10.66 -30.20
C VAL H 139 5.28 10.53 -29.04
N GLU H 140 4.87 9.79 -28.01
CA GLU H 140 5.69 9.58 -26.82
C GLU H 140 5.99 8.10 -26.59
N ILE H 141 6.78 7.81 -25.58
CA ILE H 141 7.13 6.43 -25.27
C ILE H 141 6.51 5.96 -23.95
N MET H 142 5.75 4.88 -24.01
CA MET H 142 5.12 4.32 -22.83
C MET H 142 6.11 4.16 -21.69
N GLY H 143 5.73 4.67 -20.52
CA GLY H 143 6.56 4.55 -19.34
C GLY H 143 5.81 3.67 -18.35
N TYR H 144 6.20 3.67 -17.08
CA TYR H 144 5.48 2.85 -16.11
C TYR H 144 4.04 3.36 -16.04
N LYS H 145 3.89 4.67 -16.14
CA LYS H 145 2.57 5.30 -16.09
C LYS H 145 1.63 4.73 -17.17
N ASP H 146 2.07 4.76 -18.42
CA ASP H 146 1.28 4.29 -19.56
C ASP H 146 0.99 2.78 -19.57
N PHE H 147 1.96 1.97 -19.17
CA PHE H 147 1.78 0.52 -19.15
C PHE H 147 0.72 0.11 -18.12
N LYS H 148 0.59 0.86 -17.03
CA LYS H 148 -0.42 0.55 -16.00
C LYS H 148 -1.83 0.79 -16.54
N TYR H 149 -2.07 2.01 -17.03
CA TYR H 149 -3.37 2.37 -17.59
C TYR H 149 -3.71 1.44 -18.75
N CYS H 150 -2.68 1.04 -19.52
CA CYS H 150 -2.88 0.18 -20.66
C CYS H 150 -3.20 -1.26 -20.25
N TRP H 151 -2.68 -1.68 -19.10
CA TRP H 151 -2.93 -3.04 -18.62
C TRP H 151 -4.24 -3.12 -17.89
N GLU H 152 -4.60 -2.04 -17.21
CA GLU H 152 -5.82 -2.05 -16.43
C GLU H 152 -7.11 -1.93 -17.23
N ASN H 153 -7.02 -1.44 -18.47
CA ASN H 153 -8.21 -1.25 -19.29
C ASN H 153 -8.32 -2.08 -20.59
N PHE H 154 -7.21 -2.61 -21.08
CA PHE H 154 -7.24 -3.39 -22.32
C PHE H 154 -6.80 -4.85 -22.19
N VAL H 155 -6.78 -5.36 -20.96
CA VAL H 155 -6.36 -6.74 -20.71
C VAL H 155 -7.29 -7.44 -19.75
N TYR H 156 -7.65 -8.69 -20.06
CA TYR H 156 -8.51 -9.48 -19.18
C TYR H 156 -7.65 -9.73 -17.94
N ASN H 157 -7.47 -8.68 -17.14
CA ASN H 157 -6.65 -8.72 -15.94
C ASN H 157 -7.16 -9.58 -14.79
N ASP H 158 -8.40 -10.08 -14.88
CA ASP H 158 -8.95 -10.90 -13.82
C ASP H 158 -8.83 -10.17 -12.49
N ASP H 159 -8.80 -8.84 -12.57
CA ASP H 159 -8.70 -7.96 -11.41
C ASP H 159 -7.34 -8.03 -10.71
N GLU H 160 -6.28 -8.24 -11.49
CA GLU H 160 -4.94 -8.31 -10.94
C GLU H 160 -4.20 -7.01 -11.23
N PRO H 161 -3.40 -6.54 -10.26
CA PRO H 161 -2.63 -5.30 -10.42
C PRO H 161 -1.44 -5.47 -11.37
N PHE H 162 -1.12 -4.41 -12.10
CA PHE H 162 -0.01 -4.46 -13.04
C PHE H 162 1.28 -4.81 -12.34
N LYS H 163 2.04 -5.73 -12.92
CA LYS H 163 3.30 -6.14 -12.34
C LYS H 163 4.44 -5.82 -13.32
N PRO H 164 5.23 -4.77 -13.03
CA PRO H 164 6.37 -4.30 -13.83
C PRO H 164 7.54 -5.28 -13.91
N TRP H 165 8.40 -5.08 -14.90
CA TRP H 165 9.56 -5.94 -15.14
C TRP H 165 10.92 -5.25 -15.01
N LYS H 166 11.97 -6.04 -15.17
CA LYS H 166 13.35 -5.56 -15.10
C LYS H 166 13.75 -4.89 -16.41
N GLY H 167 13.95 -3.58 -16.36
CA GLY H 167 14.35 -2.86 -17.56
C GLY H 167 13.34 -1.84 -18.05
N LEU H 168 12.10 -1.97 -17.60
CA LEU H 168 11.04 -1.05 -18.01
C LEU H 168 11.49 0.40 -17.93
N LYS H 169 11.64 0.91 -16.71
CA LYS H 169 12.05 2.30 -16.51
C LYS H 169 13.34 2.70 -17.22
N TYR H 170 14.19 1.72 -17.52
CA TYR H 170 15.45 2.02 -18.19
C TYR H 170 15.20 2.20 -19.68
N ASN H 171 14.71 1.15 -20.32
CA ASN H 171 14.42 1.19 -21.74
C ASN H 171 13.53 2.39 -22.09
N PHE H 172 12.74 2.86 -21.13
CA PHE H 172 11.91 4.03 -21.37
C PHE H 172 12.88 5.18 -21.59
N LEU H 173 13.73 5.40 -20.60
CA LEU H 173 14.72 6.47 -20.66
C LEU H 173 15.51 6.41 -21.98
N PHE H 174 16.02 5.24 -22.31
CA PHE H 174 16.80 5.05 -23.53
C PHE H 174 15.99 5.22 -24.81
N LEU H 175 14.73 4.77 -24.78
CA LEU H 175 13.86 4.88 -25.94
C LEU H 175 13.38 6.32 -26.09
N ASP H 176 13.15 6.99 -24.96
CA ASP H 176 12.67 8.38 -24.98
C ASP H 176 13.78 9.30 -25.45
N SER H 177 14.99 9.06 -24.97
CA SER H 177 16.14 9.88 -25.34
C SER H 177 16.44 9.74 -26.83
N LYS H 178 16.41 8.51 -27.33
CA LYS H 178 16.68 8.26 -28.75
C LYS H 178 15.52 8.71 -29.65
N LEU H 179 14.40 9.08 -29.04
CA LEU H 179 13.26 9.55 -29.81
C LEU H 179 13.25 11.08 -29.82
N GLN H 180 13.59 11.67 -28.68
CA GLN H 180 13.62 13.12 -28.56
C GLN H 180 14.72 13.68 -29.46
N GLU H 181 15.62 12.81 -29.92
CA GLU H 181 16.71 13.22 -30.79
C GLU H 181 16.22 13.20 -32.24
N ILE H 182 15.47 12.16 -32.60
CA ILE H 182 14.95 12.07 -33.95
C ILE H 182 13.76 12.99 -34.09
N LEU H 183 13.06 13.23 -33.00
CA LEU H 183 11.89 14.10 -33.02
C LEU H 183 12.31 15.52 -32.62
N GLU H 184 13.44 15.96 -33.17
CA GLU H 184 13.96 17.29 -32.87
C GLU H 184 13.31 18.33 -33.78
N ASN I 1 12.16 8.97 34.76
CA ASN I 1 12.62 10.05 33.82
C ASN I 1 14.16 10.11 33.78
N PRO I 2 14.74 10.25 32.57
CA PRO I 2 14.06 10.34 31.27
C PRO I 2 13.47 9.03 30.73
N MET I 3 12.15 8.99 30.52
CA MET I 3 11.48 7.78 30.00
C MET I 3 11.80 7.59 28.52
N GLU I 4 11.69 6.35 28.03
CA GLU I 4 12.01 6.05 26.64
C GLU I 4 10.85 5.78 25.69
N ALA I 5 9.69 6.40 25.94
CA ALA I 5 8.55 6.19 25.06
C ALA I 5 7.31 6.94 25.53
N MET I 6 6.67 7.64 24.60
CA MET I 6 5.45 8.40 24.92
C MET I 6 4.25 7.55 24.60
N TYR I 7 3.24 7.62 25.46
CA TYR I 7 2.02 6.88 25.26
C TYR I 7 1.36 7.57 24.05
N PRO I 8 0.75 6.81 23.15
CA PRO I 8 0.09 7.32 21.95
C PRO I 8 -0.59 8.68 22.02
N HIS I 9 -1.31 8.98 23.10
CA HIS I 9 -1.96 10.28 23.18
C HIS I 9 -0.98 11.39 23.53
N ILE I 10 -0.11 11.14 24.50
CA ILE I 10 0.89 12.12 24.92
C ILE I 10 1.56 12.67 23.68
N PHE I 11 1.66 11.82 22.66
CA PHE I 11 2.27 12.24 21.40
C PHE I 11 1.34 13.16 20.62
N TYR I 12 0.10 12.72 20.42
CA TYR I 12 -0.89 13.51 19.68
C TYR I 12 -1.28 14.83 20.36
N PHE I 13 -1.46 14.79 21.68
CA PHE I 13 -1.86 15.96 22.44
C PHE I 13 -0.76 17.02 22.54
N HIS I 14 0.50 16.60 22.43
CA HIS I 14 1.62 17.53 22.56
C HIS I 14 2.51 17.70 21.33
N PHE I 15 2.22 16.98 20.25
CA PHE I 15 3.05 17.10 19.05
C PHE I 15 2.29 17.61 17.83
N LYS I 16 1.03 17.98 18.02
CA LYS I 16 0.24 18.49 16.92
C LYS I 16 0.53 19.97 16.74
N ASN I 17 1.01 20.34 15.55
CA ASN I 17 1.30 21.74 15.27
C ASN I 17 0.05 22.59 15.02
N LEU I 18 -0.75 22.79 16.08
CA LEU I 18 -1.98 23.59 16.02
C LEU I 18 -1.72 24.93 16.71
N ARG I 19 -1.13 25.86 15.96
CA ARG I 19 -0.79 27.20 16.44
C ARG I 19 -1.70 27.79 17.54
N LYS I 20 -2.71 28.57 17.13
CA LYS I 20 -3.64 29.20 18.10
C LYS I 20 -4.50 28.20 18.90
N ALA I 21 -4.23 26.90 18.73
CA ALA I 21 -4.98 25.86 19.44
C ALA I 21 -4.40 25.64 20.83
N TYR I 22 -5.00 26.30 21.82
CA TYR I 22 -4.58 26.22 23.21
C TYR I 22 -4.78 24.83 23.83
N GLY I 23 -3.71 24.24 24.36
CA GLY I 23 -3.81 22.92 24.97
C GLY I 23 -2.47 22.24 25.23
N ARG I 24 -1.43 23.03 25.44
CA ARG I 24 -0.08 22.49 25.71
C ARG I 24 0.66 23.39 26.72
N ASN I 25 0.58 23.05 28.00
CA ASN I 25 1.25 23.84 29.03
C ASN I 25 2.58 23.24 29.45
N GLU I 26 3.08 22.31 28.63
CA GLU I 26 4.35 21.63 28.90
C GLU I 26 5.09 21.34 27.60
N SER I 27 6.29 20.77 27.71
CA SER I 27 7.07 20.47 26.52
C SER I 27 7.78 19.13 26.61
N TRP I 28 7.82 18.42 25.49
CA TRP I 28 8.46 17.12 25.40
C TRP I 28 9.59 17.15 24.39
N LEU I 29 10.64 16.39 24.69
CA LEU I 29 11.80 16.33 23.83
C LEU I 29 12.16 14.88 23.57
N CYS I 30 12.30 14.54 22.30
CA CYS I 30 12.67 13.19 21.89
C CYS I 30 14.04 13.34 21.25
N PHE I 31 14.95 12.41 21.54
CA PHE I 31 16.30 12.53 21.00
C PHE I 31 16.99 11.22 20.63
N THR I 32 18.17 11.39 20.04
CA THR I 32 19.02 10.28 19.63
C THR I 32 20.46 10.79 19.74
N MET I 33 21.26 10.08 20.55
CA MET I 33 22.64 10.44 20.78
C MET I 33 23.53 9.84 19.68
N GLU I 34 24.84 9.95 19.88
CA GLU I 34 25.80 9.44 18.92
C GLU I 34 27.20 9.63 19.49
N VAL I 35 27.70 8.62 20.20
CA VAL I 35 29.03 8.70 20.81
C VAL I 35 30.13 8.29 19.83
N VAL I 36 31.20 9.07 19.79
CA VAL I 36 32.32 8.78 18.90
C VAL I 36 33.64 9.11 19.56
N LYS I 37 34.28 8.09 20.13
CA LYS I 37 35.57 8.24 20.80
C LYS I 37 36.68 7.98 19.79
N HIS I 38 37.06 9.04 19.06
CA HIS I 38 38.09 9.01 18.01
C HIS I 38 38.41 7.64 17.37
N HIS I 39 39.12 6.78 18.08
CA HIS I 39 39.45 5.46 17.56
C HIS I 39 38.85 4.37 18.45
N SER I 40 37.53 4.34 18.48
CA SER I 40 36.78 3.38 19.28
C SER I 40 35.40 3.21 18.60
N PRO I 41 34.62 2.18 18.98
CA PRO I 41 33.30 1.94 18.39
C PRO I 41 32.34 3.14 18.48
N VAL I 42 31.16 3.01 17.86
CA VAL I 42 30.17 4.08 17.87
C VAL I 42 28.82 3.59 18.40
N SER I 43 28.48 3.96 19.64
CA SER I 43 27.23 3.55 20.28
C SER I 43 26.12 4.59 20.16
N TRP I 44 24.87 4.14 20.28
CA TRP I 44 23.70 5.02 20.18
C TRP I 44 22.95 5.16 21.51
N LYS I 45 22.18 6.24 21.63
CA LYS I 45 21.38 6.51 22.84
C LYS I 45 20.11 7.28 22.48
N ARG I 46 18.95 6.74 22.83
CA ARG I 46 17.69 7.41 22.54
C ARG I 46 16.79 7.48 23.76
N GLY I 47 15.89 8.46 23.80
CA GLY I 47 14.99 8.60 24.93
C GLY I 47 13.99 9.74 24.81
N VAL I 48 13.32 10.07 25.92
CA VAL I 48 12.32 11.15 25.97
C VAL I 48 12.40 11.98 27.25
N PHE I 49 12.26 13.30 27.13
CA PHE I 49 12.31 14.17 28.29
C PHE I 49 11.06 15.03 28.45
N ARG I 50 10.53 15.08 29.66
CA ARG I 50 9.34 15.89 29.93
C ARG I 50 9.70 17.01 30.89
N ASN I 51 8.92 18.10 30.88
CA ASN I 51 9.18 19.22 31.77
C ASN I 51 8.95 18.79 33.21
N GLN I 52 9.80 19.26 34.12
CA GLN I 52 9.66 18.90 35.54
C GLN I 52 8.73 19.88 36.24
N VAL I 53 8.11 19.43 37.33
CA VAL I 53 7.18 20.27 38.09
C VAL I 53 7.43 20.10 39.59
N ASP I 54 8.32 19.18 39.95
CA ASP I 54 8.64 18.92 41.36
C ASP I 54 9.22 20.17 42.04
N PRO I 55 9.39 20.14 43.38
CA PRO I 55 9.94 21.28 44.11
C PRO I 55 11.04 22.06 43.37
N GLU I 56 12.12 21.38 43.03
CA GLU I 56 13.24 22.00 42.32
C GLU I 56 13.48 21.42 40.94
N THR I 57 14.55 21.86 40.30
CA THR I 57 14.91 21.40 38.96
C THR I 57 13.70 21.48 38.03
N HIS I 58 13.25 22.69 37.77
CA HIS I 58 12.11 22.90 36.90
C HIS I 58 12.44 22.46 35.47
N CYS I 59 13.27 23.24 34.78
CA CYS I 59 13.68 22.97 33.39
C CYS I 59 12.53 22.62 32.45
N HIS I 60 12.54 23.23 31.26
CA HIS I 60 11.50 23.00 30.28
C HIS I 60 11.95 21.96 29.26
N ALA I 61 12.33 20.77 29.73
CA ALA I 61 12.80 19.71 28.85
C ALA I 61 14.16 20.07 28.26
N GLU I 62 14.19 21.12 27.44
CA GLU I 62 15.45 21.55 26.83
C GLU I 62 16.52 21.55 27.91
N ARG I 63 16.27 22.24 29.00
CA ARG I 63 17.23 22.30 30.10
C ARG I 63 17.44 20.93 30.73
N CYS I 64 16.36 20.23 31.07
CA CYS I 64 16.45 18.91 31.71
C CYS I 64 17.41 17.99 30.97
N PHE I 65 17.51 18.16 29.65
CA PHE I 65 18.40 17.34 28.85
C PHE I 65 19.85 17.76 29.01
N LEU I 66 20.09 19.07 29.14
CA LEU I 66 21.44 19.57 29.30
C LEU I 66 22.02 19.07 30.64
N SER I 67 21.17 18.99 31.66
CA SER I 67 21.60 18.52 32.97
C SER I 67 22.05 17.06 32.84
N TRP I 68 21.16 16.24 32.31
CA TRP I 68 21.44 14.83 32.10
C TRP I 68 22.71 14.61 31.28
N PHE I 69 22.93 15.46 30.29
CA PHE I 69 24.10 15.33 29.43
C PHE I 69 25.41 15.78 30.06
N CYS I 70 25.37 16.73 31.00
CA CYS I 70 26.59 17.24 31.62
C CYS I 70 27.31 16.33 32.60
N ASP I 71 26.76 16.15 33.79
CA ASP I 71 27.40 15.32 34.79
C ASP I 71 27.31 13.82 34.56
N ASP I 72 26.44 13.40 33.64
CA ASP I 72 26.28 11.97 33.34
C ASP I 72 27.19 11.51 32.19
N ILE I 73 27.02 12.14 31.02
CA ILE I 73 27.81 11.80 29.85
C ILE I 73 28.97 12.78 29.67
N LEU I 74 28.94 13.55 28.58
CA LEU I 74 29.98 14.53 28.28
C LEU I 74 31.37 13.96 28.57
N SER I 75 31.82 13.07 27.72
CA SER I 75 33.13 12.44 27.87
C SER I 75 34.23 13.32 27.30
N PRO I 76 35.31 13.51 28.06
CA PRO I 76 36.46 14.33 27.63
C PRO I 76 37.14 13.80 26.38
N ASN I 77 37.41 14.73 25.46
CA ASN I 77 38.07 14.46 24.17
C ASN I 77 37.24 13.68 23.13
N THR I 78 36.06 13.22 23.54
CA THR I 78 35.17 12.48 22.66
C THR I 78 34.13 13.40 22.01
N ASN I 79 33.69 13.06 20.80
CA ASN I 79 32.69 13.86 20.11
C ASN I 79 31.27 13.34 20.27
N TYR I 80 30.30 14.20 19.98
CA TYR I 80 28.88 13.87 20.09
C TYR I 80 28.07 14.54 18.99
N GLU I 81 26.99 13.89 18.56
CA GLU I 81 26.12 14.42 17.53
C GLU I 81 24.69 14.06 17.88
N VAL I 82 24.02 14.98 18.57
CA VAL I 82 22.64 14.77 19.01
C VAL I 82 21.60 15.35 18.04
N THR I 83 20.38 14.81 18.13
CA THR I 83 19.28 15.27 17.30
C THR I 83 18.05 15.41 18.21
N TRP I 84 17.27 16.46 18.00
CA TRP I 84 16.07 16.70 18.80
C TRP I 84 14.78 16.71 18.00
N TYR I 85 13.68 16.40 18.68
CA TYR I 85 12.35 16.37 18.08
C TYR I 85 11.48 16.98 19.16
N THR I 86 11.70 18.26 19.39
CA THR I 86 10.97 19.00 20.40
C THR I 86 9.53 19.34 20.01
N SER I 87 8.68 19.51 21.01
CA SER I 87 7.27 19.82 20.81
C SER I 87 6.98 21.30 21.00
N TRP I 88 7.04 21.76 22.25
CA TRP I 88 6.78 23.16 22.57
C TRP I 88 8.09 23.94 22.53
N SER I 89 8.72 23.89 21.35
CA SER I 89 9.99 24.55 20.99
C SER I 89 10.85 25.28 22.04
N PRO I 90 12.15 25.48 21.74
CA PRO I 90 13.01 26.17 22.72
C PRO I 90 12.38 27.54 23.10
N CYS I 91 11.88 27.62 24.34
CA CYS I 91 11.23 28.82 24.89
C CYS I 91 12.03 30.11 24.66
N PRO I 92 11.36 31.26 24.55
CA PRO I 92 12.05 32.54 24.32
C PRO I 92 13.46 32.68 24.93
N GLU I 93 13.64 32.21 26.16
CA GLU I 93 14.93 32.32 26.82
C GLU I 93 15.76 31.02 26.87
N CYS I 94 15.18 29.94 26.36
CA CYS I 94 15.86 28.65 26.34
C CYS I 94 16.72 28.53 25.09
N ALA I 95 16.14 28.84 23.94
CA ALA I 95 16.84 28.78 22.67
C ALA I 95 18.19 29.47 22.77
N GLY I 96 18.22 30.61 23.46
CA GLY I 96 19.46 31.33 23.64
C GLY I 96 20.43 30.59 24.53
N GLU I 97 19.92 30.03 25.63
CA GLU I 97 20.75 29.30 26.59
C GLU I 97 21.33 28.03 25.96
N VAL I 98 20.60 27.44 25.03
CA VAL I 98 21.06 26.23 24.35
C VAL I 98 22.18 26.56 23.38
N ALA I 99 22.05 27.71 22.72
CA ALA I 99 23.04 28.18 21.77
C ALA I 99 24.37 28.49 22.46
N GLU I 100 24.31 28.75 23.76
CA GLU I 100 25.51 29.08 24.51
C GLU I 100 26.13 27.86 25.17
N PHE I 101 25.49 26.70 25.02
CA PHE I 101 26.03 25.46 25.54
C PHE I 101 26.93 24.94 24.43
N LEU I 102 26.41 24.98 23.20
CA LEU I 102 27.15 24.56 22.01
C LEU I 102 28.40 25.42 21.90
N ALA I 103 28.41 26.51 22.66
CA ALA I 103 29.53 27.42 22.67
C ALA I 103 30.72 26.80 23.39
N ARG I 104 30.62 26.68 24.72
CA ARG I 104 31.71 26.10 25.49
C ARG I 104 31.71 24.57 25.44
N HIS I 105 31.18 24.03 24.34
CA HIS I 105 31.12 22.59 24.12
C HIS I 105 31.13 22.35 22.61
N SER I 106 32.29 22.55 21.99
CA SER I 106 32.46 22.39 20.55
C SER I 106 32.46 20.93 20.09
N ASN I 107 32.75 20.01 21.00
CA ASN I 107 32.79 18.59 20.67
C ASN I 107 31.38 18.04 20.40
N VAL I 108 30.37 18.86 20.68
CA VAL I 108 28.98 18.47 20.49
C VAL I 108 28.34 19.24 19.35
N ASN I 109 27.65 18.52 18.46
CA ASN I 109 26.94 19.16 17.36
C ASN I 109 25.46 18.88 17.55
N LEU I 110 24.61 19.76 17.02
CA LEU I 110 23.18 19.58 17.22
C LEU I 110 22.31 19.88 16.00
N THR I 111 21.19 19.17 15.93
CA THR I 111 20.20 19.33 14.87
C THR I 111 18.85 19.32 15.58
N ILE I 112 18.07 20.38 15.38
CA ILE I 112 16.77 20.50 16.03
C ILE I 112 15.56 20.54 15.10
N PHE I 113 14.61 19.64 15.34
CA PHE I 113 13.38 19.62 14.57
C PHE I 113 12.32 19.97 15.60
N THR I 114 11.38 20.85 15.24
CA THR I 114 10.34 21.28 16.16
C THR I 114 8.95 21.23 15.55
N ALA I 115 7.93 21.10 16.40
CA ALA I 115 6.55 21.04 15.94
C ALA I 115 5.92 22.43 15.82
N ARG I 116 6.01 23.20 16.89
CA ARG I 116 5.46 24.56 16.91
C ARG I 116 6.55 25.60 17.21
N LEU I 117 6.13 26.84 17.37
CA LEU I 117 7.05 27.93 17.68
C LEU I 117 6.47 28.84 18.78
N TYR I 118 7.27 29.16 19.80
CA TYR I 118 6.85 30.04 20.91
C TYR I 118 6.66 31.43 20.32
N TYR I 119 5.88 31.49 19.24
CA TYR I 119 5.58 32.72 18.53
C TYR I 119 6.81 33.19 17.77
N PHE I 120 6.60 33.76 16.60
CA PHE I 120 7.72 34.24 15.79
C PHE I 120 7.90 35.75 15.82
N TRP I 121 7.26 36.41 16.78
CA TRP I 121 7.38 37.86 16.90
C TRP I 121 8.16 38.27 18.15
N ASP I 122 8.23 37.36 19.12
CA ASP I 122 8.92 37.59 20.38
C ASP I 122 10.41 37.86 20.16
N THR I 123 10.90 38.97 20.71
CA THR I 123 12.31 39.36 20.58
C THR I 123 13.25 38.25 21.05
N ASP I 124 13.17 37.92 22.33
CA ASP I 124 14.00 36.88 22.95
C ASP I 124 14.10 35.63 22.09
N TYR I 125 12.98 35.28 21.46
CA TYR I 125 12.93 34.10 20.60
C TYR I 125 13.72 34.33 19.32
N GLN I 126 13.62 35.54 18.75
CA GLN I 126 14.37 35.84 17.54
C GLN I 126 15.85 35.85 17.89
N GLU I 127 16.15 36.27 19.11
CA GLU I 127 17.53 36.32 19.59
C GLU I 127 18.10 34.91 19.69
N GLY I 128 17.58 34.16 20.66
CA GLY I 128 18.04 32.80 20.89
C GLY I 128 17.95 31.84 19.72
N LEU I 129 17.01 32.06 18.82
CA LEU I 129 16.87 31.17 17.68
C LEU I 129 17.85 31.53 16.59
N ARG I 130 18.12 32.82 16.43
CA ARG I 130 19.07 33.26 15.41
C ARG I 130 20.48 32.95 15.90
N SER I 131 20.70 33.13 17.19
CA SER I 131 22.01 32.87 17.81
C SER I 131 22.29 31.36 17.91
N LEU I 132 21.23 30.56 17.84
CA LEU I 132 21.35 29.11 17.92
C LEU I 132 21.88 28.56 16.60
N SER I 133 21.39 29.13 15.51
CA SER I 133 21.81 28.71 14.18
C SER I 133 23.17 29.33 13.85
N GLN I 134 23.61 30.27 14.68
CA GLN I 134 24.90 30.91 14.46
C GLN I 134 25.98 30.02 15.05
N GLU I 135 25.61 29.22 16.04
CA GLU I 135 26.54 28.31 16.69
C GLU I 135 26.61 26.96 16.01
N GLY I 136 26.10 26.88 14.78
CA GLY I 136 26.14 25.63 14.04
C GLY I 136 25.19 24.57 14.57
N ALA I 137 23.90 24.78 14.34
CA ALA I 137 22.88 23.85 14.78
C ALA I 137 21.66 24.07 13.92
N SER I 138 21.47 23.23 12.92
CA SER I 138 20.33 23.36 12.00
C SER I 138 18.96 23.18 12.66
N VAL I 139 18.16 24.25 12.65
CA VAL I 139 16.83 24.22 13.22
C VAL I 139 15.77 24.22 12.13
N GLU I 140 15.06 23.10 11.99
CA GLU I 140 14.02 22.97 10.97
C GLU I 140 12.66 22.67 11.60
N ILE I 141 11.64 22.60 10.76
CA ILE I 141 10.30 22.33 11.26
C ILE I 141 9.79 20.96 10.84
N MET I 142 9.40 20.15 11.82
CA MET I 142 8.90 18.81 11.57
C MET I 142 7.82 18.83 10.49
N GLY I 143 7.98 17.96 9.50
CA GLY I 143 7.00 17.84 8.43
C GLY I 143 6.38 16.46 8.55
N TYR I 144 5.71 15.99 7.52
CA TYR I 144 5.12 14.66 7.59
C TYR I 144 6.24 13.65 7.76
N LYS I 145 7.36 13.91 7.10
CA LYS I 145 8.53 13.05 7.16
C LYS I 145 9.01 12.85 8.61
N ASP I 146 9.25 13.95 9.31
CA ASP I 146 9.74 13.90 10.69
C ASP I 146 8.76 13.32 11.71
N PHE I 147 7.47 13.61 11.56
CA PHE I 147 6.46 13.10 12.49
C PHE I 147 6.37 11.58 12.40
N LYS I 148 6.60 11.01 11.22
CA LYS I 148 6.53 9.57 11.05
C LYS I 148 7.68 8.89 11.82
N TYR I 149 8.90 9.31 11.51
CA TYR I 149 10.08 8.75 12.16
C TYR I 149 9.99 8.96 13.67
N CYS I 150 9.42 10.10 14.07
CA CYS I 150 9.29 10.42 15.48
C CYS I 150 8.23 9.57 16.18
N TRP I 151 7.21 9.18 15.44
CA TRP I 151 6.15 8.36 16.01
C TRP I 151 6.52 6.90 16.03
N GLU I 152 7.28 6.47 15.03
CA GLU I 152 7.64 5.07 14.93
C GLU I 152 8.75 4.61 15.89
N ASN I 153 9.50 5.57 16.43
CA ASN I 153 10.60 5.21 17.33
C ASN I 153 10.51 5.71 18.78
N PHE I 154 9.68 6.72 19.06
CA PHE I 154 9.57 7.26 20.41
C PHE I 154 8.18 7.14 21.03
N VAL I 155 7.33 6.29 20.46
CA VAL I 155 5.97 6.11 20.97
C VAL I 155 5.58 4.64 21.07
N TYR I 156 4.95 4.25 22.18
CA TYR I 156 4.50 2.87 22.35
C TYR I 156 3.40 2.70 21.32
N ASN I 157 3.79 2.62 20.05
CA ASN I 157 2.88 2.49 18.94
C ASN I 157 2.08 1.20 18.84
N ASP I 158 2.41 0.21 19.66
CA ASP I 158 1.70 -1.06 19.60
C ASP I 158 1.71 -1.59 18.17
N ASP I 159 2.73 -1.20 17.42
CA ASP I 159 2.90 -1.61 16.02
C ASP I 159 1.86 -1.01 15.08
N GLU I 160 1.42 0.22 15.37
CA GLU I 160 0.43 0.88 14.54
C GLU I 160 1.11 1.93 13.68
N PRO I 161 0.68 2.07 12.41
CA PRO I 161 1.26 3.05 11.49
C PRO I 161 0.84 4.48 11.83
N PHE I 162 1.73 5.43 11.59
CA PHE I 162 1.44 6.83 11.88
C PHE I 162 0.21 7.30 11.11
N LYS I 163 -0.68 8.00 11.81
CA LYS I 163 -1.89 8.51 11.18
C LYS I 163 -1.90 10.04 11.26
N PRO I 164 -1.65 10.71 10.12
CA PRO I 164 -1.62 12.18 10.00
C PRO I 164 -2.97 12.87 10.20
N TRP I 165 -2.91 14.17 10.47
CA TRP I 165 -4.11 14.97 10.73
C TRP I 165 -4.37 16.10 9.73
N LYS I 166 -5.48 16.79 9.93
CA LYS I 166 -5.89 17.89 9.08
C LYS I 166 -5.13 19.16 9.45
N GLY I 167 -4.25 19.61 8.57
CA GLY I 167 -3.49 20.81 8.84
C GLY I 167 -1.99 20.60 8.93
N LEU I 168 -1.57 19.36 9.15
CA LEU I 168 -0.15 19.04 9.28
C LEU I 168 0.67 19.69 8.16
N LYS I 169 0.53 19.20 6.93
CA LYS I 169 1.28 19.73 5.79
C LYS I 169 1.14 21.23 5.58
N TYR I 170 0.04 21.81 6.06
CA TYR I 170 -0.16 23.24 5.91
C TYR I 170 0.67 24.00 6.92
N ASN I 171 0.37 23.76 8.20
CA ASN I 171 1.09 24.41 9.29
C ASN I 171 2.60 24.25 9.14
N PHE I 172 3.03 23.19 8.45
CA PHE I 172 4.46 22.99 8.23
C PHE I 172 4.87 24.14 7.33
N LEU I 173 4.21 24.24 6.19
CA LEU I 173 4.49 25.28 5.22
C LEU I 173 4.51 26.66 5.90
N PHE I 174 3.46 26.96 6.65
CA PHE I 174 3.35 28.25 7.34
C PHE I 174 4.39 28.44 8.45
N LEU I 175 4.73 27.36 9.15
CA LEU I 175 5.72 27.43 10.21
C LEU I 175 7.12 27.51 9.63
N ASP I 176 7.34 26.82 8.51
CA ASP I 176 8.63 26.82 7.86
C ASP I 176 8.91 28.17 7.23
N SER I 177 7.90 28.74 6.59
CA SER I 177 8.03 30.04 5.94
C SER I 177 8.31 31.14 6.95
N LYS I 178 7.59 31.11 8.08
CA LYS I 178 7.78 32.12 9.12
C LYS I 178 9.06 31.88 9.91
N LEU I 179 9.73 30.77 9.66
CA LEU I 179 11.00 30.48 10.34
C LEU I 179 12.16 30.86 9.43
N GLN I 180 12.00 30.59 8.14
CA GLN I 180 13.03 30.90 7.16
C GLN I 180 13.20 32.42 7.04
N GLU I 181 12.22 33.16 7.57
CA GLU I 181 12.26 34.61 7.54
C GLU I 181 13.03 35.10 8.75
N ILE I 182 12.79 34.51 9.91
CA ILE I 182 13.50 34.89 11.12
C ILE I 182 14.90 34.31 11.10
N LEU I 183 15.05 33.17 10.43
CA LEU I 183 16.35 32.51 10.34
C LEU I 183 17.05 32.94 9.04
N GLU I 184 16.97 34.24 8.75
CA GLU I 184 17.59 34.79 7.55
C GLU I 184 19.08 35.11 7.79
ZN ZN K . -22.77 -22.69 -30.94
ZN ZN L . 6.54 -4.01 44.05
ZN ZN M . -25.84 23.66 -27.70
ZN ZN N . 41.89 3.10 14.68
#